data_1O49
# 
_entry.id   1O49 
# 
_audit_conform.dict_name       mmcif_pdbx.dic 
_audit_conform.dict_version    5.376 
_audit_conform.dict_location   http://mmcif.pdb.org/dictionaries/ascii/mmcif_pdbx.dic 
# 
loop_
_database_2.database_id 
_database_2.database_code 
_database_2.pdbx_database_accession 
_database_2.pdbx_DOI 
PDB   1O49         pdb_00001o49 10.2210/pdb1o49/pdb 
RCSB  RCSB001784   ?            ?                   
WWPDB D_1000001784 ?            ?                   
# 
_pdbx_database_status.status_code                     REL 
_pdbx_database_status.entry_id                        1O49 
_pdbx_database_status.recvd_initial_deposition_date   2003-06-15 
_pdbx_database_status.deposit_site                    RCSB 
_pdbx_database_status.process_site                    RCSB 
_pdbx_database_status.SG_entry                        . 
_pdbx_database_status.pdb_format_compatible           Y 
_pdbx_database_status.status_code_mr                  ? 
_pdbx_database_status.status_code_sf                  ? 
_pdbx_database_status.status_code_cs                  ? 
_pdbx_database_status.status_code_nmr_data            ? 
_pdbx_database_status.methods_development_category    ? 
# 
loop_
_audit_author.name 
_audit_author.pdbx_ordinal 
'Lange, G.'  1 
'Loenze, P.' 2 
'Liesum, A.' 3 
# 
_citation.id                        primary 
_citation.title                     
;Requirements for specific binding of low affinity inhibitor fragments to the SH2 domain of (pp60)Src are identical to those for high affinity binding of full length inhibitors.
;
_citation.journal_abbrev            J.Med.Chem. 
_citation.journal_volume            46 
_citation.page_first                5184 
_citation.page_last                 5195 
_citation.year                      2003 
_citation.journal_id_ASTM           JMCMAR 
_citation.country                   US 
_citation.journal_id_ISSN           0022-2623 
_citation.journal_id_CSD            0151 
_citation.book_publisher            ? 
_citation.pdbx_database_id_PubMed   14613321 
_citation.pdbx_database_id_DOI      10.1021/jm020970s 
# 
loop_
_citation_author.citation_id 
_citation_author.name 
_citation_author.ordinal 
_citation_author.identifier_ORCID 
primary 'Lange, G.'       1  ? 
primary 'Lesuisse, D.'    2  ? 
primary 'Deprez, P.'      3  ? 
primary 'Schoot, B.'      4  ? 
primary 'Loenze, P.'      5  ? 
primary 'Benard, D.'      6  ? 
primary 'Marquette, J.P.' 7  ? 
primary 'Broto, P.'       8  ? 
primary 'Sarubbi, E.'     9  ? 
primary 'Mandine, E.'     10 ? 
# 
_cell.entry_id           1O49 
_cell.length_a           26.527 
_cell.length_b           58.922 
_cell.length_c           64.244 
_cell.angle_alpha        90.00 
_cell.angle_beta         90.00 
_cell.angle_gamma        90.00 
_cell.Z_PDB              4 
_cell.pdbx_unique_axis   ? 
# 
_symmetry.entry_id                         1O49 
_symmetry.space_group_name_H-M             'P 21 21 21' 
_symmetry.pdbx_full_space_group_name_H-M   ? 
_symmetry.cell_setting                     ? 
_symmetry.Int_Tables_number                19 
# 
loop_
_entity.id 
_entity.type 
_entity.src_method 
_entity.pdbx_description 
_entity.formula_weight 
_entity.pdbx_number_of_molecules 
_entity.pdbx_ec 
_entity.pdbx_mutation 
_entity.pdbx_fragment 
_entity.details 
1 polymer     man 'PROTO-ONCOGENE TYROSINE-PROTEIN KINASE SRC'                                                                     
12374.964 1   2.7.1.112 ? 'SH2 DOMAIN' ? 
2 non-polymer syn '{4-[2-ACETYLAMINO-2-(1-BIPHENYL-4-YLMETHYL-2-OXO-AZEPAN-3-YLCARBAMOYL)-ETHYL]-2-PHOSPHONO-PHENOXY}-ACETIC ACID' 
637.617   1   ?         ? ?            ? 
3 water       nat water                                                                                                            
18.015    127 ?         ? ?            ? 
# 
_entity_name_com.entity_id   1 
_entity_name_com.name        'P60-SRC, C-SRC' 
# 
_entity_poly.entity_id                      1 
_entity_poly.type                           'polypeptide(L)' 
_entity_poly.nstd_linkage                   no 
_entity_poly.nstd_monomer                   no 
_entity_poly.pdbx_seq_one_letter_code       
;SIQAEEWYFGKITRRESERLLLNAENPRGTFLVRESETTKGAYCLSVSDFDNAKGLNVKHYKIRKLDSGGFYITSRTQFN
SLQQLVAYYSKHADGLCHRLTTVCPTSK
;
_entity_poly.pdbx_seq_one_letter_code_can   
;SIQAEEWYFGKITRRESERLLLNAENPRGTFLVRESETTKGAYCLSVSDFDNAKGLNVKHYKIRKLDSGGFYITSRTQFN
SLQQLVAYYSKHADGLCHRLTTVCPTSK
;
_entity_poly.pdbx_strand_id                 A 
_entity_poly.pdbx_target_identifier         ? 
# 
loop_
_entity_poly_seq.entity_id 
_entity_poly_seq.num 
_entity_poly_seq.mon_id 
_entity_poly_seq.hetero 
1 1   SER n 
1 2   ILE n 
1 3   GLN n 
1 4   ALA n 
1 5   GLU n 
1 6   GLU n 
1 7   TRP n 
1 8   TYR n 
1 9   PHE n 
1 10  GLY n 
1 11  LYS n 
1 12  ILE n 
1 13  THR n 
1 14  ARG n 
1 15  ARG n 
1 16  GLU n 
1 17  SER n 
1 18  GLU n 
1 19  ARG n 
1 20  LEU n 
1 21  LEU n 
1 22  LEU n 
1 23  ASN n 
1 24  ALA n 
1 25  GLU n 
1 26  ASN n 
1 27  PRO n 
1 28  ARG n 
1 29  GLY n 
1 30  THR n 
1 31  PHE n 
1 32  LEU n 
1 33  VAL n 
1 34  ARG n 
1 35  GLU n 
1 36  SER n 
1 37  GLU n 
1 38  THR n 
1 39  THR n 
1 40  LYS n 
1 41  GLY n 
1 42  ALA n 
1 43  TYR n 
1 44  CYS n 
1 45  LEU n 
1 46  SER n 
1 47  VAL n 
1 48  SER n 
1 49  ASP n 
1 50  PHE n 
1 51  ASP n 
1 52  ASN n 
1 53  ALA n 
1 54  LYS n 
1 55  GLY n 
1 56  LEU n 
1 57  ASN n 
1 58  VAL n 
1 59  LYS n 
1 60  HIS n 
1 61  TYR n 
1 62  LYS n 
1 63  ILE n 
1 64  ARG n 
1 65  LYS n 
1 66  LEU n 
1 67  ASP n 
1 68  SER n 
1 69  GLY n 
1 70  GLY n 
1 71  PHE n 
1 72  TYR n 
1 73  ILE n 
1 74  THR n 
1 75  SER n 
1 76  ARG n 
1 77  THR n 
1 78  GLN n 
1 79  PHE n 
1 80  ASN n 
1 81  SER n 
1 82  LEU n 
1 83  GLN n 
1 84  GLN n 
1 85  LEU n 
1 86  VAL n 
1 87  ALA n 
1 88  TYR n 
1 89  TYR n 
1 90  SER n 
1 91  LYS n 
1 92  HIS n 
1 93  ALA n 
1 94  ASP n 
1 95  GLY n 
1 96  LEU n 
1 97  CYS n 
1 98  HIS n 
1 99  ARG n 
1 100 LEU n 
1 101 THR n 
1 102 THR n 
1 103 VAL n 
1 104 CYS n 
1 105 PRO n 
1 106 THR n 
1 107 SER n 
1 108 LYS n 
# 
_entity_src_gen.entity_id                          1 
_entity_src_gen.pdbx_src_id                        1 
_entity_src_gen.pdbx_alt_source_flag               sample 
_entity_src_gen.pdbx_seq_type                      ? 
_entity_src_gen.pdbx_beg_seq_num                   ? 
_entity_src_gen.pdbx_end_seq_num                   ? 
_entity_src_gen.gene_src_common_name               human 
_entity_src_gen.gene_src_genus                     Homo 
_entity_src_gen.pdbx_gene_src_gene                 SRC 
_entity_src_gen.gene_src_species                   ? 
_entity_src_gen.gene_src_strain                    ? 
_entity_src_gen.gene_src_tissue                    ? 
_entity_src_gen.gene_src_tissue_fraction           ? 
_entity_src_gen.gene_src_details                   ? 
_entity_src_gen.pdbx_gene_src_fragment             ? 
_entity_src_gen.pdbx_gene_src_scientific_name      'Homo sapiens' 
_entity_src_gen.pdbx_gene_src_ncbi_taxonomy_id     9606 
_entity_src_gen.pdbx_gene_src_variant              ? 
_entity_src_gen.pdbx_gene_src_cell_line            ? 
_entity_src_gen.pdbx_gene_src_atcc                 ? 
_entity_src_gen.pdbx_gene_src_organ                ? 
_entity_src_gen.pdbx_gene_src_organelle            ? 
_entity_src_gen.pdbx_gene_src_cell                 ? 
_entity_src_gen.pdbx_gene_src_cellular_location    ? 
_entity_src_gen.host_org_common_name               ? 
_entity_src_gen.pdbx_host_org_scientific_name      'Escherichia coli' 
_entity_src_gen.pdbx_host_org_ncbi_taxonomy_id     562 
_entity_src_gen.host_org_genus                     Escherichia 
_entity_src_gen.pdbx_host_org_gene                 ? 
_entity_src_gen.pdbx_host_org_organ                ? 
_entity_src_gen.host_org_species                   ? 
_entity_src_gen.pdbx_host_org_tissue               ? 
_entity_src_gen.pdbx_host_org_tissue_fraction      ? 
_entity_src_gen.pdbx_host_org_strain               ? 
_entity_src_gen.pdbx_host_org_variant              ? 
_entity_src_gen.pdbx_host_org_cell_line            ? 
_entity_src_gen.pdbx_host_org_atcc                 ? 
_entity_src_gen.pdbx_host_org_culture_collection   ? 
_entity_src_gen.pdbx_host_org_cell                 ? 
_entity_src_gen.pdbx_host_org_organelle            ? 
_entity_src_gen.pdbx_host_org_cellular_location    ? 
_entity_src_gen.pdbx_host_org_vector_type          ? 
_entity_src_gen.pdbx_host_org_vector               ? 
_entity_src_gen.host_org_details                   ? 
_entity_src_gen.expression_system_id               ? 
_entity_src_gen.plasmid_name                       'BL21 (DE3)' 
_entity_src_gen.plasmid_details                    ? 
_entity_src_gen.pdbx_description                   ? 
# 
_struct_ref.id                         1 
_struct_ref.db_name                    UNP 
_struct_ref.db_code                    SRC_HUMAN 
_struct_ref.pdbx_db_accession          P12931 
_struct_ref.entity_id                  1 
_struct_ref.pdbx_seq_one_letter_code   
;SIQAEEWYFGKITRRESERLLLNAENPRGTFLVRESETTKGAYCLSVSDFDNAKGLNVKHYKIRKLDSGGFYITSRTQFN
SLQQLVAYYSKHADGLCHRLTTVCPTSK
;
_struct_ref.pdbx_align_begin           144 
_struct_ref.pdbx_db_isoform            ? 
# 
_struct_ref_seq.align_id                      1 
_struct_ref_seq.ref_id                        1 
_struct_ref_seq.pdbx_PDB_id_code              1O49 
_struct_ref_seq.pdbx_strand_id                A 
_struct_ref_seq.seq_align_beg                 1 
_struct_ref_seq.pdbx_seq_align_beg_ins_code   ? 
_struct_ref_seq.seq_align_end                 108 
_struct_ref_seq.pdbx_seq_align_end_ins_code   ? 
_struct_ref_seq.pdbx_db_accession             P12931 
_struct_ref_seq.db_align_beg                  144 
_struct_ref_seq.pdbx_db_align_beg_ins_code    ? 
_struct_ref_seq.db_align_end                  251 
_struct_ref_seq.pdbx_db_align_end_ins_code    ? 
_struct_ref_seq.pdbx_auth_seq_align_beg       1 
_struct_ref_seq.pdbx_auth_seq_align_end       108 
# 
loop_
_chem_comp.id 
_chem_comp.type 
_chem_comp.mon_nstd_flag 
_chem_comp.name 
_chem_comp.pdbx_synonyms 
_chem_comp.formula 
_chem_comp.formula_weight 
493 non-polymer         . 
'{4-[2-ACETYLAMINO-2-(1-BIPHENYL-4-YLMETHYL-2-OXO-AZEPAN-3-YLCARBAMOYL)-ETHYL]-2-PHOSPHONO-PHENOXY}-ACETIC ACID' RU85493 
'C32 H36 N3 O9 P' 637.617 
ALA 'L-peptide linking' y ALANINE ?       'C3 H7 N O2'      89.093  
ARG 'L-peptide linking' y ARGININE ?       'C6 H15 N4 O2 1'  175.209 
ASN 'L-peptide linking' y ASPARAGINE ?       'C4 H8 N2 O3'     132.118 
ASP 'L-peptide linking' y 'ASPARTIC ACID' ?       'C4 H7 N O4'      133.103 
CYS 'L-peptide linking' y CYSTEINE ?       'C3 H7 N O2 S'    121.158 
GLN 'L-peptide linking' y GLUTAMINE ?       'C5 H10 N2 O3'    146.144 
GLU 'L-peptide linking' y 'GLUTAMIC ACID' ?       'C5 H9 N O4'      147.129 
GLY 'peptide linking'   y GLYCINE ?       'C2 H5 N O2'      75.067  
HIS 'L-peptide linking' y HISTIDINE ?       'C6 H10 N3 O2 1'  156.162 
HOH non-polymer         . WATER ?       'H2 O'            18.015  
ILE 'L-peptide linking' y ISOLEUCINE ?       'C6 H13 N O2'     131.173 
LEU 'L-peptide linking' y LEUCINE ?       'C6 H13 N O2'     131.173 
LYS 'L-peptide linking' y LYSINE ?       'C6 H15 N2 O2 1'  147.195 
PHE 'L-peptide linking' y PHENYLALANINE ?       'C9 H11 N O2'     165.189 
PRO 'L-peptide linking' y PROLINE ?       'C5 H9 N O2'      115.130 
SER 'L-peptide linking' y SERINE ?       'C3 H7 N O3'      105.093 
THR 'L-peptide linking' y THREONINE ?       'C4 H9 N O3'      119.119 
TRP 'L-peptide linking' y TRYPTOPHAN ?       'C11 H12 N2 O2'   204.225 
TYR 'L-peptide linking' y TYROSINE ?       'C9 H11 N O3'     181.189 
VAL 'L-peptide linking' y VALINE ?       'C5 H11 N O2'     117.146 
# 
_exptl.entry_id          1O49 
_exptl.method            'X-RAY DIFFRACTION' 
_exptl.crystals_number   1 
# 
_exptl_crystal.id                    1 
_exptl_crystal.density_meas          ? 
_exptl_crystal.density_Matthews      2.2 
_exptl_crystal.density_percent_sol   41.9 
_exptl_crystal.description           ? 
# 
_exptl_crystal_grow.crystal_id      1 
_exptl_crystal_grow.method          ? 
_exptl_crystal_grow.temp            ? 
_exptl_crystal_grow.temp_details    ? 
_exptl_crystal_grow.pH              5.50 
_exptl_crystal_grow.pdbx_pH_range   ? 
_exptl_crystal_grow.pdbx_details    'pH 5.50' 
# 
_diffrn.id                     1 
_diffrn.ambient_temp           100.0 
_diffrn.ambient_temp_details   ? 
_diffrn.crystal_id             1 
# 
_diffrn_detector.diffrn_id              1 
_diffrn_detector.detector               'IMAGE PLATE' 
_diffrn_detector.type                   'MAR scanner 345 mm plate' 
_diffrn_detector.pdbx_collection_date   1999-09-01 
_diffrn_detector.details                ? 
# 
_diffrn_radiation.diffrn_id                        1 
_diffrn_radiation.wavelength_id                    1 
_diffrn_radiation.pdbx_monochromatic_or_laue_m_l   M 
_diffrn_radiation.monochromator                    GRAPHITE 
_diffrn_radiation.pdbx_diffrn_protocol             'SINGLE WAVELENGTH' 
_diffrn_radiation.pdbx_scattering_type             x-ray 
# 
_diffrn_radiation_wavelength.id           1 
_diffrn_radiation_wavelength.wavelength   1.5418 
_diffrn_radiation_wavelength.wt           1.0 
# 
_diffrn_source.diffrn_id                   1 
_diffrn_source.source                      'ROTATING ANODE' 
_diffrn_source.type                        'ELLIOTT GX-21' 
_diffrn_source.pdbx_synchrotron_site       ? 
_diffrn_source.pdbx_synchrotron_beamline   ? 
_diffrn_source.pdbx_wavelength             1.5418 
_diffrn_source.pdbx_wavelength_list        ? 
# 
_reflns.entry_id                     1O49 
_reflns.observed_criterion_sigma_I   -3.000 
_reflns.observed_criterion_sigma_F   ? 
_reflns.d_resolution_low             40.000 
_reflns.d_resolution_high            1.70 
_reflns.number_obs                   10671 
_reflns.number_all                   ? 
_reflns.percent_possible_obs         91.9 
_reflns.pdbx_Rmerge_I_obs            0.056 
_reflns.pdbx_Rsym_value              ? 
_reflns.pdbx_netI_over_sigmaI        16 
_reflns.B_iso_Wilson_estimate        ? 
_reflns.pdbx_redundancy              ? 
_reflns.pdbx_diffrn_id               1 
_reflns.pdbx_ordinal                 1 
# 
_reflns_shell.d_res_high             1.70 
_reflns_shell.d_res_low              1.80 
_reflns_shell.percent_possible_all   95.4 
_reflns_shell.Rmerge_I_obs           0.272 
_reflns_shell.pdbx_Rsym_value        ? 
_reflns_shell.meanI_over_sigI_obs    4.3 
_reflns_shell.pdbx_redundancy        ? 
_reflns_shell.pdbx_diffrn_id         ? 
_reflns_shell.pdbx_ordinal           1 
# 
_refine.entry_id                                 1O49 
_refine.ls_number_reflns_obs                     10671 
_refine.ls_number_reflns_all                     ? 
_refine.pdbx_ls_sigma_I                          ? 
_refine.pdbx_ls_sigma_F                          ? 
_refine.pdbx_data_cutoff_high_absF               1000000.000 
_refine.pdbx_data_cutoff_low_absF                0.1000 
_refine.pdbx_data_cutoff_high_rms_absF           ? 
_refine.ls_d_res_low                             8.00 
_refine.ls_d_res_high                            1.70 
_refine.ls_percent_reflns_obs                    91.9 
_refine.ls_R_factor_obs                          0.176 
_refine.ls_R_factor_all                          ? 
_refine.ls_R_factor_R_work                       0.176 
_refine.ls_R_factor_R_free                       ? 
_refine.ls_R_factor_R_free_error                 ? 
_refine.ls_R_factor_R_free_error_details         ? 
_refine.ls_percent_reflns_R_free                 ? 
_refine.ls_number_reflns_R_free                  ? 
_refine.ls_number_parameters                     ? 
_refine.ls_number_restraints                     ? 
_refine.occupancy_min                            ? 
_refine.occupancy_max                            ? 
_refine.correlation_coeff_Fo_to_Fc               ? 
_refine.correlation_coeff_Fo_to_Fc_free          ? 
_refine.B_iso_mean                               21.8 
_refine.aniso_B[1][1]                            ? 
_refine.aniso_B[2][2]                            ? 
_refine.aniso_B[3][3]                            ? 
_refine.aniso_B[1][2]                            ? 
_refine.aniso_B[1][3]                            ? 
_refine.aniso_B[2][3]                            ? 
_refine.solvent_model_details                    ? 
_refine.solvent_model_param_ksol                 ? 
_refine.solvent_model_param_bsol                 ? 
_refine.pdbx_solvent_vdw_probe_radii             ? 
_refine.pdbx_solvent_ion_probe_radii             ? 
_refine.pdbx_solvent_shrinkage_radii             ? 
_refine.pdbx_ls_cross_valid_method               ? 
_refine.details                                  ? 
_refine.pdbx_starting_model                      1SHD 
_refine.pdbx_method_to_determine_struct          MR 
_refine.pdbx_isotropic_thermal_model             ? 
_refine.pdbx_stereochemistry_target_values       ? 
_refine.pdbx_stereochem_target_val_spec_case     ? 
_refine.pdbx_R_Free_selection_details            ? 
_refine.pdbx_overall_ESU_R                       ? 
_refine.pdbx_overall_ESU_R_Free                  ? 
_refine.overall_SU_ML                            ? 
_refine.overall_SU_B                             ? 
_refine.pdbx_refine_id                           'X-RAY DIFFRACTION' 
_refine.pdbx_diffrn_id                           1 
_refine.pdbx_TLS_residual_ADP_flag               ? 
_refine.pdbx_overall_phase_error                 ? 
_refine.overall_SU_R_Cruickshank_DPI             ? 
_refine.pdbx_overall_SU_R_free_Cruickshank_DPI   ? 
_refine.pdbx_overall_SU_R_Blow_DPI               ? 
_refine.pdbx_overall_SU_R_free_Blow_DPI          ? 
# 
_refine_hist.pdbx_refine_id                   'X-RAY DIFFRACTION' 
_refine_hist.cycle_id                         LAST 
_refine_hist.pdbx_number_atoms_protein        856 
_refine_hist.pdbx_number_atoms_nucleic_acid   0 
_refine_hist.pdbx_number_atoms_ligand         45 
_refine_hist.number_atoms_solvent             127 
_refine_hist.number_atoms_total               1028 
_refine_hist.d_res_high                       1.70 
_refine_hist.d_res_low                        8.00 
# 
loop_
_refine_ls_restr.type 
_refine_ls_restr.dev_ideal 
_refine_ls_restr.dev_ideal_target 
_refine_ls_restr.weight 
_refine_ls_restr.number 
_refine_ls_restr.pdbx_refine_id 
_refine_ls_restr.pdbx_restraint_function 
x_bond_d                0.012 ? ? ? 'X-RAY DIFFRACTION' ? 
x_bond_d_na             ?     ? ? ? 'X-RAY DIFFRACTION' ? 
x_bond_d_prot           ?     ? ? ? 'X-RAY DIFFRACTION' ? 
x_angle_d               ?     ? ? ? 'X-RAY DIFFRACTION' ? 
x_angle_d_na            ?     ? ? ? 'X-RAY DIFFRACTION' ? 
x_angle_d_prot          ?     ? ? ? 'X-RAY DIFFRACTION' ? 
x_angle_deg             1.4   ? ? ? 'X-RAY DIFFRACTION' ? 
x_angle_deg_na          ?     ? ? ? 'X-RAY DIFFRACTION' ? 
x_angle_deg_prot        ?     ? ? ? 'X-RAY DIFFRACTION' ? 
x_dihedral_angle_d      ?     ? ? ? 'X-RAY DIFFRACTION' ? 
x_dihedral_angle_d_na   ?     ? ? ? 'X-RAY DIFFRACTION' ? 
x_dihedral_angle_d_prot ?     ? ? ? 'X-RAY DIFFRACTION' ? 
x_improper_angle_d      ?     ? ? ? 'X-RAY DIFFRACTION' ? 
x_improper_angle_d_na   ?     ? ? ? 'X-RAY DIFFRACTION' ? 
x_improper_angle_d_prot ?     ? ? ? 'X-RAY DIFFRACTION' ? 
x_mcbond_it             ?     ? ? ? 'X-RAY DIFFRACTION' ? 
x_mcangle_it            ?     ? ? ? 'X-RAY DIFFRACTION' ? 
x_scbond_it             ?     ? ? ? 'X-RAY DIFFRACTION' ? 
x_scangle_it            ?     ? ? ? 'X-RAY DIFFRACTION' ? 
# 
_struct.entry_id                  1O49 
_struct.title                     'CRYSTAL STRUCTURE OF SH2 IN COMPLEX WITH RU85493.' 
_struct.pdbx_model_details        ? 
_struct.pdbx_CASP_flag            ? 
_struct.pdbx_model_type_details   ? 
# 
_struct_keywords.entry_id        1O49 
_struct_keywords.pdbx_keywords   'SIGNALING PROTEIN' 
_struct_keywords.text            'SH2 DOMAIN FRAGMENT APPROACH, SIGNALING PROTEIN' 
# 
loop_
_struct_asym.id 
_struct_asym.pdbx_blank_PDB_chainid_flag 
_struct_asym.pdbx_modified 
_struct_asym.entity_id 
_struct_asym.details 
A N N 1 ? 
B N N 2 ? 
C N N 3 ? 
# 
_struct_biol.id   1 
# 
loop_
_struct_conf.conf_type_id 
_struct_conf.id 
_struct_conf.pdbx_PDB_helix_id 
_struct_conf.beg_label_comp_id 
_struct_conf.beg_label_asym_id 
_struct_conf.beg_label_seq_id 
_struct_conf.pdbx_beg_PDB_ins_code 
_struct_conf.end_label_comp_id 
_struct_conf.end_label_asym_id 
_struct_conf.end_label_seq_id 
_struct_conf.pdbx_end_PDB_ins_code 
_struct_conf.beg_auth_comp_id 
_struct_conf.beg_auth_asym_id 
_struct_conf.beg_auth_seq_id 
_struct_conf.end_auth_comp_id 
_struct_conf.end_auth_asym_id 
_struct_conf.end_auth_seq_id 
_struct_conf.pdbx_PDB_helix_class 
_struct_conf.details 
_struct_conf.pdbx_PDB_helix_length 
HELX_P HELX_P1 1 SER A 1  ? GLU A 5  ? SER A 1  GLU A 5  5 ? 5  
HELX_P HELX_P2 2 THR A 13 ? LEU A 22 ? THR A 13 LEU A 22 1 ? 10 
HELX_P HELX_P3 3 SER A 81 ? HIS A 92 ? SER A 81 HIS A 92 1 ? 12 
# 
_struct_conf_type.id          HELX_P 
_struct_conf_type.criteria    ? 
_struct_conf_type.reference   ? 
# 
_struct_sheet.id               A 
_struct_sheet.type             ? 
_struct_sheet.number_strands   4 
_struct_sheet.details          ? 
# 
loop_
_struct_sheet_order.sheet_id 
_struct_sheet_order.range_id_1 
_struct_sheet_order.range_id_2 
_struct_sheet_order.offset 
_struct_sheet_order.sense 
A 1 2 ? anti-parallel 
A 2 3 ? anti-parallel 
A 3 4 ? anti-parallel 
# 
loop_
_struct_sheet_range.sheet_id 
_struct_sheet_range.id 
_struct_sheet_range.beg_label_comp_id 
_struct_sheet_range.beg_label_asym_id 
_struct_sheet_range.beg_label_seq_id 
_struct_sheet_range.pdbx_beg_PDB_ins_code 
_struct_sheet_range.end_label_comp_id 
_struct_sheet_range.end_label_asym_id 
_struct_sheet_range.end_label_seq_id 
_struct_sheet_range.pdbx_end_PDB_ins_code 
_struct_sheet_range.beg_auth_comp_id 
_struct_sheet_range.beg_auth_asym_id 
_struct_sheet_range.beg_auth_seq_id 
_struct_sheet_range.end_auth_comp_id 
_struct_sheet_range.end_auth_asym_id 
_struct_sheet_range.end_auth_seq_id 
A 1 PHE A 31 ? GLU A 35 ? PHE A 31 GLU A 35 
A 2 TYR A 43 ? ASP A 51 ? TYR A 43 ASP A 51 
A 3 GLY A 55 ? LYS A 65 ? GLY A 55 LYS A 65 
A 4 PHE A 71 ? TYR A 72 ? PHE A 71 TYR A 72 
# 
loop_
_pdbx_struct_sheet_hbond.sheet_id 
_pdbx_struct_sheet_hbond.range_id_1 
_pdbx_struct_sheet_hbond.range_id_2 
_pdbx_struct_sheet_hbond.range_1_label_atom_id 
_pdbx_struct_sheet_hbond.range_1_label_comp_id 
_pdbx_struct_sheet_hbond.range_1_label_asym_id 
_pdbx_struct_sheet_hbond.range_1_label_seq_id 
_pdbx_struct_sheet_hbond.range_1_PDB_ins_code 
_pdbx_struct_sheet_hbond.range_1_auth_atom_id 
_pdbx_struct_sheet_hbond.range_1_auth_comp_id 
_pdbx_struct_sheet_hbond.range_1_auth_asym_id 
_pdbx_struct_sheet_hbond.range_1_auth_seq_id 
_pdbx_struct_sheet_hbond.range_2_label_atom_id 
_pdbx_struct_sheet_hbond.range_2_label_comp_id 
_pdbx_struct_sheet_hbond.range_2_label_asym_id 
_pdbx_struct_sheet_hbond.range_2_label_seq_id 
_pdbx_struct_sheet_hbond.range_2_PDB_ins_code 
_pdbx_struct_sheet_hbond.range_2_auth_atom_id 
_pdbx_struct_sheet_hbond.range_2_auth_comp_id 
_pdbx_struct_sheet_hbond.range_2_auth_asym_id 
_pdbx_struct_sheet_hbond.range_2_auth_seq_id 
A 1 2 N LEU A 32 ? N LEU A 32 O SER A 46 ? O SER A 46 
A 2 3 N VAL A 47 ? N VAL A 47 O LYS A 59 ? O LYS A 59 
A 3 4 N ARG A 64 ? N ARG A 64 O TYR A 72 ? O TYR A 72 
# 
_struct_site.id                   AC1 
_struct_site.pdbx_evidence_code   Software 
_struct_site.pdbx_auth_asym_id    A 
_struct_site.pdbx_auth_comp_id    493 
_struct_site.pdbx_auth_seq_id     300 
_struct_site.pdbx_auth_ins_code   ? 
_struct_site.pdbx_num_residues    21 
_struct_site.details              'BINDING SITE FOR RESIDUE 493 A 300' 
# 
loop_
_struct_site_gen.id 
_struct_site_gen.site_id 
_struct_site_gen.pdbx_num_res 
_struct_site_gen.label_comp_id 
_struct_site_gen.label_asym_id 
_struct_site_gen.label_seq_id 
_struct_site_gen.pdbx_auth_ins_code 
_struct_site_gen.auth_comp_id 
_struct_site_gen.auth_asym_id 
_struct_site_gen.auth_seq_id 
_struct_site_gen.label_atom_id 
_struct_site_gen.label_alt_id 
_struct_site_gen.symmetry 
_struct_site_gen.details 
1  AC1 21 ARG A 14  ? ARG A 14  . ? 1_555 ? 
2  AC1 21 ARG A 28  ? ARG A 28  . ? 4_556 ? 
3  AC1 21 ARG A 34  ? ARG A 34  . ? 1_555 ? 
4  AC1 21 SER A 36  ? SER A 36  . ? 1_555 ? 
5  AC1 21 GLU A 37  ? GLU A 37  . ? 1_555 ? 
6  AC1 21 THR A 38  ? THR A 38  . ? 1_555 ? 
7  AC1 21 CYS A 44  ? CYS A 44  . ? 1_555 ? 
8  AC1 21 HIS A 60  ? HIS A 60  . ? 1_555 ? 
9  AC1 21 TYR A 61  ? TYR A 61  . ? 1_555 ? 
10 AC1 21 LYS A 62  ? LYS A 62  . ? 1_555 ? 
11 AC1 21 ILE A 73  ? ILE A 73  . ? 1_555 ? 
12 AC1 21 ASP A 94  ? ASP A 94  . ? 1_555 ? 
13 AC1 21 GLY A 95  ? GLY A 95  . ? 1_555 ? 
14 AC1 21 THR A 102 ? THR A 102 . ? 1_655 ? 
15 AC1 21 VAL A 103 ? VAL A 103 . ? 1_655 ? 
16 AC1 21 PRO A 105 ? PRO A 105 . ? 1_655 ? 
17 AC1 21 THR A 106 ? THR A 106 . ? 1_655 ? 
18 AC1 21 HOH C .   ? HOH A 337 . ? 1_655 ? 
19 AC1 21 HOH C .   ? HOH A 371 . ? 1_555 ? 
20 AC1 21 HOH C .   ? HOH A 376 . ? 1_555 ? 
21 AC1 21 HOH C .   ? HOH A 387 . ? 1_555 ? 
# 
_atom_sites.entry_id                    1O49 
_atom_sites.fract_transf_matrix[1][1]   -0.03079403 
_atom_sites.fract_transf_matrix[1][2]   0.02169710 
_atom_sites.fract_transf_matrix[1][3]   -0.00142395 
_atom_sites.fract_transf_matrix[2][1]   0.00951344 
_atom_sites.fract_transf_matrix[2][2]   0.01370633 
_atom_sites.fract_transf_matrix[2][3]   0.00311123 
_atom_sites.fract_transf_matrix[3][1]   0.00211722 
_atom_sites.fract_transf_matrix[3][2]   0.00200138 
_atom_sites.fract_transf_matrix[3][3]   -0.01529092 
_atom_sites.fract_transf_vector[1]      0.395662 
_atom_sites.fract_transf_vector[2]      0.326237 
_atom_sites.fract_transf_vector[3]      0.313225 
# 
loop_
_atom_type.symbol 
C 
N 
O 
P 
S 
# 
loop_
_atom_site.group_PDB 
_atom_site.id 
_atom_site.type_symbol 
_atom_site.label_atom_id 
_atom_site.label_alt_id 
_atom_site.label_comp_id 
_atom_site.label_asym_id 
_atom_site.label_entity_id 
_atom_site.label_seq_id 
_atom_site.pdbx_PDB_ins_code 
_atom_site.Cartn_x 
_atom_site.Cartn_y 
_atom_site.Cartn_z 
_atom_site.occupancy 
_atom_site.B_iso_or_equiv 
_atom_site.pdbx_formal_charge 
_atom_site.auth_seq_id 
_atom_site.auth_comp_id 
_atom_site.auth_asym_id 
_atom_site.auth_atom_id 
_atom_site.pdbx_PDB_model_num 
ATOM   1    N N   . SER A 1 1   ? 1.299   -10.339 13.419  1.00 52.53 ? 1   SER A N   1 
ATOM   2    C CA  . SER A 1 1   ? 2.046   -9.050  13.698  1.00 51.86 ? 1   SER A CA  1 
ATOM   3    C C   . SER A 1 1   ? 2.556   -8.380  12.401  1.00 50.67 ? 1   SER A C   1 
ATOM   4    O O   . SER A 1 1   ? 3.444   -8.942  11.656  1.00 51.04 ? 1   SER A O   1 
ATOM   5    C CB  . SER A 1 1   ? 3.271   -9.287  14.727  1.00 52.29 ? 1   SER A CB  1 
ATOM   6    O OG  . SER A 1 1   ? 3.846   -8.053  15.168  1.00 52.98 ? 1   SER A OG  1 
ATOM   7    N N   . ILE A 1 2   ? 2.050   -7.170  12.142  1.00 48.47 ? 2   ILE A N   1 
ATOM   8    C CA  . ILE A 1 2   ? 2.428   -6.443  10.926  1.00 45.90 ? 2   ILE A CA  1 
ATOM   9    C C   . ILE A 1 2   ? 3.929   -6.129  10.911  1.00 43.62 ? 2   ILE A C   1 
ATOM   10   O O   . ILE A 1 2   ? 4.538   -6.179  9.908   1.00 43.86 ? 2   ILE A O   1 
ATOM   11   C CB  . ILE A 1 2   ? 1.503   -5.210  10.684  1.00 45.10 ? 2   ILE A CB  1 
ATOM   12   C CG1 . ILE A 1 2   ? 1.938   -4.091  11.467  1.00 45.14 ? 2   ILE A CG1 1 
ATOM   13   C CG2 . ILE A 1 2   ? 0.058   -5.576  11.071  1.00 44.72 ? 2   ILE A CG2 1 
ATOM   14   C CD1 . ILE A 1 2   ? 0.920   -3.009  11.538  1.00 46.20 ? 2   ILE A CD1 1 
ATOM   15   N N   . GLN A 1 3   ? 4.523   -5.857  12.060  1.00 41.88 ? 3   GLN A N   1 
ATOM   16   C CA  . GLN A 1 3   ? 5.972   -5.626  12.121  1.00 39.95 ? 3   GLN A CA  1 
ATOM   17   C C   . GLN A 1 3   ? 6.736   -6.798  11.440  1.00 37.10 ? 3   GLN A C   1 
ATOM   18   O O   . GLN A 1 3   ? 7.782   -6.610  10.918  1.00 37.12 ? 3   GLN A O   1 
ATOM   19   C CB  . GLN A 1 3   ? 6.496   -5.440  13.727  1.00 41.84 ? 3   GLN A CB  1 
ATOM   20   C CG  . GLN A 1 3   ? 6.475   -3.930  14.289  1.00 45.22 ? 3   GLN A CG  1 
ATOM   21   C CD  . GLN A 1 3   ? 5.060   -3.334  14.391  1.00 47.09 ? 3   GLN A CD  1 
ATOM   22   O OE1 . GLN A 1 3   ? 4.793   -2.222  13.932  1.00 47.75 ? 3   GLN A OE1 1 
ATOM   23   N NE2 . GLN A 1 3   ? 4.157   -4.071  15.033  1.00 48.89 ? 3   GLN A NE2 1 
ATOM   24   N N   . ALA A 1 4   ? 6.162   -7.999  11.444  1.00 34.00 ? 4   ALA A N   1 
ATOM   25   C CA  . ALA A 1 4   ? 6.809   -9.174  10.861  1.00 30.90 ? 4   ALA A CA  1 
ATOM   26   C C   . ALA A 1 4   ? 6.710   -9.248  9.352   1.00 28.48 ? 4   ALA A C   1 
ATOM   27   O O   . ALA A 1 4   ? 7.437   -9.992  8.721   1.00 28.28 ? 4   ALA A O   1 
ATOM   28   C CB  . ALA A 1 4   ? 6.195   -10.442 11.444  1.00 31.86 ? 4   ALA A CB  1 
ATOM   29   N N   . GLU A 1 5   ? 5.825   -8.465  8.766   1.00 24.26 ? 5   GLU A N   1 
ATOM   30   C CA  . GLU A 1 5   ? 5.640   -8.509  7.339   1.00 21.87 ? 5   GLU A CA  1 
ATOM   31   C C   . GLU A 1 5   ? 6.708   -7.832  6.548   1.00 19.32 ? 5   GLU A C   1 
ATOM   32   O O   . GLU A 1 5   ? 7.082   -6.710  6.815   1.00 17.81 ? 5   GLU A O   1 
ATOM   33   C CB  . GLU A 1 5   ? 4.294   -7.921  7.004   1.00 24.37 ? 5   GLU A CB  1 
ATOM   34   C CG  . GLU A 1 5   ? 3.095   -8.684  7.798   1.00 25.84 ? 5   GLU A CG  1 
ATOM   35   C CD  . GLU A 1 5   ? 2.993   -10.110 7.313   1.00 26.57 ? 5   GLU A CD  1 
ATOM   36   O OE1 . GLU A 1 5   ? 2.568   -10.967 8.115   1.00 27.74 ? 5   GLU A OE1 1 
ATOM   37   O OE2 . GLU A 1 5   ? 3.344   -10.365 6.134   1.00 24.66 ? 5   GLU A OE2 1 
ATOM   38   N N   . GLU A 1 6   ? 7.193   -8.543  5.544   1.00 16.95 ? 6   GLU A N   1 
ATOM   39   C CA  . GLU A 1 6   ? 8.246   -7.981  4.683   1.00 16.81 ? 6   GLU A CA  1 
ATOM   40   C C   . GLU A 1 6   ? 7.800   -6.699  3.889   1.00 15.01 ? 6   GLU A C   1 
ATOM   41   O O   . GLU A 1 6   ? 8.658   -5.907  3.519   1.00 15.17 ? 6   GLU A O   1 
ATOM   42   C CB  . GLU A 1 6   ? 8.858   -9.063  3.658   1.00 16.46 ? 6   GLU A CB  1 
ATOM   43   C CG  . GLU A 1 6   ? 8.000   -9.455  2.534   1.00 14.45 ? 6   GLU A CG  1 
ATOM   44   C CD  . GLU A 1 6   ? 7.011   -10.562 2.851   1.00 13.97 ? 6   GLU A CD  1 
ATOM   45   O OE1 . GLU A 1 6   ? 6.398   -10.981 1.874   1.00 16.42 ? 6   GLU A OE1 1 
ATOM   46   O OE2 . GLU A 1 6   ? 6.834   -11.025 4.004   1.00 12.61 ? 6   GLU A OE2 1 
ATOM   47   N N   . TRP A 1 7   ? 6.497   -6.572  3.595   1.00 13.10 ? 7   TRP A N   1 
ATOM   48   C CA  . TRP A 1 7   ? 5.939   -5.384  2.898   1.00 13.69 ? 7   TRP A CA  1 
ATOM   49   C C   . TRP A 1 7   ? 5.604   -4.254  3.882   1.00 13.56 ? 7   TRP A C   1 
ATOM   50   O O   . TRP A 1 7   ? 5.172   -3.147  3.472   1.00 13.92 ? 7   TRP A O   1 
ATOM   51   C CB  . TRP A 1 7   ? 4.768   -5.696  2.118   1.00 12.92 ? 7   TRP A CB  1 
ATOM   52   C CG  . TRP A 1 7   ? 3.825   -6.684  2.761   1.00 14.20 ? 7   TRP A CG  1 
ATOM   53   C CD1 . TRP A 1 7   ? 3.684   -8.010  2.431   1.00 14.33 ? 7   TRP A CD1 1 
ATOM   54   C CD2 . TRP A 1 7   ? 2.821   -6.420  3.772   1.00 13.65 ? 7   TRP A CD2 1 
ATOM   55   N NE1 . TRP A 1 7   ? 2.663   -8.575  3.155   1.00 13.39 ? 7   TRP A NE1 1 
ATOM   56   C CE2 . TRP A 1 7   ? 2.117   -7.625  3.974   1.00 14.94 ? 7   TRP A CE2 1 
ATOM   57   C CE3 . TRP A 1 7   ? 2.460   -5.276  4.527   1.00 15.03 ? 7   TRP A CE3 1 
ATOM   58   C CZ2 . TRP A 1 7   ? 1.072   -7.732  4.895   1.00 17.21 ? 7   TRP A CZ2 1 
ATOM   59   C CZ3 . TRP A 1 7   ? 1.445   -5.374  5.433   1.00 16.35 ? 7   TRP A CZ3 1 
ATOM   60   C CH2 . TRP A 1 7   ? 0.755   -6.599  5.614   1.00 16.87 ? 7   TRP A CH2 1 
ATOM   61   N N   . TYR A 1 8   ? 5.810   -4.492  5.166   1.00 13.41 ? 8   TYR A N   1 
ATOM   62   C CA  . TYR A 1 8   ? 5.528   -3.437  6.139   1.00 15.95 ? 8   TYR A CA  1 
ATOM   63   C C   . TYR A 1 8   ? 6.831   -2.663  6.355   1.00 16.10 ? 8   TYR A C   1 
ATOM   64   O O   . TYR A 1 8   ? 7.780   -3.195  6.948   1.00 16.53 ? 8   TYR A O   1 
ATOM   65   C CB  . TYR A 1 8   ? 5.047   -4.009  7.499   1.00 17.63 ? 8   TYR A CB  1 
ATOM   66   C CG  . TYR A 1 8   ? 4.667   -2.910  8.434   1.00 19.99 ? 8   TYR A CG  1 
ATOM   67   C CD1 . TYR A 1 8   ? 3.717   -1.986  8.039   1.00 21.31 ? 8   TYR A CD1 1 
ATOM   68   C CD2 . TYR A 1 8   ? 5.314   -2.721  9.660   1.00 20.92 ? 8   TYR A CD2 1 
ATOM   69   C CE1 . TYR A 1 8   ? 3.406   -0.884  8.815   1.00 22.69 ? 8   TYR A CE1 1 
ATOM   70   C CE2 . TYR A 1 8   ? 5.001   -1.623  10.460  1.00 21.84 ? 8   TYR A CE2 1 
ATOM   71   C CZ  . TYR A 1 8   ? 4.040   -0.707  10.024  1.00 23.03 ? 8   TYR A CZ  1 
ATOM   72   O OH  . TYR A 1 8   ? 3.621   0.394   10.769  1.00 24.17 ? 8   TYR A OH  1 
ATOM   73   N N   . PHE A 1 9   ? 6.878   -1.411  5.940   1.00 15.81 ? 9   PHE A N   1 
ATOM   74   C CA  . PHE A 1 9   ? 8.095   -0.605  6.066   1.00 15.52 ? 9   PHE A CA  1 
ATOM   75   C C   . PHE A 1 9   ? 8.046   0.318   7.264   1.00 17.63 ? 9   PHE A C   1 
ATOM   76   O O   . PHE A 1 9   ? 8.920   1.140   7.421   1.00 17.93 ? 9   PHE A O   1 
ATOM   77   C CB  . PHE A 1 9   ? 8.340   0.225   4.791   1.00 16.35 ? 9   PHE A CB  1 
ATOM   78   C CG  . PHE A 1 9   ? 8.923   -0.581  3.659   1.00 16.49 ? 9   PHE A CG  1 
ATOM   79   C CD1 . PHE A 1 9   ? 8.480   -1.871  3.400   1.00 16.65 ? 9   PHE A CD1 1 
ATOM   80   C CD2 . PHE A 1 9   ? 9.878   -0.030  2.827   1.00 18.43 ? 9   PHE A CD2 1 
ATOM   81   C CE1 . PHE A 1 9   ? 8.985   -2.611  2.287   1.00 15.93 ? 9   PHE A CE1 1 
ATOM   82   C CE2 . PHE A 1 9   ? 10.396  -0.755  1.715   1.00 18.67 ? 9   PHE A CE2 1 
ATOM   83   C CZ  . PHE A 1 9   ? 9.936   -2.034  1.458   1.00 18.48 ? 9   PHE A CZ  1 
ATOM   84   N N   . GLY A 1 10  ? 6.975   0.215   8.061   1.00 18.03 ? 10  GLY A N   1 
ATOM   85   C CA  . GLY A 1 10  ? 6.869   0.998   9.269   1.00 18.21 ? 10  GLY A CA  1 
ATOM   86   C C   . GLY A 1 10  ? 6.969   2.496   9.114   1.00 19.27 ? 10  GLY A C   1 
ATOM   87   O O   . GLY A 1 10  ? 6.322   3.129   8.264   1.00 17.99 ? 10  GLY A O   1 
ATOM   88   N N   . LYS A 1 11  ? 7.883   3.070   9.873   1.00 20.20 ? 11  LYS A N   1 
ATOM   89   C CA  . LYS A 1 11  ? 7.955   4.511   9.871   1.00 22.90 ? 11  LYS A CA  1 
ATOM   90   C C   . LYS A 1 11  ? 8.828   5.159   8.832   1.00 22.48 ? 11  LYS A C   1 
ATOM   91   O O   . LYS A 1 11  ? 9.959   5.524   9.167   1.00 24.40 ? 11  LYS A O   1 
ATOM   92   C CB  . LYS A 1 11  ? 8.350   5.000   11.297  1.00 24.99 ? 11  LYS A CB  1 
ATOM   93   C CG  . LYS A 1 11  ? 8.163   6.427   11.513  1.00 27.95 ? 11  LYS A CG  1 
ATOM   94   C CD  . LYS A 1 11  ? 8.853   6.725   12.927  1.00 29.79 ? 11  LYS A CD  1 
ATOM   95   C CE  . LYS A 1 11  ? 8.527   8.294   13.058  1.00 31.55 ? 11  LYS A CE  1 
ATOM   96   N NZ  . LYS A 1 11  ? 9.503   8.926   14.018  1.00 30.33 ? 11  LYS A NZ  1 
ATOM   97   N N   . ILE A 1 12  ? 8.410   5.166   7.557   1.00 20.96 ? 12  ILE A N   1 
ATOM   98   C CA  . ILE A 1 12  ? 9.197   5.896   6.521   1.00 18.44 ? 12  ILE A CA  1 
ATOM   99   C C   . ILE A 1 12  ? 8.302   6.981   5.986   1.00 17.53 ? 12  ILE A C   1 
ATOM   100  O O   . ILE A 1 12  ? 7.100   6.878   6.152   1.00 16.69 ? 12  ILE A O   1 
ATOM   101  C CB  . ILE A 1 12  ? 9.744   5.044   5.383   1.00 18.85 ? 12  ILE A CB  1 
ATOM   102  C CG1 . ILE A 1 12  ? 8.617   4.395   4.587   1.00 18.26 ? 12  ILE A CG1 1 
ATOM   103  C CG2 . ILE A 1 12  ? 10.785  4.075   5.944   1.00 20.75 ? 12  ILE A CG2 1 
ATOM   104  C CD1 . ILE A 1 12  ? 9.096   3.949   3.263   1.00 15.25 ? 12  ILE A CD1 1 
ATOM   105  N N   . THR A 1 13  ? 8.857   8.048   5.419   1.00 15.27 ? 13  THR A N   1 
ATOM   106  C CA  . THR A 1 13  ? 8.021   9.141   4.970   1.00 15.26 ? 13  THR A CA  1 
ATOM   107  C C   . THR A 1 13  ? 7.419   8.829   3.586   1.00 16.12 ? 13  THR A C   1 
ATOM   108  O O   . THR A 1 13  ? 7.855   7.876   2.863   1.00 14.85 ? 13  THR A O   1 
ATOM   109  C CB  . THR A 1 13  ? 8.839   10.447  4.755   1.00 15.12 ? 13  THR A CB  1 
ATOM   110  O OG1 . THR A 1 13  ? 9.890   10.161  3.816   1.00 14.81 ? 13  THR A OG1 1 
ATOM   111  C CG2 . THR A 1 13  ? 9.471   10.980  6.105   1.00 16.31 ? 13  THR A CG2 1 
ATOM   112  N N   . ARG A 1 14  ? 6.468   9.686   3.202   1.00 15.71 ? 14  ARG A N   1 
ATOM   113  C CA  . ARG A 1 14  ? 5.841   9.597   1.911   1.00 16.01 ? 14  ARG A CA  1 
ATOM   114  C C   . ARG A 1 14  ? 6.900   9.785   0.829   1.00 16.08 ? 14  ARG A C   1 
ATOM   115  O O   . ARG A 1 14  ? 6.922   9.039   -0.183  1.00 15.23 ? 14  ARG A O   1 
ATOM   116  C CB  . ARG A 1 14  ? 4.799   10.672  1.802   1.00 17.19 ? 14  ARG A CB  1 
ATOM   117  C CG  . ARG A 1 14  ? 4.347   10.930  0.392   1.00 21.50 ? 14  ARG A CG  1 
ATOM   118  C CD  . ARG A 1 14  ? 3.438   12.108  0.587   1.00 25.34 ? 14  ARG A CD  1 
ATOM   119  N NE  . ARG A 1 14  ? 2.548   12.164  -0.551  1.00 30.20 ? 14  ARG A NE  1 
ATOM   120  C CZ  . ARG A 1 14  ? 1.260   11.814  -0.520  1.00 31.88 ? 14  ARG A CZ  1 
ATOM   121  N NH1 . ARG A 1 14  ? 0.554   11.886  -1.639  1.00 32.20 ? 14  ARG A NH1 1 
ATOM   122  N NH2 . ARG A 1 14  ? 0.642   11.491  0.629   1.00 31.61 ? 14  ARG A NH2 1 
ATOM   123  N N   . ARG A 1 15  ? 7.789   10.773  1.001   1.00 16.05 ? 15  ARG A N   1 
ATOM   124  C CA  . ARG A 1 15  ? 8.829   11.042  0.000   1.00 16.11 ? 15  ARG A CA  1 
ATOM   125  C C   . ARG A 1 15  ? 9.735   9.813   -0.202  1.00 15.57 ? 15  ARG A C   1 
ATOM   126  O O   . ARG A 1 15  ? 10.028  9.453   -1.303  1.00 16.26 ? 15  ARG A O   1 
ATOM   127  C CB  . ARG A 1 15  ? 9.689   12.309  0.428   1.00 17.37 ? 15  ARG A CB  1 
ATOM   128  C CG  . ARG A 1 15  ? 10.870  12.595  -0.576  1.00 19.38 ? 15  ARG A CG  1 
ATOM   129  C CD  . ARG A 1 15  ? 11.621  13.862  -0.326  1.00 21.69 ? 15  ARG A CD  1 
ATOM   130  N NE  . ARG A 1 15  ? 12.725  14.109  -1.279  1.00 22.31 ? 15  ARG A NE  1 
ATOM   131  C CZ  . ARG A 1 15  ? 12.599  14.724  -2.476  1.00 23.64 ? 15  ARG A CZ  1 
ATOM   132  N NH1 . ARG A 1 15  ? 11.413  15.166  -2.911  1.00 22.66 ? 15  ARG A NH1 1 
ATOM   133  N NH2 . ARG A 1 15  ? 13.681  14.922  -3.231  1.00 24.20 ? 15  ARG A NH2 1 
ATOM   134  N N   . GLU A 1 16  ? 10.151  9.186   0.894   1.00 15.41 ? 16  GLU A N   1 
ATOM   135  C CA  . GLU A 1 16  ? 11.014  8.029   0.851   1.00 15.71 ? 16  GLU A CA  1 
ATOM   136  C C   . GLU A 1 16  ? 10.275  6.907   0.161   1.00 15.65 ? 16  GLU A C   1 
ATOM   137  O O   . GLU A 1 16  ? 10.898  6.182   -0.684  1.00 14.45 ? 16  GLU A O   1 
ATOM   138  C CB  . GLU A 1 16  ? 11.420  7.560   2.331   1.00 17.80 ? 16  GLU A CB  1 
ATOM   139  C CG  . GLU A 1 16  ? 12.246  6.292   2.401   1.00 19.92 ? 16  GLU A CG  1 
ATOM   140  C CD  . GLU A 1 16  ? 13.617  6.344   1.695   1.00 21.76 ? 16  GLU A CD  1 
ATOM   141  O OE1 . GLU A 1 16  ? 14.376  5.349   1.919   1.00 24.04 ? 16  GLU A OE1 1 
ATOM   142  O OE2 . GLU A 1 16  ? 13.952  7.337   0.971   1.00 21.23 ? 16  GLU A OE2 1 
ATOM   143  N N   . SER A 1 17  ? 8.984   6.712   0.508   1.00 13.90 ? 17  SER A N   1 
ATOM   144  C CA  . SER A 1 17  ? 8.239   5.657   -0.178  1.00 12.90 ? 17  SER A CA  1 
ATOM   145  C C   . SER A 1 17  ? 8.259   5.886   -1.670  1.00 13.44 ? 17  SER A C   1 
ATOM   146  O O   . SER A 1 17  ? 8.303   4.872   -2.481  1.00 13.37 ? 17  SER A O   1 
ATOM   147  C CB  . SER A 1 17  ? 6.833   5.548   0.344   1.00 12.96 ? 17  SER A CB  1 
ATOM   148  O OG  . SER A 1 17  ? 5.995   6.568   -0.173  1.00 14.24 ? 17  SER A OG  1 
ATOM   149  N N   . GLU A 1 18  ? 8.162   7.166   -2.094  1.00 13.25 ? 18  GLU A N   1 
ATOM   150  C CA  . GLU A 1 18  ? 8.206   7.531   -3.527  1.00 13.90 ? 18  GLU A CA  1 
ATOM   151  C C   . GLU A 1 18  ? 9.574   7.298   -4.133  1.00 14.51 ? 18  GLU A C   1 
ATOM   152  O O   . GLU A 1 18  ? 9.698   6.733   -5.208  1.00 15.05 ? 18  GLU A O   1 
ATOM   153  C CB  . GLU A 1 18  ? 7.730   9.004   -3.767  1.00 14.64 ? 18  GLU A CB  1 
ATOM   154  C CG  . GLU A 1 18  ? 6.252   9.136   -3.398  1.00 17.16 ? 18  GLU A CG  1 
ATOM   155  C CD  . GLU A 1 18  ? 5.728   10.557  -3.401  1.00 20.80 ? 18  GLU A CD  1 
ATOM   156  O OE1 . GLU A 1 18  ? 4.519   10.768  -3.520  1.00 19.76 ? 18  GLU A OE1 1 
ATOM   157  O OE2 . GLU A 1 18  ? 6.508   11.494  -3.230  1.00 23.46 ? 18  GLU A OE2 1 
ATOM   158  N N   . ARG A 1 19  ? 10.606  7.623   -3.383  1.00 14.44 ? 19  ARG A N   1 
ATOM   159  C CA  . ARG A 1 19  ? 11.937  7.414   -3.883  1.00 16.03 ? 19  ARG A CA  1 
ATOM   160  C C   . ARG A 1 19  ? 12.147  5.891   -4.177  1.00 15.95 ? 19  ARG A C   1 
ATOM   161  O O   . ARG A 1 19  ? 12.725  5.490   -5.219  1.00 17.80 ? 19  ARG A O   1 
ATOM   162  C CB  . ARG A 1 19  ? 12.965  7.880   -2.801  1.00 16.73 ? 19  ARG A CB  1 
ATOM   163  C CG  . ARG A 1 19  ? 14.524  7.989   -3.355  1.00 17.73 ? 19  ARG A CG  1 
ATOM   164  C CD  . ARG A 1 19  ? 15.521  8.181   -2.262  1.00 17.84 ? 19  ARG A CD  1 
ATOM   165  N NE  . ARG A 1 19  ? 15.467  7.113   -1.257  1.00 19.63 ? 19  ARG A NE  1 
ATOM   166  C CZ  . ARG A 1 19  ? 16.129  5.972   -1.330  1.00 20.64 ? 19  ARG A CZ  1 
ATOM   167  N NH1 . ARG A 1 19  ? 16.878  5.703   -2.390  1.00 23.88 ? 19  ARG A NH1 1 
ATOM   168  N NH2 . ARG A 1 19  ? 16.232  5.183   -0.274  1.00 21.32 ? 19  ARG A NH2 1 
ATOM   169  N N   . LEU A 1 20  ? 11.650  5.055   -3.282  1.00 14.63 ? 20  LEU A N   1 
ATOM   170  C CA  . LEU A 1 20  ? 11.819  3.616   -3.410  1.00 14.47 ? 20  LEU A CA  1 
ATOM   171  C C   . LEU A 1 20  ? 10.947  3.073   -4.511  1.00 14.04 ? 20  LEU A C   1 
ATOM   172  O O   . LEU A 1 20  ? 11.375  2.198   -5.310  1.00 14.00 ? 20  LEU A O   1 
ATOM   173  C CB  . LEU A 1 20  ? 11.469  2.922   -2.144  1.00 14.13 ? 20  LEU A CB  1 
ATOM   174  C CG  . LEU A 1 20  ? 12.323  3.177   -0.909  1.00 16.12 ? 20  LEU A CG  1 
ATOM   175  C CD1 . LEU A 1 20  ? 11.645  2.443   0.237   1.00 16.17 ? 20  LEU A CD1 1 
ATOM   176  C CD2 . LEU A 1 20  ? 13.775  2.714   -1.152  1.00 15.66 ? 20  LEU A CD2 1 
ATOM   177  N N   . LEU A 1 21  ? 9.746   3.603   -4.628  1.00 12.33 ? 21  LEU A N   1 
ATOM   178  C CA  . LEU A 1 21  ? 8.871   3.059   -5.668  1.00 13.39 ? 21  LEU A CA  1 
ATOM   179  C C   . LEU A 1 21  ? 9.132   3.558   -7.115  1.00 14.48 ? 21  LEU A C   1 
ATOM   180  O O   . LEU A 1 21  ? 8.721   2.903   -8.062  1.00 14.44 ? 21  LEU A O   1 
ATOM   181  C CB  . LEU A 1 21  ? 7.338   3.307   -5.239  1.00 11.56 ? 21  LEU A CB  1 
ATOM   182  C CG  . LEU A 1 21  ? 6.944   2.474   -3.990  1.00 10.49 ? 21  LEU A CG  1 
ATOM   183  C CD1 . LEU A 1 21  ? 5.772   3.142   -3.343  1.00 12.28 ? 21  LEU A CD1 1 
ATOM   184  C CD2 . LEU A 1 21  ? 6.632   0.991   -4.364  1.00 10.67 ? 21  LEU A CD2 1 
ATOM   185  N N   . LEU A 1 22  ? 9.789   4.716   -7.269  1.00 16.22 ? 22  LEU A N   1 
ATOM   186  C CA  . LEU A 1 22  ? 10.032  5.277   -8.585  1.00 17.45 ? 22  LEU A CA  1 
ATOM   187  C C   . LEU A 1 22  ? 11.281  4.750   -9.123  1.00 18.51 ? 22  LEU A C   1 
ATOM   188  O O   . LEU A 1 22  ? 12.076  5.481   -9.490  1.00 21.57 ? 22  LEU A O   1 
ATOM   189  C CB  . LEU A 1 22  ? 10.127  6.760   -8.533  1.00 17.74 ? 22  LEU A CB  1 
ATOM   190  C CG  . LEU A 1 22  ? 8.848   7.514   -8.188  1.00 18.16 ? 22  LEU A CG  1 
ATOM   191  C CD1 . LEU A 1 22  ? 9.215   9.009   -7.847  1.00 19.11 ? 22  LEU A CD1 1 
ATOM   192  C CD2 . LEU A 1 22  ? 7.793   7.347   -9.321  1.00 19.58 ? 22  LEU A CD2 1 
ATOM   193  N N   . ASN A 1 23  ? 11.483  3.455   -9.012  1.00 18.13 ? 23  ASN A N   1 
ATOM   194  C CA  . ASN A 1 23  ? 12.677  2.816   -9.558  1.00 17.78 ? 23  ASN A CA  1 
ATOM   195  C C   . ASN A 1 23  ? 12.185  2.171   -10.890 1.00 17.42 ? 23  ASN A C   1 
ATOM   196  O O   . ASN A 1 23  ? 11.134  1.479   -10.905 1.00 16.72 ? 23  ASN A O   1 
ATOM   197  C CB  . ASN A 1 23  ? 13.086  1.831   -8.577  1.00 18.64 ? 23  ASN A CB  1 
ATOM   198  C CG  . ASN A 1 23  ? 14.274  0.997   -9.020  1.00 22.17 ? 23  ASN A CG  1 
ATOM   199  O OD1 . ASN A 1 23  ? 14.470  0.661   -10.217 1.00 19.15 ? 23  ASN A OD1 1 
ATOM   200  N ND2 . ASN A 1 23  ? 15.054  0.590   -8.030  1.00 25.26 ? 23  ASN A ND2 1 
ATOM   201  N N   . ALA A 1 24  ? 12.855  2.471   -12.030 1.00 17.31 ? 24  ALA A N   1 
ATOM   202  C CA  . ALA A 1 24  ? 12.491  1.983   -13.343 1.00 16.97 ? 24  ALA A CA  1 
ATOM   203  C C   . ALA A 1 24  ? 12.320  0.475   -13.387 1.00 16.19 ? 24  ALA A C   1 
ATOM   204  O O   . ALA A 1 24  ? 11.683  -0.020  -14.299 1.00 16.89 ? 24  ALA A O   1 
ATOM   205  C CB  . ALA A 1 24  ? 13.547  2.405   -14.352 1.00 17.79 ? 24  ALA A CB  1 
ATOM   206  N N   . GLU A 1 25  ? 12.991  -0.240  -12.483 1.00 15.17 ? 25  GLU A N   1 
ATOM   207  C CA  . GLU A 1 25  ? 12.899  -1.687  -12.404 1.00 16.00 ? 25  GLU A CA  1 
ATOM   208  C C   . GLU A 1 25  ? 11.605  -2.206  -11.785 1.00 14.58 ? 25  GLU A C   1 
ATOM   209  O O   . GLU A 1 25  ? 11.272  -3.401  -11.956 1.00 14.13 ? 25  GLU A O   1 
ATOM   210  C CB  . GLU A 1 25  ? 14.014  -2.234  -11.691 1.00 17.83 ? 25  GLU A CB  1 
ATOM   211  C CG  . GLU A 1 25  ? 15.253  -2.224  -12.623 1.00 21.90 ? 25  GLU A CG  1 
ATOM   212  C CD  . GLU A 1 25  ? 16.486  -2.815  -11.954 1.00 24.79 ? 25  GLU A CD  1 
ATOM   213  O OE1 . GLU A 1 25  ? 17.599  -2.560  -12.472 1.00 25.74 ? 25  GLU A OE1 1 
ATOM   214  O OE2 . GLU A 1 25  ? 16.343  -3.503  -10.910 1.00 27.20 ? 25  GLU A OE2 1 
ATOM   215  N N   . ASN A 1 26  ? 10.812  -1.297  -11.220 1.00 11.97 ? 26  ASN A N   1 
ATOM   216  C CA  . ASN A 1 26  ? 9.578   -1.743  -10.546 1.00 11.69 ? 26  ASN A CA  1 
ATOM   217  C C   . ASN A 1 26  ? 8.411   -1.879  -11.503 1.00 11.04 ? 26  ASN A C   1 
ATOM   218  O O   . ASN A 1 26  ? 8.028   -0.914  -12.157 1.00 12.70 ? 26  ASN A O   1 
ATOM   219  C CB  . ASN A 1 26  ? 9.127   -0.782  -9.456  1.00 9.30  ? 26  ASN A CB  1 
ATOM   220  C CG  . ASN A 1 26  ? 10.061  -0.766  -8.247  1.00 10.68 ? 26  ASN A CG  1 
ATOM   221  O OD1 . ASN A 1 26  ? 10.744  -1.741  -7.978  1.00 10.14 ? 26  ASN A OD1 1 
ATOM   222  N ND2 . ASN A 1 26  ? 9.982   0.309   -7.436  1.00 11.29 ? 26  ASN A ND2 1 
ATOM   223  N N   . PRO A 1 27  ? 7.770   -3.052  -11.507 1.00 12.69 ? 27  PRO A N   1 
ATOM   224  C CA  . PRO A 1 27  ? 6.630   -3.180  -12.430 1.00 12.14 ? 27  PRO A CA  1 
ATOM   225  C C   . PRO A 1 27  ? 5.415   -2.541  -11.733 1.00 11.89 ? 27  PRO A C   1 
ATOM   226  O O   . PRO A 1 27  ? 5.501   -2.202  -10.452 1.00 10.97 ? 27  PRO A O   1 
ATOM   227  C CB  . PRO A 1 27  ? 6.508   -4.731  -12.586 1.00 13.45 ? 27  PRO A CB  1 
ATOM   228  C CG  . PRO A 1 27  ? 6.983   -5.247  -11.339 1.00 14.59 ? 27  PRO A CG  1 
ATOM   229  C CD  . PRO A 1 27  ? 8.146   -4.346  -10.907 1.00 12.43 ? 27  PRO A CD  1 
ATOM   230  N N   . ARG A 1 28  ? 4.290   -2.450  -12.442 1.00 10.86 ? 28  ARG A N   1 
ATOM   231  C CA  . ARG A 1 28  ? 3.060   -1.929  -11.852 1.00 11.37 ? 28  ARG A CA  1 
ATOM   232  C C   . ARG A 1 28  ? 2.637   -2.764  -10.611 1.00 9.95  ? 28  ARG A C   1 
ATOM   233  O O   . ARG A 1 28  ? 2.710   -3.999  -10.612 1.00 10.81 ? 28  ARG A O   1 
ATOM   234  C CB  . ARG A 1 28  ? 1.904   -1.943  -12.897 1.00 13.07 ? 28  ARG A CB  1 
ATOM   235  C CG  . ARG A 1 28  ? 2.091   -0.961  -14.119 1.00 18.16 ? 28  ARG A CG  1 
ATOM   236  C CD  . ARG A 1 28  ? 0.807   -0.924  -15.044 1.00 23.49 ? 28  ARG A CD  1 
ATOM   237  N NE  . ARG A 1 28  ? 0.695   -2.149  -15.837 1.00 31.05 ? 28  ARG A NE  1 
ATOM   238  C CZ  . ARG A 1 28  ? 0.715   -2.212  -17.184 1.00 34.39 ? 28  ARG A CZ  1 
ATOM   239  N NH1 . ARG A 1 28  ? 0.825   -1.098  -17.950 1.00 36.49 ? 28  ARG A NH1 1 
ATOM   240  N NH2 . ARG A 1 28  ? 0.730   -3.404  -17.784 1.00 35.36 ? 28  ARG A NH2 1 
ATOM   241  N N   . GLY A 1 29  ? 2.155   -2.116  -9.563  1.00 9.17  ? 29  GLY A N   1 
ATOM   242  C CA  . GLY A 1 29  ? 1.724   -2.904  -8.437  1.00 9.05  ? 29  GLY A CA  1 
ATOM   243  C C   . GLY A 1 29  ? 2.799   -3.161  -7.418  1.00 9.46  ? 29  GLY A C   1 
ATOM   244  O O   . GLY A 1 29  ? 2.553   -3.854  -6.483  1.00 11.15 ? 29  GLY A O   1 
ATOM   245  N N   . THR A 1 30  ? 4.033   -2.720  -7.652  1.00 8.84  ? 30  THR A N   1 
ATOM   246  C CA  . THR A 1 30  ? 5.035   -2.846  -6.611  1.00 9.35  ? 30  THR A CA  1 
ATOM   247  C C   . THR A 1 30  ? 4.469   -1.987  -5.404  1.00 9.29  ? 30  THR A C   1 
ATOM   248  O O   . THR A 1 30  ? 3.932   -0.890  -5.583  1.00 8.34  ? 30  THR A O   1 
ATOM   249  C CB  . THR A 1 30  ? 6.380   -2.275  -7.118  1.00 9.01  ? 30  THR A CB  1 
ATOM   250  O OG1 . THR A 1 30  ? 6.822   -3.021  -8.261  1.00 9.77  ? 30  THR A OG1 1 
ATOM   251  C CG2 . THR A 1 30  ? 7.393   -2.337  -6.026  1.00 9.08  ? 30  THR A CG2 1 
ATOM   252  N N   . PHE A 1 31  ? 4.559   -2.510  -4.190  1.00 9.05  ? 31  PHE A N   1 
ATOM   253  C CA  . PHE A 1 31  ? 3.972   -1.836  -3.061  1.00 8.11  ? 31  PHE A CA  1 
ATOM   254  C C   . PHE A 1 31  ? 4.716   -1.961  -1.718  1.00 8.01  ? 31  PHE A C   1 
ATOM   255  O O   . PHE A 1 31  ? 5.679   -2.773  -1.561  1.00 8.43  ? 31  PHE A O   1 
ATOM   256  C CB  . PHE A 1 31  ? 2.546   -2.400  -2.943  1.00 8.53  ? 31  PHE A CB  1 
ATOM   257  C CG  . PHE A 1 31  ? 2.503   -3.731  -2.287  1.00 10.53 ? 31  PHE A CG  1 
ATOM   258  C CD1 . PHE A 1 31  ? 2.274   -3.831  -0.888  1.00 10.44 ? 31  PHE A CD1 1 
ATOM   259  C CD2 . PHE A 1 31  ? 2.738   -4.932  -3.033  1.00 10.67 ? 31  PHE A CD2 1 
ATOM   260  C CE1 . PHE A 1 31  ? 2.279   -5.128  -0.208  1.00 8.80  ? 31  PHE A CE1 1 
ATOM   261  C CE2 . PHE A 1 31  ? 2.748   -6.228  -2.374  1.00 9.90  ? 31  PHE A CE2 1 
ATOM   262  C CZ  . PHE A 1 31  ? 2.513   -6.308  -0.949  1.00 7.90  ? 31  PHE A CZ  1 
ATOM   263  N N   . LEU A 1 32  ? 4.281   -1.148  -0.755  1.00 7.27  ? 32  LEU A N   1 
ATOM   264  C CA  . LEU A 1 32  ? 4.804   -1.161  0.619   1.00 8.14  ? 32  LEU A CA  1 
ATOM   265  C C   . LEU A 1 32  ? 3.698   -0.546  1.483   1.00 9.11  ? 32  LEU A C   1 
ATOM   266  O O   . LEU A 1 32  ? 2.827   0.132   0.947   1.00 8.90  ? 32  LEU A O   1 
ATOM   267  C CB  . LEU A 1 32  ? 6.032   -0.414  0.732   1.00 8.56  ? 32  LEU A CB  1 
ATOM   268  C CG  . LEU A 1 32  ? 6.094   1.102   0.404   1.00 10.48 ? 32  LEU A CG  1 
ATOM   269  C CD1 . LEU A 1 32  ? 5.735   1.973   1.679   1.00 10.57 ? 32  LEU A CD1 1 
ATOM   270  C CD2 . LEU A 1 32  ? 7.392   1.450   -0.172  1.00 12.33 ? 32  LEU A CD2 1 
ATOM   271  N N   . VAL A 1 33  ? 3.626   -0.945  2.754   1.00 9.17  ? 33  VAL A N   1 
ATOM   272  C CA  . VAL A 1 33  ? 2.631   -0.389  3.682   1.00 9.58  ? 33  VAL A CA  1 
ATOM   273  C C   . VAL A 1 33  ? 3.488   0.325   4.707   1.00 11.06 ? 33  VAL A C   1 
ATOM   274  O O   . VAL A 1 33  ? 4.597   -0.208  5.086   1.00 11.47 ? 33  VAL A O   1 
ATOM   275  C CB  . VAL A 1 33  ? 1.805   -1.484  4.377   1.00 9.11  ? 33  VAL A CB  1 
ATOM   276  C CG1 . VAL A 1 33  ? 0.964   -0.837  5.490   1.00 9.17  ? 33  VAL A CG1 1 
ATOM   277  C CG2 . VAL A 1 33  ? 0.923   -2.194  3.303   1.00 9.30  ? 33  VAL A CG2 1 
ATOM   278  N N   . ARG A 1 34  ? 3.092   1.543   5.055   1.00 11.09 ? 34  ARG A N   1 
ATOM   279  C CA  . ARG A 1 34  ? 3.859   2.356   6.018   1.00 11.25 ? 34  ARG A CA  1 
ATOM   280  C C   . ARG A 1 34  ? 2.932   3.052   6.964   1.00 11.85 ? 34  ARG A C   1 
ATOM   281  O O   . ARG A 1 34  ? 1.747   2.992   6.792   1.00 11.17 ? 34  ARG A O   1 
ATOM   282  C CB  . ARG A 1 34  ? 4.678   3.359   5.281   1.00 11.41 ? 34  ARG A CB  1 
ATOM   283  C CG  . ARG A 1 34  ? 3.832   4.370   4.360   1.00 11.55 ? 34  ARG A CG  1 
ATOM   284  C CD  . ARG A 1 34  ? 4.680   5.347   3.565   1.00 12.81 ? 34  ARG A CD  1 
ATOM   285  N NE  . ARG A 1 34  ? 3.890   6.148   2.640   1.00 12.43 ? 34  ARG A NE  1 
ATOM   286  C CZ  . ARG A 1 34  ? 3.249   7.252   2.980   1.00 12.88 ? 34  ARG A CZ  1 
ATOM   287  N NH1 . ARG A 1 34  ? 2.571   7.904   2.063   1.00 13.78 ? 34  ARG A NH1 1 
ATOM   288  N NH2 . ARG A 1 34  ? 3.271   7.671   4.229   1.00 13.92 ? 34  ARG A NH2 1 
ATOM   289  N N   . GLU A 1 35  ? 3.458   3.614   8.042   1.00 13.31 ? 35  GLU A N   1 
ATOM   290  C CA  . GLU A 1 35  ? 2.606   4.413   8.942   1.00 15.37 ? 35  GLU A CA  1 
ATOM   291  C C   . GLU A 1 35  ? 2.214   5.698   8.221   1.00 15.51 ? 35  GLU A C   1 
ATOM   292  O O   . GLU A 1 35  ? 3.008   6.203   7.393   1.00 16.11 ? 35  GLU A O   1 
ATOM   293  C CB  . GLU A 1 35  ? 3.353   4.896   10.130  1.00 17.55 ? 35  GLU A CB  1 
ATOM   294  C CG  . GLU A 1 35  ? 3.725   3.844   10.953  1.00 22.68 ? 35  GLU A CG  1 
ATOM   295  C CD  . GLU A 1 35  ? 4.074   4.320   12.317  1.00 27.80 ? 35  GLU A CD  1 
ATOM   296  O OE1 . GLU A 1 35  ? 3.965   3.461   13.237  1.00 29.48 ? 35  GLU A OE1 1 
ATOM   297  O OE2 . GLU A 1 35  ? 4.445   5.544   12.450  1.00 29.18 ? 35  GLU A OE2 1 
ATOM   298  N N   . SER A 1 36  ? 0.995   6.189   8.458   1.00 16.21 ? 36  SER A N   1 
ATOM   299  C CA  . SER A 1 36  ? 0.579   7.475   7.902   1.00 17.75 ? 36  SER A CA  1 
ATOM   300  C C   . SER A 1 36  ? 1.460   8.564   8.631   1.00 19.20 ? 36  SER A C   1 
ATOM   301  O O   . SER A 1 36  ? 1.740   8.447   9.814   1.00 18.96 ? 36  SER A O   1 
ATOM   302  C CB  . SER A 1 36  ? -0.887  7.733   8.276   1.00 17.74 ? 36  SER A CB  1 
ATOM   303  O OG  . SER A 1 36  ? -1.201  9.111   8.085   1.00 19.75 ? 36  SER A OG  1 
ATOM   304  N N   . GLU A 1 37  ? 1.898   9.585   7.897   1.00 21.27 ? 37  GLU A N   1 
ATOM   305  C CA  . GLU A 1 37  ? 2.676   10.686  8.454   1.00 22.81 ? 37  GLU A CA  1 
ATOM   306  C C   . GLU A 1 37  ? 1.799   11.526  9.385   1.00 25.25 ? 37  GLU A C   1 
ATOM   307  O O   . GLU A 1 37  ? 2.305   12.085  10.403  1.00 25.49 ? 37  GLU A O   1 
ATOM   308  C CB  . GLU A 1 37  ? 3.229   11.643  7.360   1.00 21.84 ? 37  GLU A CB  1 
ATOM   309  C CG  . GLU A 1 37  ? 4.425   11.068  6.541   1.00 19.70 ? 37  GLU A CG  1 
ATOM   310  C CD  . GLU A 1 37  ? 4.956   12.072  5.541   1.00 20.39 ? 37  GLU A CD  1 
ATOM   311  O OE1 . GLU A 1 37  ? 4.381   13.179  5.428   1.00 19.60 ? 37  GLU A OE1 1 
ATOM   312  O OE2 . GLU A 1 37  ? 5.971   11.770  4.847   1.00 20.08 ? 37  GLU A OE2 1 
ATOM   313  N N   . THR A 1 38  ? 0.507   11.635  9.090   1.00 26.68 ? 38  THR A N   1 
ATOM   314  C CA  . THR A 1 38  ? -0.247  12.492  9.956   1.00 28.68 ? 38  THR A CA  1 
ATOM   315  C C   . THR A 1 38  ? -1.538  11.986  10.639  1.00 29.84 ? 38  THR A C   1 
ATOM   316  O O   . THR A 1 38  ? -2.248  12.783  11.328  1.00 28.79 ? 38  THR A O   1 
ATOM   317  C CB  . THR A 1 38  ? -0.474  13.784  9.219   1.00 29.60 ? 38  THR A CB  1 
ATOM   318  O OG1 . THR A 1 38  ? -1.041  13.461  7.930   1.00 30.01 ? 38  THR A OG1 1 
ATOM   319  C CG2 . THR A 1 38  ? 0.897   14.590  9.079   1.00 29.42 ? 38  THR A CG2 1 
ATOM   320  N N   . THR A 1 39  ? -1.814  10.686  10.555  1.00 30.45 ? 39  THR A N   1 
ATOM   321  C CA  . THR A 1 39  ? -3.015  10.145  11.219  1.00 32.00 ? 39  THR A CA  1 
ATOM   322  C C   . THR A 1 39  ? -2.602  8.994   12.093  1.00 32.91 ? 39  THR A C   1 
ATOM   323  O O   . THR A 1 39  ? -2.286  7.940   11.586  1.00 32.91 ? 39  THR A O   1 
ATOM   324  C CB  . THR A 1 39  ? -4.055  9.601   10.231  1.00 32.32 ? 39  THR A CB  1 
ATOM   325  O OG1 . THR A 1 39  ? -4.408  10.633  9.287   1.00 32.88 ? 39  THR A OG1 1 
ATOM   326  C CG2 . THR A 1 39  ? -5.299  9.056   10.999  1.00 31.85 ? 39  THR A CG2 1 
ATOM   327  N N   . LYS A 1 40  ? -2.729  9.171   13.410  1.00 34.02 ? 40  LYS A N   1 
ATOM   328  C CA  . LYS A 1 40  ? -2.342  8.146   14.401  1.00 34.76 ? 40  LYS A CA  1 
ATOM   329  C C   . LYS A 1 40  ? -3.092  6.864   14.128  1.00 34.18 ? 40  LYS A C   1 
ATOM   330  O O   . LYS A 1 40  ? -4.279  6.916   13.781  1.00 35.77 ? 40  LYS A O   1 
ATOM   331  C CB  . LYS A 1 40  ? -2.623  8.665   16.011  1.00 35.65 ? 40  LYS A CB  1 
ATOM   332  C CG  . LYS A 1 40  ? -4.178  8.763   16.448  1.00 38.66 ? 40  LYS A CG  1 
ATOM   333  C CD  . LYS A 1 40  ? -5.659  9.544   16.051  1.00 40.39 ? 40  LYS A CD  1 
ATOM   334  C CE  . LYS A 1 40  ? -6.597  9.180   14.773  1.00 41.44 ? 40  LYS A CE  1 
ATOM   335  N NZ  . LYS A 1 40  ? -6.671  10.221  13.662  1.00 42.85 ? 40  LYS A NZ  1 
ATOM   336  N N   . GLY A 1 41  ? -2.375  5.736   14.121  1.00 33.60 ? 41  GLY A N   1 
ATOM   337  C CA  . GLY A 1 41  ? -3.030  4.435   13.951  1.00 32.03 ? 41  GLY A CA  1 
ATOM   338  C C   . GLY A 1 41  ? -3.601  4.044   12.600  1.00 30.83 ? 41  GLY A C   1 
ATOM   339  O O   . GLY A 1 41  ? -4.332  2.983   12.520  1.00 30.82 ? 41  GLY A O   1 
ATOM   340  N N   . ALA A 1 42  ? -3.375  4.904   11.585  1.00 28.22 ? 42  ALA A N   1 
ATOM   341  C CA  . ALA A 1 42  ? -3.778  4.627   10.207  1.00 24.41 ? 42  ALA A CA  1 
ATOM   342  C C   . ALA A 1 42  ? -2.464  4.332   9.448   1.00 22.99 ? 42  ALA A C   1 
ATOM   343  O O   . ALA A 1 42  ? -1.367  4.711   9.897   1.00 21.59 ? 42  ALA A O   1 
ATOM   344  C CB  . ALA A 1 42  ? -4.471  5.788   9.579   1.00 24.13 ? 42  ALA A CB  1 
ATOM   345  N N   . TYR A 1 43  ? -2.585  3.661   8.302   1.00 19.65 ? 43  TYR A N   1 
ATOM   346  C CA  . TYR A 1 43  ? -1.439  3.278   7.503   1.00 17.97 ? 43  TYR A CA  1 
ATOM   347  C C   . TYR A 1 43  ? -1.646  3.807   6.122   1.00 15.41 ? 43  TYR A C   1 
ATOM   348  O O   . TYR A 1 43  ? -2.719  4.269   5.803   1.00 15.77 ? 43  TYR A O   1 
ATOM   349  C CB  . TYR A 1 43  ? -1.361  1.718   7.395   1.00 19.20 ? 43  TYR A CB  1 
ATOM   350  C CG  . TYR A 1 43  ? -1.242  1.031   8.721   1.00 21.20 ? 43  TYR A CG  1 
ATOM   351  C CD1 . TYR A 1 43  ? -2.359  0.511   9.358   1.00 23.32 ? 43  TYR A CD1 1 
ATOM   352  C CD2 . TYR A 1 43  ? -0.020  0.903   9.318   1.00 22.68 ? 43  TYR A CD2 1 
ATOM   353  C CE1 . TYR A 1 43  ? -2.247  -0.127  10.575  1.00 25.84 ? 43  TYR A CE1 1 
ATOM   354  C CE2 . TYR A 1 43  ? 0.138   0.281   10.507  1.00 25.94 ? 43  TYR A CE2 1 
ATOM   355  C CZ  . TYR A 1 43  ? -0.979  -0.243  11.155  1.00 27.61 ? 43  TYR A CZ  1 
ATOM   356  O OH  . TYR A 1 43  ? -0.784  -0.860  12.404  1.00 30.61 ? 43  TYR A OH  1 
ATOM   357  N N   . CYS A 1 44  ? -0.613  3.705   5.291   1.00 13.73 ? 44  CYS A N   1 
ATOM   358  C CA  . CYS A 1 44  ? -0.709  4.080   3.913   1.00 12.54 ? 44  CYS A CA  1 
ATOM   359  C C   . CYS A 1 44  ? -0.136  2.929   3.149   1.00 11.53 ? 44  CYS A C   1 
ATOM   360  O O   . CYS A 1 44  ? 0.840   2.401   3.502   1.00 11.27 ? 44  CYS A O   1 
ATOM   361  C CB  . CYS A 1 44  ? 0.073   5.337   3.548   1.00 15.38 ? 44  CYS A CB  1 
ATOM   362  S SG  . CYS A 1 44  ? -0.457  6.830   4.442   1.00 20.49 ? 44  CYS A SG  1 
ATOM   363  N N   . LEU A 1 45  ? -0.821  2.594   2.080   1.00 10.41 ? 45  LEU A N   1 
ATOM   364  C CA  . LEU A 1 45  ? -0.456  1.543   1.128   1.00 10.85 ? 45  LEU A CA  1 
ATOM   365  C C   . LEU A 1 45  ? 0.065   2.366   -0.059  1.00 10.51 ? 45  LEU A C   1 
ATOM   366  O O   . LEU A 1 45  ? -0.714  3.045   -0.673  1.00 10.86 ? 45  LEU A O   1 
ATOM   367  C CB  . LEU A 1 45  ? -1.734  0.722   0.725   1.00 12.45 ? 45  LEU A CB  1 
ATOM   368  C CG  . LEU A 1 45  ? -1.602  -0.227  -0.516  1.00 10.54 ? 45  LEU A CG  1 
ATOM   369  C CD1 . LEU A 1 45  ? -0.488  -1.313  -0.203  1.00 10.34 ? 45  LEU A CD1 1 
ATOM   370  C CD2 . LEU A 1 45  ? -2.944  -0.892  -0.785  1.00 12.60 ? 45  LEU A CD2 1 
ATOM   371  N N   . SER A 1 46  ? 1.352   2.307   -0.328  1.00 7.46  ? 46  SER A N   1 
ATOM   372  C CA  . SER A 1 46  ? 1.964   3.087   -1.399  1.00 9.04  ? 46  SER A CA  1 
ATOM   373  C C   . SER A 1 46  ? 2.196   2.125   -2.581  1.00 9.25  ? 46  SER A C   1 
ATOM   374  O O   . SER A 1 46  ? 2.896   1.047   -2.420  1.00 9.41  ? 46  SER A O   1 
ATOM   375  C CB  . SER A 1 46  ? 3.247   3.734   -0.886  1.00 9.29  ? 46  SER A CB  1 
ATOM   376  O OG  . SER A 1 46  ? 2.869   4.684   0.116   1.00 8.88  ? 46  SER A OG  1 
ATOM   377  N N   . VAL A 1 47  ? 1.713   2.504   -3.764  1.00 8.43  ? 47  VAL A N   1 
ATOM   378  C CA  . VAL A 1 47  ? 1.744   1.573   -4.907  1.00 8.85  ? 47  VAL A CA  1 
ATOM   379  C C   . VAL A 1 47  ? 2.284   2.181   -6.142  1.00 9.40  ? 47  VAL A C   1 
ATOM   380  O O   . VAL A 1 47  ? 1.966   3.396   -6.404  1.00 9.00  ? 47  VAL A O   1 
ATOM   381  C CB  . VAL A 1 47  ? 0.304   1.054   -5.218  1.00 8.84  ? 47  VAL A CB  1 
ATOM   382  C CG1 . VAL A 1 47  ? 0.354   -0.075  -6.312  1.00 9.95  ? 47  VAL A CG1 1 
ATOM   383  C CG2 . VAL A 1 47  ? -0.373  0.568   -3.968  1.00 8.66  ? 47  VAL A CG2 1 
ATOM   384  N N   . SER A 1 48  ? 3.157   1.417   -6.857  1.00 9.24  ? 48  SER A N   1 
ATOM   385  C CA  . SER A 1 48  ? 3.721   1.977   -8.099  1.00 11.04 ? 48  SER A CA  1 
ATOM   386  C C   . SER A 1 48  ? 2.757   1.647   -9.232  1.00 11.27 ? 48  SER A C   1 
ATOM   387  O O   . SER A 1 48  ? 1.948   0.657   -9.165  1.00 10.99 ? 48  SER A O   1 
ATOM   388  C CB  . SER A 1 48  ? 5.164   1.476   -8.417  1.00 10.00 ? 48  SER A CB  1 
ATOM   389  O OG  . SER A 1 48  ? 5.126   0.157   -8.933  1.00 12.67 ? 48  SER A OG  1 
ATOM   390  N N   . ASP A 1 49  ? 2.743   2.551   -10.214 1.00 13.13 ? 49  ASP A N   1 
ATOM   391  C CA  . ASP A 1 49  ? 1.897   2.401   -11.382 1.00 13.19 ? 49  ASP A CA  1 
ATOM   392  C C   . ASP A 1 49  ? 2.703   2.895   -12.548 1.00 12.45 ? 49  ASP A C   1 
ATOM   393  O O   . ASP A 1 49  ? 3.734   3.516   -12.380 1.00 12.55 ? 49  ASP A O   1 
ATOM   394  C CB  . ASP A 1 49  ? 0.668   3.236   -11.246 1.00 13.95 ? 49  ASP A CB  1 
ATOM   395  C CG  . ASP A 1 49  ? -0.378  2.873   -12.292 1.00 17.59 ? 49  ASP A CG  1 
ATOM   396  O OD1 . ASP A 1 49  ? -0.344  1.762   -12.934 1.00 16.07 ? 49  ASP A OD1 1 
ATOM   397  O OD2 . ASP A 1 49  ? -1.304  3.675   -12.435 1.00 20.18 ? 49  ASP A OD2 1 
ATOM   398  N N   . PHE A 1 50  ? 2.185   2.622   -13.722 1.00 12.92 ? 50  PHE A N   1 
ATOM   399  C CA  . PHE A 1 50  ? 2.818   3.064   -14.960 1.00 14.52 ? 50  PHE A CA  1 
ATOM   400  C C   . PHE A 1 50  ? 1.794   3.124   -16.069 1.00 15.63 ? 50  PHE A C   1 
ATOM   401  O O   . PHE A 1 50  ? 0.918   2.187   -16.196 1.00 16.11 ? 50  PHE A O   1 
ATOM   402  C CB  . PHE A 1 50  ? 3.908   1.999   -15.394 1.00 13.43 ? 50  PHE A CB  1 
ATOM   403  C CG  . PHE A 1 50  ? 4.641   2.358   -16.641 1.00 14.13 ? 50  PHE A CG  1 
ATOM   404  C CD1 . PHE A 1 50  ? 4.121   2.007   -17.892 1.00 14.19 ? 50  PHE A CD1 1 
ATOM   405  C CD2 . PHE A 1 50  ? 5.827   3.101   -16.565 1.00 13.40 ? 50  PHE A CD2 1 
ATOM   406  C CE1 . PHE A 1 50  ? 4.789   2.408   -19.089 1.00 14.78 ? 50  PHE A CE1 1 
ATOM   407  C CE2 . PHE A 1 50  ? 6.510   3.514   -17.762 1.00 14.95 ? 50  PHE A CE2 1 
ATOM   408  C CZ  . PHE A 1 50  ? 5.972   3.157   -19.011 1.00 14.50 ? 50  PHE A CZ  1 
ATOM   409  N N   . ASP A 1 51  ? 1.834   4.209   -16.829 1.00 18.09 ? 51  ASP A N   1 
ATOM   410  C CA  . ASP A 1 51  ? 1.037   4.272   -18.079 1.00 21.30 ? 51  ASP A CA  1 
ATOM   411  C C   . ASP A 1 51  ? 1.796   5.200   -19.011 1.00 21.83 ? 51  ASP A C   1 
ATOM   412  O O   . ASP A 1 51  ? 2.805   5.821   -18.584 1.00 21.79 ? 51  ASP A O   1 
ATOM   413  C CB  . ASP A 1 51  ? -0.509  4.611   -17.909 1.00 23.51 ? 51  ASP A CB  1 
ATOM   414  C CG  . ASP A 1 51  ? -0.755  5.981   -17.298 1.00 26.98 ? 51  ASP A CG  1 
ATOM   415  O OD1 . ASP A 1 51  ? -1.657  6.127   -16.419 1.00 27.05 ? 51  ASP A OD1 1 
ATOM   416  O OD2 . ASP A 1 51  ? -0.069  6.908   -17.745 1.00 27.81 ? 51  ASP A OD2 1 
ATOM   417  N N   . ASN A 1 52  ? 1.453   5.222   -20.297 1.00 23.92 ? 52  ASN A N   1 
ATOM   418  C CA  . ASN A 1 52  ? 2.224   6.088   -21.196 1.00 25.79 ? 52  ASN A CA  1 
ATOM   419  C C   . ASN A 1 52  ? 1.915   7.560   -20.923 1.00 27.34 ? 52  ASN A C   1 
ATOM   420  O O   . ASN A 1 52  ? 2.749   8.404   -21.182 1.00 27.79 ? 52  ASN A O   1 
ATOM   421  C CB  . ASN A 1 52  ? 1.960   5.774   -22.630 1.00 27.67 ? 52  ASN A CB  1 
ATOM   422  C CG  . ASN A 1 52  ? 2.474   4.420   -23.027 1.00 26.60 ? 52  ASN A CG  1 
ATOM   423  O OD1 . ASN A 1 52  ? 3.378   3.866   -22.404 1.00 26.03 ? 52  ASN A OD1 1 
ATOM   424  N ND2 . ASN A 1 52  ? 1.925   3.901   -24.101 1.00 26.03 ? 52  ASN A ND2 1 
ATOM   425  N N   . ALA A 1 53  ? 0.706   7.842   -20.402 1.00 28.15 ? 53  ALA A N   1 
ATOM   426  C CA  . ALA A 1 53  ? 0.309   9.229   -20.028 1.00 28.59 ? 53  ALA A CA  1 
ATOM   427  C C   . ALA A 1 53  ? 1.258   9.772   -18.895 1.00 28.17 ? 53  ALA A C   1 
ATOM   428  O O   . ALA A 1 53  ? 1.970   10.682  -19.103 1.00 28.82 ? 53  ALA A O   1 
ATOM   429  C CB  . ALA A 1 53  ? -1.248  9.303   -19.592 1.00 27.00 ? 53  ALA A CB  1 
ATOM   430  N N   . LYS A 1 54  ? 1.268   9.156   -17.723 1.00 28.06 ? 54  LYS A N   1 
ATOM   431  C CA  . LYS A 1 54  ? 2.110   9.597   -16.568 1.00 28.66 ? 54  LYS A CA  1 
ATOM   432  C C   . LYS A 1 54  ? 3.480   8.935   -16.394 1.00 28.29 ? 54  LYS A C   1 
ATOM   433  O O   . LYS A 1 54  ? 4.274   9.387   -15.503 1.00 29.20 ? 54  LYS A O   1 
ATOM   434  C CB  . LYS A 1 54  ? 1.323   9.344   -15.167 1.00 27.99 ? 54  LYS A CB  1 
ATOM   435  C CG  . LYS A 1 54  ? -0.030  10.089  -15.072 1.00 27.47 ? 54  LYS A CG  1 
ATOM   436  C CD  . LYS A 1 54  ? -0.544  9.838   -13.678 1.00 28.15 ? 54  LYS A CD  1 
ATOM   437  C CE  . LYS A 1 54  ? -1.592  10.889  -13.470 1.00 27.30 ? 54  LYS A CE  1 
ATOM   438  N NZ  . LYS A 1 54  ? -2.109  10.922  -12.023 1.00 28.59 ? 54  LYS A NZ  1 
ATOM   439  N N   . GLY A 1 55  ? 3.800   7.926   -17.221 1.00 26.19 ? 55  GLY A N   1 
ATOM   440  C CA  . GLY A 1 55  ? 5.030   7.194   -17.005 1.00 22.58 ? 55  GLY A CA  1 
ATOM   441  C C   . GLY A 1 55  ? 4.902   6.474   -15.636 1.00 19.99 ? 55  GLY A C   1 
ATOM   442  O O   . GLY A 1 55  ? 3.783   6.191   -15.155 1.00 19.28 ? 55  GLY A O   1 
ATOM   443  N N   . LEU A 1 56  ? 6.047   6.258   -15.005 1.00 18.16 ? 56  LEU A N   1 
ATOM   444  C CA  . LEU A 1 56  ? 6.187   5.595   -13.716 1.00 17.88 ? 56  LEU A CA  1 
ATOM   445  C C   . LEU A 1 56  ? 5.693   6.580   -12.668 1.00 17.80 ? 56  LEU A C   1 
ATOM   446  O O   . LEU A 1 56  ? 6.180   7.730   -12.654 1.00 17.46 ? 56  LEU A O   1 
ATOM   447  C CB  . LEU A 1 56  ? 7.668   5.297   -13.508 1.00 19.32 ? 56  LEU A CB  1 
ATOM   448  C CG  . LEU A 1 56  ? 8.131   4.551   -12.170 1.00 20.47 ? 56  LEU A CG  1 
ATOM   449  C CD1 . LEU A 1 56  ? 7.419   3.180   -12.029 1.00 20.89 ? 56  LEU A CD1 1 
ATOM   450  C CD2 . LEU A 1 56  ? 9.683   4.413   -12.157 1.00 21.00 ? 56  LEU A CD2 1 
ATOM   451  N N   . ASN A 1 57  ? 4.738   6.204   -11.803 1.00 15.96 ? 57  ASN A N   1 
ATOM   452  C CA  . ASN A 1 57  ? 4.249   7.177   -10.809 1.00 14.89 ? 57  ASN A CA  1 
ATOM   453  C C   . ASN A 1 57  ? 3.769   6.415   -9.565  1.00 14.90 ? 57  ASN A C   1 
ATOM   454  O O   . ASN A 1 57  ? 3.669   5.138   -9.619  1.00 14.45 ? 57  ASN A O   1 
ATOM   455  C CB  . ASN A 1 57  ? 3.083   8.044   -11.409 1.00 15.13 ? 57  ASN A CB  1 
ATOM   456  C CG  . ASN A 1 57  ? 1.872   7.213   -11.778 1.00 15.94 ? 57  ASN A CG  1 
ATOM   457  O OD1 . ASN A 1 57  ? 0.870   7.222   -11.091 1.00 18.27 ? 57  ASN A OD1 1 
ATOM   458  N ND2 . ASN A 1 57  ? 1.989   6.440   -12.836 1.00 14.52 ? 57  ASN A ND2 1 
ATOM   459  N N   . VAL A 1 58  ? 3.432   7.131   -8.472  1.00 13.31 ? 58  VAL A N   1 
ATOM   460  C CA  . VAL A 1 58  ? 3.029   6.460   -7.194  1.00 12.13 ? 58  VAL A CA  1 
ATOM   461  C C   . VAL A 1 58  ? 1.654   6.949   -6.673  1.00 13.03 ? 58  VAL A C   1 
ATOM   462  O O   . VAL A 1 58  ? 1.340   8.157   -6.762  1.00 12.11 ? 58  VAL A O   1 
ATOM   463  C CB  . VAL A 1 58  ? 4.130   6.732   -6.143  1.00 11.50 ? 58  VAL A CB  1 
ATOM   464  C CG1 . VAL A 1 58  ? 3.792   6.034   -4.833  1.00 11.21 ? 58  VAL A CG1 1 
ATOM   465  C CG2 . VAL A 1 58  ? 5.452   6.244   -6.697  1.00 11.41 ? 58  VAL A CG2 1 
ATOM   466  N N   . LYS A 1 59  ? 0.854   6.030   -6.117  1.00 13.04 ? 59  LYS A N   1 
ATOM   467  C CA  . LYS A 1 59  ? -0.464  6.340   -5.563  1.00 12.75 ? 59  LYS A CA  1 
ATOM   468  C C   . LYS A 1 59  ? -0.410  5.916   -4.110  1.00 13.02 ? 59  LYS A C   1 
ATOM   469  O O   . LYS A 1 59  ? 0.283   4.974   -3.803  1.00 12.28 ? 59  LYS A O   1 
ATOM   470  C CB  . LYS A 1 59  ? -1.507  5.566   -6.244  1.00 15.21 ? 59  LYS A CB  1 
ATOM   471  C CG  . LYS A 1 59  ? -1.825  6.121   -7.677  1.00 20.01 ? 59  LYS A CG  1 
ATOM   472  C CD  . LYS A 1 59  ? -2.270  7.652   -7.469  1.00 24.36 ? 59  LYS A CD  1 
ATOM   473  C CE  . LYS A 1 59  ? -2.510  8.373   -8.905  1.00 27.90 ? 59  LYS A CE  1 
ATOM   474  N NZ  . LYS A 1 59  ? -2.956  9.847   -8.757  1.00 28.05 ? 59  LYS A NZ  1 
ATOM   475  N N   . HIS A 1 60  ? -1.005  6.720   -3.222  1.00 11.12 ? 60  HIS A N   1 
ATOM   476  C CA  . HIS A 1 60  ? -1.025  6.429   -1.798  1.00 11.51 ? 60  HIS A CA  1 
ATOM   477  C C   . HIS A 1 60  ? -2.497  6.299   -1.371  1.00 10.95 ? 60  HIS A C   1 
ATOM   478  O O   . HIS A 1 60  ? -3.274  7.199   -1.613  1.00 10.44 ? 60  HIS A O   1 
ATOM   479  C CB  . HIS A 1 60  ? -0.373  7.642   -1.003  1.00 10.79 ? 60  HIS A CB  1 
ATOM   480  C CG  . HIS A 1 60  ? 1.031   7.954   -1.420  1.00 10.51 ? 60  HIS A CG  1 
ATOM   481  N ND1 . HIS A 1 60  ? 2.109   7.183   -1.039  1.00 10.63 ? 60  HIS A ND1 1 
ATOM   482  C CD2 . HIS A 1 60  ? 1.522   8.925   -2.212  1.00 9.30  ? 60  HIS A CD2 1 
ATOM   483  C CE1 . HIS A 1 60  ? 3.210   7.660   -1.589  1.00 11.09 ? 60  HIS A CE1 1 
ATOM   484  N NE2 . HIS A 1 60  ? 2.875   8.721   -2.308  1.00 11.61 ? 60  HIS A NE2 1 
ATOM   485  N N   . TYR A 1 61  ? -2.847  5.169   -0.772  1.00 10.59 ? 61  TYR A N   1 
ATOM   486  C CA  . TYR A 1 61  ? -4.192  4.843   -0.313  1.00 11.62 ? 61  TYR A CA  1 
ATOM   487  C C   . TYR A 1 61  ? -4.182  4.776   1.240   1.00 12.72 ? 61  TYR A C   1 
ATOM   488  O O   . TYR A 1 61  ? -3.345  4.091   1.845   1.00 11.82 ? 61  TYR A O   1 
ATOM   489  C CB  . TYR A 1 61  ? -4.602  3.480   -0.854  1.00 11.18 ? 61  TYR A CB  1 
ATOM   490  C CG  . TYR A 1 61  ? -4.615  3.425   -2.357  1.00 12.51 ? 61  TYR A CG  1 
ATOM   491  C CD1 . TYR A 1 61  ? -3.539  2.895   -3.051  1.00 11.48 ? 61  TYR A CD1 1 
ATOM   492  C CD2 . TYR A 1 61  ? -5.661  3.989   -3.091  1.00 9.64  ? 61  TYR A CD2 1 
ATOM   493  C CE1 . TYR A 1 61  ? -3.479  2.924   -4.441  1.00 12.13 ? 61  TYR A CE1 1 
ATOM   494  C CE2 . TYR A 1 61  ? -5.611  4.040   -4.453  1.00 11.65 ? 61  TYR A CE2 1 
ATOM   495  C CZ  . TYR A 1 61  ? -4.531  3.514   -5.138  1.00 11.75 ? 61  TYR A CZ  1 
ATOM   496  O OH  . TYR A 1 61  ? -4.427  3.590   -6.496  1.00 10.84 ? 61  TYR A OH  1 
ATOM   497  N N   . LYS A 1 62  ? -5.091  5.462   1.902   1.00 12.71 ? 62  LYS A N   1 
ATOM   498  C CA  . LYS A 1 62  ? -5.085  5.428   3.352   1.00 14.50 ? 62  LYS A CA  1 
ATOM   499  C C   . LYS A 1 62  ? -5.776  4.144   3.803   1.00 14.15 ? 62  LYS A C   1 
ATOM   500  O O   . LYS A 1 62  ? -6.782  3.821   3.284   1.00 15.18 ? 62  LYS A O   1 
ATOM   501  C CB  . LYS A 1 62  ? -5.828  6.617   3.864   1.00 17.44 ? 62  LYS A CB  1 
ATOM   502  C CG  . LYS A 1 62  ? -5.919  6.617   5.373   1.00 25.27 ? 62  LYS A CG  1 
ATOM   503  C CD  . LYS A 1 62  ? -5.853  7.633   6.685   1.00 30.04 ? 62  LYS A CD  1 
ATOM   504  C CE  . LYS A 1 62  ? -4.275  7.987   6.918   1.00 32.95 ? 62  LYS A CE  1 
ATOM   505  N NZ  . LYS A 1 62  ? -3.778  9.144   6.083   1.00 34.48 ? 62  LYS A NZ  1 
ATOM   506  N N   . ILE A 1 63  ? -5.221  3.409   4.740   1.00 13.53 ? 63  ILE A N   1 
ATOM   507  C CA  . ILE A 1 63  ? -5.837  2.200   5.251   1.00 13.45 ? 63  ILE A CA  1 
ATOM   508  C C   . ILE A 1 63  ? -6.304  2.612   6.647   1.00 15.63 ? 63  ILE A C   1 
ATOM   509  O O   . ILE A 1 63  ? -5.492  3.155   7.500   1.00 14.98 ? 63  ILE A O   1 
ATOM   510  C CB  . ILE A 1 63  ? -4.789  1.067   5.414   1.00 13.15 ? 63  ILE A CB  1 
ATOM   511  C CG1 . ILE A 1 63  ? -4.272  0.612   4.011   1.00 12.74 ? 63  ILE A CG1 1 
ATOM   512  C CG2 . ILE A 1 63  ? -5.349  -0.109  6.210   1.00 12.31 ? 63  ILE A CG2 1 
ATOM   513  C CD1 . ILE A 1 63  ? -3.279  -0.577  4.124   1.00 11.71 ? 63  ILE A CD1 1 
ATOM   514  N N   . ARG A 1 64  ? -7.600  2.405   6.890   1.00 17.89 ? 64  ARG A N   1 
ATOM   515  C CA  . ARG A 1 64  ? -8.249  2.691   8.189   1.00 20.66 ? 64  ARG A CA  1 
ATOM   516  C C   . ARG A 1 64  ? -8.301  1.422   9.035   1.00 20.18 ? 64  ARG A C   1 
ATOM   517  O O   . ARG A 1 64  ? -8.403  0.344   8.552   1.00 17.37 ? 64  ARG A O   1 
ATOM   518  C CB  . ARG A 1 64  ? -9.704  3.276   7.979   1.00 23.91 ? 64  ARG A CB  1 
ATOM   519  C CG  . ARG A 1 64  ? -9.796  4.527   6.938   1.00 29.20 ? 64  ARG A CG  1 
ATOM   520  C CD  . ARG A 1 64  ? -8.526  5.423   6.664   1.00 36.15 ? 64  ARG A CD  1 
ATOM   521  N NE  . ARG A 1 64  ? -7.633  5.541   7.840   1.00 42.31 ? 64  ARG A NE  1 
ATOM   522  C CZ  . ARG A 1 64  ? -7.920  6.274   8.928   1.00 45.69 ? 64  ARG A CZ  1 
ATOM   523  N NH1 . ARG A 1 64  ? -9.054  6.988   8.940   1.00 47.52 ? 64  ARG A NH1 1 
ATOM   524  N NH2 . ARG A 1 64  ? -7.236  6.117   10.081  1.00 46.20 ? 64  ARG A NH2 1 
ATOM   525  N N   . LYS A 1 65  ? -8.181  1.602   10.324  1.00 23.18 ? 65  LYS A N   1 
ATOM   526  C CA  . LYS A 1 65  ? -8.225  0.487   11.249  1.00 27.28 ? 65  LYS A CA  1 
ATOM   527  C C   . LYS A 1 65  ? -9.289  0.848   12.269  1.00 30.33 ? 65  LYS A C   1 
ATOM   528  O O   . LYS A 1 65  ? -9.149  1.889   12.956  1.00 29.86 ? 65  LYS A O   1 
ATOM   529  C CB  . LYS A 1 65  ? -6.875  0.339   11.971  1.00 28.50 ? 65  LYS A CB  1 
ATOM   530  C CG  . LYS A 1 65  ? -6.942  -0.590  13.173  1.00 30.12 ? 65  LYS A CG  1 
ATOM   531  C CD  . LYS A 1 65  ? -7.663  -1.963  12.768  1.00 32.10 ? 65  LYS A CD  1 
ATOM   532  C CE  . LYS A 1 65  ? -7.947  -2.907  13.939  1.00 33.56 ? 65  LYS A CE  1 
ATOM   533  N NZ  . LYS A 1 65  ? -6.882  -2.917  14.974  1.00 35.52 ? 65  LYS A NZ  1 
ATOM   534  N N   . LEU A 1 66  ? -10.354 0.041   12.319  1.00 33.75 ? 66  LEU A N   1 
ATOM   535  C CA  . LEU A 1 66  ? -11.480 0.182   13.276  1.00 37.16 ? 66  LEU A CA  1 
ATOM   536  C C   . LEU A 1 66  ? -11.117 -0.305  14.678  1.00 39.01 ? 66  LEU A C   1 
ATOM   537  O O   . LEU A 1 66  ? -10.278 -1.256  14.830  1.00 38.54 ? 66  LEU A O   1 
ATOM   538  C CB  . LEU A 1 66  ? -12.714 -0.647  12.796  1.00 37.38 ? 66  LEU A CB  1 
ATOM   539  C CG  . LEU A 1 66  ? -13.305 0.018   11.650  1.00 37.72 ? 66  LEU A CG  1 
ATOM   540  C CD1 . LEU A 1 66  ? -14.476 -0.763  11.066  1.00 38.43 ? 66  LEU A CD1 1 
ATOM   541  C CD2 . LEU A 1 66  ? -13.713 1.368   12.111  1.00 38.28 ? 66  LEU A CD2 1 
ATOM   542  N N   . ASP A 1 67  ? -11.668 0.368   15.701  1.00 41.41 ? 67  ASP A N   1 
ATOM   543  C CA  . ASP A 1 67  ? -11.457 -0.048  17.108  1.00 43.75 ? 67  ASP A CA  1 
ATOM   544  C C   . ASP A 1 67  ? -12.174 -1.390  17.299  1.00 43.73 ? 67  ASP A C   1 
ATOM   545  O O   . ASP A 1 67  ? -11.745 -2.253  18.132  1.00 43.13 ? 67  ASP A O   1 
ATOM   546  C CB  . ASP A 1 67  ? -11.989 1.029   18.119  1.00 46.45 ? 67  ASP A CB  1 
ATOM   547  C CG  . ASP A 1 67  ? -10.850 1.672   18.910  1.00 48.52 ? 67  ASP A CG  1 
ATOM   548  O OD1 . ASP A 1 67  ? -10.544 1.182   20.044  1.00 49.38 ? 67  ASP A OD1 1 
ATOM   549  O OD2 . ASP A 1 67  ? -10.220 2.621   18.357  1.00 49.74 ? 67  ASP A OD2 1 
ATOM   550  N N   . SER A 1 68  ? -13.226 -1.539  16.470  1.00 43.83 ? 68  SER A N   1 
ATOM   551  C CA  . SER A 1 68  ? -14.077 -2.734  16.296  1.00 44.15 ? 68  SER A CA  1 
ATOM   552  C C   . SER A 1 68  ? -13.367 -3.840  15.491  1.00 43.48 ? 68  SER A C   1 
ATOM   553  O O   . SER A 1 68  ? -14.031 -4.822  15.038  1.00 44.55 ? 68  SER A O   1 
ATOM   554  C CB  . SER A 1 68  ? -15.270 -2.378  15.570  1.00 44.07 ? 68  SER A CB  1 
ATOM   555  O OG  . SER A 1 68  ? -15.870 -1.367  16.319  1.00 47.08 ? 68  SER A OG  1 
ATOM   556  N N   . GLY A 1 69  ? -12.101 -3.590  15.134  1.00 41.70 ? 69  GLY A N   1 
ATOM   557  C CA  . GLY A 1 69  ? -11.306 -4.596  14.472  1.00 37.77 ? 69  GLY A CA  1 
ATOM   558  C C   . GLY A 1 69  ? -11.082 -4.609  12.993  1.00 35.13 ? 69  GLY A C   1 
ATOM   559  O O   . GLY A 1 69  ? -10.057 -5.187  12.553  1.00 36.70 ? 69  GLY A O   1 
ATOM   560  N N   . GLY A 1 70  ? -11.910 -3.948  12.196  1.00 32.17 ? 70  GLY A N   1 
ATOM   561  C CA  . GLY A 1 70  ? -11.659 -4.100  10.771  1.00 27.10 ? 70  GLY A CA  1 
ATOM   562  C C   . GLY A 1 70  ? -10.672 -3.202  10.106  1.00 23.64 ? 70  GLY A C   1 
ATOM   563  O O   . GLY A 1 70  ? -10.601 -2.047  10.480  1.00 23.83 ? 70  GLY A O   1 
ATOM   564  N N   . PHE A 1 71  ? -9.914  -3.743  9.141   1.00 20.20 ? 71  PHE A N   1 
ATOM   565  C CA  . PHE A 1 71  ? -8.991  -2.932  8.293   1.00 16.99 ? 71  PHE A CA  1 
ATOM   566  C C   . PHE A 1 71  ? -9.659  -2.659  6.927   1.00 15.02 ? 71  PHE A C   1 
ATOM   567  O O   . PHE A 1 71  ? -10.244 -3.591  6.329   1.00 14.31 ? 71  PHE A O   1 
ATOM   568  C CB  . PHE A 1 71  ? -7.682  -3.660  7.986   1.00 16.20 ? 71  PHE A CB  1 
ATOM   569  C CG  . PHE A 1 71  ? -6.824  -3.860  9.194   1.00 17.15 ? 71  PHE A CG  1 
ATOM   570  C CD1 . PHE A 1 71  ? -7.098  -4.926  10.104  1.00 16.71 ? 71  PHE A CD1 1 
ATOM   571  C CD2 . PHE A 1 71  ? -5.785  -2.951  9.473   1.00 16.87 ? 71  PHE A CD2 1 
ATOM   572  C CE1 . PHE A 1 71  ? -6.344  -5.066  11.276  1.00 18.22 ? 71  PHE A CE1 1 
ATOM   573  C CE2 . PHE A 1 71  ? -5.042  -3.096  10.635  1.00 18.82 ? 71  PHE A CE2 1 
ATOM   574  C CZ  . PHE A 1 71  ? -5.322  -4.158  11.543  1.00 17.66 ? 71  PHE A CZ  1 
ATOM   575  N N   . TYR A 1 72  ? -9.562  -1.426  6.417   1.00 13.51 ? 72  TYR A N   1 
ATOM   576  C CA  . TYR A 1 72  ? -10.104 -1.187  5.101   1.00 11.67 ? 72  TYR A CA  1 
ATOM   577  C C   . TYR A 1 72  ? -9.561  0.083   4.451   1.00 11.37 ? 72  TYR A C   1 
ATOM   578  O O   . TYR A 1 72  ? -8.979  0.942   5.131   1.00 10.61 ? 72  TYR A O   1 
ATOM   579  C CB  . TYR A 1 72  ? -11.557 -1.126  5.183   1.00 12.90 ? 72  TYR A CB  1 
ATOM   580  C CG  . TYR A 1 72  ? -12.074 0.033   6.032   1.00 13.54 ? 72  TYR A CG  1 
ATOM   581  C CD1 . TYR A 1 72  ? -12.251 1.317   5.484   1.00 13.02 ? 72  TYR A CD1 1 
ATOM   582  C CD2 . TYR A 1 72  ? -12.353 -0.149  7.382   1.00 15.47 ? 72  TYR A CD2 1 
ATOM   583  C CE1 . TYR A 1 72  ? -12.678 2.394   6.250   1.00 15.32 ? 72  TYR A CE1 1 
ATOM   584  C CE2 . TYR A 1 72  ? -12.805 0.934   8.189   1.00 18.57 ? 72  TYR A CE2 1 
ATOM   585  C CZ  . TYR A 1 72  ? -12.949 2.208   7.593   1.00 17.70 ? 72  TYR A CZ  1 
ATOM   586  O OH  . TYR A 1 72  ? -13.283 3.282   8.403   1.00 20.82 ? 72  TYR A OH  1 
ATOM   587  N N   . ILE A 1 73  ? -9.692  0.110   3.118   1.00 10.92 ? 73  ILE A N   1 
ATOM   588  C CA  . ILE A 1 73  ? -9.449  1.283   2.303   1.00 11.26 ? 73  ILE A CA  1 
ATOM   589  C C   . ILE A 1 73  ? -10.838 1.878   2.099   1.00 10.99 ? 73  ILE A C   1 
ATOM   590  O O   . ILE A 1 73  ? -11.014 3.029   2.317   1.00 13.28 ? 73  ILE A O   1 
ATOM   591  C CB  . ILE A 1 73  ? -8.729  0.992   0.971   1.00 10.83 ? 73  ILE A CB  1 
ATOM   592  C CG1 . ILE A 1 73  ? -7.395  0.425   1.300   1.00 10.85 ? 73  ILE A CG1 1 
ATOM   593  C CG2 . ILE A 1 73  ? -8.617  2.310   0.118   1.00 8.95  ? 73  ILE A CG2 1 
ATOM   594  C CD1 . ILE A 1 73  ? -6.547  0.171   0.079   1.00 11.14 ? 73  ILE A CD1 1 
ATOM   595  N N   . THR A 1 74  ? -11.818 1.097   1.688   1.00 10.38 ? 74  THR A N   1 
ATOM   596  C CA  . THR A 1 74  ? -13.185 1.578   1.583   1.00 11.06 ? 74  THR A CA  1 
ATOM   597  C C   . THR A 1 74  ? -13.977 0.845   2.657   1.00 12.46 ? 74  THR A C   1 
ATOM   598  O O   . THR A 1 74  ? -13.794 -0.407  2.858   1.00 12.47 ? 74  THR A O   1 
ATOM   599  C CB  . THR A 1 74  ? -13.808 1.393   0.221   1.00 11.21 ? 74  THR A CB  1 
ATOM   600  O OG1 . THR A 1 74  ? -15.201 1.808   0.298   1.00 12.57 ? 74  THR A OG1 1 
ATOM   601  C CG2 . THR A 1 74  ? -13.629 -0.034  -0.312  1.00 11.69 ? 74  THR A CG2 1 
ATOM   602  N N   . SER A 1 75  ? -14.819 1.564   3.396   1.00 12.69 ? 75  SER A N   1 
ATOM   603  C CA  . SER A 1 75  ? -15.535 0.921   4.491   1.00 14.26 ? 75  SER A CA  1 
ATOM   604  C C   . SER A 1 75  ? -16.419 -0.184  4.016   1.00 13.70 ? 75  SER A C   1 
ATOM   605  O O   . SER A 1 75  ? -16.835 -0.990  4.847   1.00 13.82 ? 75  SER A O   1 
ATOM   606  C CB  . SER A 1 75  ? -16.424 1.987   5.315   1.00 15.19 ? 75  SER A CB  1 
ATOM   607  O OG  . SER A 1 75  ? -17.390 2.474   4.407   1.00 15.89 ? 75  SER A OG  1 
ATOM   608  N N   . ARG A 1 76  ? -16.790 -0.175  2.717   1.00 14.37 ? 76  ARG A N   1 
ATOM   609  C CA  . ARG A 1 76  ? -17.618 -1.238  2.170   1.00 16.09 ? 76  ARG A CA  1 
ATOM   610  C C   . ARG A 1 76  ? -16.885 -2.585  2.089   1.00 16.38 ? 76  ARG A C   1 
ATOM   611  O O   . ARG A 1 76  ? -17.535 -3.671  2.117   1.00 16.84 ? 76  ARG A O   1 
ATOM   612  C CB  . ARG A 1 76  ? -18.150 -0.859  0.804   1.00 18.44 ? 76  ARG A CB  1 
ATOM   613  C CG  . ARG A 1 76  ? -19.148 0.324   0.923   1.00 26.39 ? 76  ARG A CG  1 
ATOM   614  C CD  . ARG A 1 76  ? -19.976 0.688   -0.334  1.00 33.26 ? 76  ARG A CD  1 
ATOM   615  N NE  . ARG A 1 76  ? -20.257 2.152   -0.523  1.00 38.40 ? 76  ARG A NE  1 
ATOM   616  C CZ  . ARG A 1 76  ? -21.490 2.705   -0.491  1.00 39.70 ? 76  ARG A CZ  1 
ATOM   617  N NH1 . ARG A 1 76  ? -22.569 1.951   -0.245  1.00 40.77 ? 76  ARG A NH1 1 
ATOM   618  N NH2 . ARG A 1 76  ? -21.673 3.962   -0.896  1.00 40.37 ? 76  ARG A NH2 1 
ATOM   619  N N   . THR A 1 77  ? -15.544 -2.554  2.114   1.00 15.11 ? 77  THR A N   1 
ATOM   620  C CA  . THR A 1 77  ? -14.762 -3.799  1.969   1.00 13.93 ? 77  THR A CA  1 
ATOM   621  C C   . THR A 1 77  ? -13.737 -3.926  3.087   1.00 13.33 ? 77  THR A C   1 
ATOM   622  O O   . THR A 1 77  ? -12.680 -3.460  2.954   1.00 12.53 ? 77  THR A O   1 
ATOM   623  C CB  . THR A 1 77  ? -14.155 -3.777  0.544   1.00 13.53 ? 77  THR A CB  1 
ATOM   624  O OG1 . THR A 1 77  ? -15.239 -3.512  -0.397  1.00 15.61 ? 77  THR A OG1 1 
ATOM   625  C CG2 . THR A 1 77  ? -13.467 -5.087  0.185   1.00 13.11 ? 77  THR A CG2 1 
ATOM   626  N N   . GLN A 1 78  ? -14.091 -4.619  4.175   1.00 12.88 ? 78  GLN A N   1 
ATOM   627  C CA  . GLN A 1 78  ? -13.206 -4.712  5.327   1.00 13.77 ? 78  GLN A CA  1 
ATOM   628  C C   . GLN A 1 78  ? -12.606 -6.095  5.500   1.00 14.28 ? 78  GLN A C   1 
ATOM   629  O O   . GLN A 1 78  ? -13.172 -7.142  4.998   1.00 12.90 ? 78  GLN A O   1 
ATOM   630  C CB  . GLN A 1 78  ? -13.921 -4.351  6.499   1.00 14.97 ? 78  GLN A CB  1 
ATOM   631  C CG  . GLN A 1 78  ? -14.676 -2.991  6.302   1.00 16.41 ? 78  GLN A CG  1 
ATOM   632  C CD  . GLN A 1 78  ? -15.300 -2.455  7.604   1.00 19.46 ? 78  GLN A CD  1 
ATOM   633  O OE1 . GLN A 1 78  ? -16.115 -1.601  7.551   1.00 22.29 ? 78  GLN A OE1 1 
ATOM   634  N NE2 . GLN A 1 78  ? -14.863 -2.932  8.755   1.00 19.48 ? 78  GLN A NE2 1 
ATOM   635  N N   . PHE A 1 79  ? -11.511 -6.118  6.239   1.00 14.31 ? 79  PHE A N   1 
ATOM   636  C CA  . PHE A 1 79  ? -10.740 -7.323  6.546   1.00 15.04 ? 79  PHE A CA  1 
ATOM   637  C C   . PHE A 1 79  ? -10.377 -7.431  8.045   1.00 16.29 ? 79  PHE A C   1 
ATOM   638  O O   . PHE A 1 79  ? -10.203 -6.381  8.767   1.00 16.10 ? 79  PHE A O   1 
ATOM   639  C CB  . PHE A 1 79  ? -9.414  -7.359  5.678   1.00 13.78 ? 79  PHE A CB  1 
ATOM   640  C CG  . PHE A 1 79  ? -9.678  -7.217  4.266   1.00 12.34 ? 79  PHE A CG  1 
ATOM   641  C CD1 . PHE A 1 79  ? -9.769  -5.959  3.705   1.00 12.14 ? 79  PHE A CD1 1 
ATOM   642  C CD2 . PHE A 1 79  ? -10.007 -8.318  3.505   1.00 9.92  ? 79  PHE A CD2 1 
ATOM   643  C CE1 . PHE A 1 79  ? -10.218 -5.809  2.355   1.00 12.30 ? 79  PHE A CE1 1 
ATOM   644  C CE2 . PHE A 1 79  ? -10.425 -8.175  2.215   1.00 11.39 ? 79  PHE A CE2 1 
ATOM   645  C CZ  . PHE A 1 79  ? -10.545 -6.902  1.615   1.00 10.35 ? 79  PHE A CZ  1 
ATOM   646  N N   . ASN A 1 80  ? -10.187 -8.679  8.489   1.00 18.23 ? 80  ASN A N   1 
ATOM   647  C CA  . ASN A 1 80  ? -9.839  -8.989  9.876   1.00 19.25 ? 80  ASN A CA  1 
ATOM   648  C C   . ASN A 1 80  ? -8.370  -8.644  10.160  1.00 19.64 ? 80  ASN A C   1 
ATOM   649  O O   . ASN A 1 80  ? -7.973  -8.441  11.315  1.00 20.67 ? 80  ASN A O   1 
ATOM   650  C CB  . ASN A 1 80  ? -10.122 -10.542 10.175  1.00 20.41 ? 80  ASN A CB  1 
ATOM   651  C CG  . ASN A 1 80  ? -11.641 -10.902 10.100  1.00 22.56 ? 80  ASN A CG  1 
ATOM   652  O OD1 . ASN A 1 80  ? -12.524 -10.026 10.386  1.00 22.88 ? 80  ASN A OD1 1 
ATOM   653  N ND2 . ASN A 1 80  ? -11.962 -12.153 9.660   1.00 21.93 ? 80  ASN A ND2 1 
ATOM   654  N N   . SER A 1 81  ? -7.557  -8.530  9.114   1.00 18.78 ? 81  SER A N   1 
ATOM   655  C CA  . SER A 1 81  ? -6.146  -8.205  9.309   1.00 17.85 ? 81  SER A CA  1 
ATOM   656  C C   . SER A 1 81  ? -5.581  -7.433  8.103   1.00 17.18 ? 81  SER A C   1 
ATOM   657  O O   . SER A 1 81  ? -6.146  -7.478  6.988   1.00 16.85 ? 81  SER A O   1 
ATOM   658  C CB  . SER A 1 81  ? -5.338  -9.507  9.463   1.00 16.74 ? 81  SER A CB  1 
ATOM   659  O OG  . SER A 1 81  ? -5.487  -10.317 8.308   1.00 15.67 ? 81  SER A OG  1 
ATOM   660  N N   . LEU A 1 82  ? -4.466  -6.744  8.327   1.00 15.85 ? 82  LEU A N   1 
ATOM   661  C CA  . LEU A 1 82  ? -3.803  -6.032  7.267   1.00 15.01 ? 82  LEU A CA  1 
ATOM   662  C C   . LEU A 1 82  ? -3.287  -7.068  6.240   1.00 13.83 ? 82  LEU A C   1 
ATOM   663  O O   . LEU A 1 82  ? -3.204  -6.782  5.050   1.00 13.00 ? 82  LEU A O   1 
ATOM   664  C CB  . LEU A 1 82  ? -2.646  -5.209  7.890   1.00 18.58 ? 82  LEU A CB  1 
ATOM   665  C CG  . LEU A 1 82  ? -2.055  -4.003  7.215   1.00 21.31 ? 82  LEU A CG  1 
ATOM   666  C CD1 . LEU A 1 82  ? -3.133  -3.131  6.584   1.00 21.84 ? 82  LEU A CD1 1 
ATOM   667  C CD2 . LEU A 1 82  ? -1.245  -3.223  8.289   1.00 22.18 ? 82  LEU A CD2 1 
ATOM   668  N N   . GLN A 1 83  ? -2.970  -8.284  6.687   1.00 12.36 ? 83  GLN A N   1 
ATOM   669  C CA  . GLN A 1 83  ? -2.463  -9.314  5.799   1.00 13.17 ? 83  GLN A CA  1 
ATOM   670  C C   . GLN A 1 83  ? -3.550  -9.725  4.850   1.00 13.34 ? 83  GLN A C   1 
ATOM   671  O O   . GLN A 1 83  ? -3.303  -9.890  3.647   1.00 12.10 ? 83  GLN A O   1 
ATOM   672  C CB  . GLN A 1 83  ? -1.942  -10.555 6.581   1.00 15.68 ? 83  GLN A CB  1 
ATOM   673  C CG  . GLN A 1 83  ? -0.630  -10.193 7.409   1.00 21.30 ? 83  GLN A CG  1 
ATOM   674  C CD  . GLN A 1 83  ? -0.810  -9.599  8.875   1.00 22.94 ? 83  GLN A CD  1 
ATOM   675  O OE1 . GLN A 1 83  ? 0.142   -9.732  9.736   1.00 27.79 ? 83  GLN A OE1 1 
ATOM   676  N NE2 . GLN A 1 83  ? -1.938  -9.008  9.185   1.00 21.65 ? 83  GLN A NE2 1 
ATOM   677  N N   . GLN A 1 84  ? -4.774  -9.876  5.372   1.00 13.02 ? 84  GLN A N   1 
ATOM   678  C CA  . GLN A 1 84  ? -5.896  -10.280 4.504   1.00 14.16 ? 84  GLN A CA  1 
ATOM   679  C C   . GLN A 1 84  ? -6.254  -9.211  3.488   1.00 11.69 ? 84  GLN A C   1 
ATOM   680  O O   . GLN A 1 84  ? -6.605  -9.512  2.322   1.00 11.39 ? 84  GLN A O   1 
ATOM   681  C CB  . GLN A 1 84  ? -7.090  -10.697 5.308   1.00 15.96 ? 84  GLN A CB  1 
ATOM   682  C CG  . GLN A 1 84  ? -6.854  -12.175 5.931   1.00 17.89 ? 84  GLN A CG  1 
ATOM   683  C CD  . GLN A 1 84  ? -7.760  -12.436 7.127   1.00 19.68 ? 84  GLN A CD  1 
ATOM   684  O OE1 . GLN A 1 84  ? -7.826  -11.602 8.073   1.00 20.31 ? 84  GLN A OE1 1 
ATOM   685  N NE2 . GLN A 1 84  ? -8.501  -13.546 7.082   1.00 19.70 ? 84  GLN A NE2 1 
ATOM   686  N N   . LEU A 1 85  ? -6.092  -7.960  3.915   1.00 11.04 ? 85  LEU A N   1 
ATOM   687  C CA  . LEU A 1 85  ? -6.353  -6.806  3.031   1.00 10.71 ? 85  LEU A CA  1 
ATOM   688  C C   . LEU A 1 85  ? -5.305  -6.859  1.888   1.00 9.26  ? 85  LEU A C   1 
ATOM   689  O O   . LEU A 1 85  ? -5.661  -6.804  0.738   1.00 8.48  ? 85  LEU A O   1 
ATOM   690  C CB  . LEU A 1 85  ? -6.208  -5.428  3.847   1.00 10.00 ? 85  LEU A CB  1 
ATOM   691  C CG  . LEU A 1 85  ? -6.560  -4.124  2.968   1.00 10.25 ? 85  LEU A CG  1 
ATOM   692  C CD1 . LEU A 1 85  ? -7.035  -3.094  3.954   1.00 9.29  ? 85  LEU A CD1 1 
ATOM   693  C CD2 . LEU A 1 85  ? -5.328  -3.585  2.221   1.00 10.54 ? 85  LEU A CD2 1 
ATOM   694  N N   . VAL A 1 86  ? -4.040  -7.037  2.252   1.00 10.27 ? 86  VAL A N   1 
ATOM   695  C CA  . VAL A 1 86  ? -2.969  -7.114  1.259   1.00 12.05 ? 86  VAL A CA  1 
ATOM   696  C C   . VAL A 1 86  ? -3.214  -8.295  0.337   1.00 12.54 ? 86  VAL A C   1 
ATOM   697  O O   . VAL A 1 86  ? -3.136  -8.136  -0.942  1.00 12.22 ? 86  VAL A O   1 
ATOM   698  C CB  . VAL A 1 86  ? -1.614  -7.165  1.923   1.00 13.57 ? 86  VAL A CB  1 
ATOM   699  C CG1 . VAL A 1 86  ? -0.487  -7.617  0.875   1.00 14.16 ? 86  VAL A CG1 1 
ATOM   700  C CG2 . VAL A 1 86  ? -1.276  -5.767  2.516   1.00 14.40 ? 86  VAL A CG2 1 
ATOM   701  N N   . ALA A 1 87  ? -3.640  -9.447  0.901   1.00 12.02 ? 87  ALA A N   1 
ATOM   702  C CA  . ALA A 1 87  ? -3.913  -10.613 0.030   1.00 13.53 ? 87  ALA A CA  1 
ATOM   703  C C   . ALA A 1 87  ? -5.113  -10.395 -0.917  1.00 13.14 ? 87  ALA A C   1 
ATOM   704  O O   . ALA A 1 87  ? -5.081  -10.749 -2.161  1.00 13.48 ? 87  ALA A O   1 
ATOM   705  C CB  . ALA A 1 87  ? -4.099  -11.907 0.870   1.00 13.48 ? 87  ALA A CB  1 
ATOM   706  N N   . TYR A 1 88  ? -6.133  -9.679  -0.435  1.00 12.14 ? 88  TYR A N   1 
ATOM   707  C CA  . TYR A 1 88  ? -7.280  -9.462  -1.288  1.00 11.54 ? 88  TYR A CA  1 
ATOM   708  C C   . TYR A 1 88  ? -6.905  -8.545  -2.458  1.00 11.20 ? 88  TYR A C   1 
ATOM   709  O O   . TYR A 1 88  ? -7.277  -8.781  -3.630  1.00 11.57 ? 88  TYR A O   1 
ATOM   710  C CB  . TYR A 1 88  ? -8.384  -8.879  -0.449  1.00 10.58 ? 88  TYR A CB  1 
ATOM   711  C CG  . TYR A 1 88  ? -9.553  -8.411  -1.253  1.00 12.13 ? 88  TYR A CG  1 
ATOM   712  C CD1 . TYR A 1 88  ? -10.661 -9.243  -1.450  1.00 13.23 ? 88  TYR A CD1 1 
ATOM   713  C CD2 . TYR A 1 88  ? -9.555  -7.124  -1.829  1.00 12.43 ? 88  TYR A CD2 1 
ATOM   714  C CE1 . TYR A 1 88  ? -11.790 -8.818  -2.207  1.00 14.91 ? 88  TYR A CE1 1 
ATOM   715  C CE2 . TYR A 1 88  ? -10.656 -6.686  -2.610  1.00 15.32 ? 88  TYR A CE2 1 
ATOM   716  C CZ  . TYR A 1 88  ? -11.778 -7.534  -2.785  1.00 15.47 ? 88  TYR A CZ  1 
ATOM   717  O OH  . TYR A 1 88  ? -12.828 -7.047  -3.488  1.00 16.25 ? 88  TYR A OH  1 
ATOM   718  N N   . TYR A 1 89  ? -6.226  -7.443  -2.149  1.00 11.34 ? 89  TYR A N   1 
ATOM   719  C CA  . TYR A 1 89  ? -5.864  -6.464  -3.213  1.00 9.43  ? 89  TYR A CA  1 
ATOM   720  C C   . TYR A 1 89  ? -4.735  -6.955  -4.168  1.00 10.77 ? 89  TYR A C   1 
ATOM   721  O O   . TYR A 1 89  ? -4.326  -6.253  -5.011  1.00 10.51 ? 89  TYR A O   1 
ATOM   722  C CB  . TYR A 1 89  ? -5.576  -5.093  -2.607  1.00 8.54  ? 89  TYR A CB  1 
ATOM   723  C CG  . TYR A 1 89  ? -6.872  -4.403  -2.151  1.00 8.24  ? 89  TYR A CG  1 
ATOM   724  C CD1 . TYR A 1 89  ? -7.150  -4.186  -0.783  1.00 7.44  ? 89  TYR A CD1 1 
ATOM   725  C CD2 . TYR A 1 89  ? -7.835  -4.000  -3.095  1.00 8.32  ? 89  TYR A CD2 1 
ATOM   726  C CE1 . TYR A 1 89  ? -8.303  -3.590  -0.400  1.00 6.84  ? 89  TYR A CE1 1 
ATOM   727  C CE2 . TYR A 1 89  ? -9.042  -3.431  -2.672  1.00 8.26  ? 89  TYR A CE2 1 
ATOM   728  C CZ  . TYR A 1 89  ? -9.244  -3.234  -1.341  1.00 8.25  ? 89  TYR A CZ  1 
ATOM   729  O OH  . TYR A 1 89  ? -10.462 -2.726  -0.903  1.00 10.16 ? 89  TYR A OH  1 
ATOM   730  N N   . SER A 1 90  ? -4.178  -8.138  -3.888  1.00 12.05 ? 90  SER A N   1 
ATOM   731  C CA  . SER A 1 90  ? -3.168  -8.733  -4.767  1.00 13.56 ? 90  SER A CA  1 
ATOM   732  C C   . SER A 1 90  ? -3.933  -9.468  -5.849  1.00 15.97 ? 90  SER A C   1 
ATOM   733  O O   . SER A 1 90  ? -3.317  -9.815  -6.926  1.00 18.19 ? 90  SER A O   1 
ATOM   734  C CB  . SER A 1 90  ? -2.303  -9.695  -4.062  1.00 12.52 ? 90  SER A CB  1 
ATOM   735  O OG  . SER A 1 90  ? -1.523  -8.988  -3.105  1.00 14.82 ? 90  SER A OG  1 
ATOM   736  N N   . LYS A 1 91  ? -5.232  -9.719  -5.637  1.00 15.39 ? 91  LYS A N   1 
ATOM   737  C CA  . LYS A 1 91  ? -6.057  -10.422 -6.664  1.00 16.67 ? 91  LYS A CA  1 
ATOM   738  C C   . LYS A 1 91  ? -7.090  -9.494  -7.314  1.00 16.60 ? 91  LYS A C   1 
ATOM   739  O O   . LYS A 1 91  ? -7.478  -9.691  -8.465  1.00 19.10 ? 91  LYS A O   1 
ATOM   740  C CB  . LYS A 1 91  ? -6.814  -11.571 -6.053  1.00 17.28 ? 91  LYS A CB  1 
ATOM   741  C CG  . LYS A 1 91  ? -5.938  -12.479 -5.271  1.00 22.57 ? 91  LYS A CG  1 
ATOM   742  C CD  . LYS A 1 91  ? -5.213  -13.399 -6.318  1.00 26.01 ? 91  LYS A CD  1 
ATOM   743  C CE  . LYS A 1 91  ? -5.012  -14.706 -5.301  1.00 27.16 ? 91  LYS A CE  1 
ATOM   744  N NZ  . LYS A 1 91  ? -4.870  -16.025 -6.060  1.00 30.21 ? 91  LYS A NZ  1 
ATOM   745  N N   . HIS A 1 92  ? -7.515  -8.456  -6.602  1.00 15.14 ? 92  HIS A N   1 
ATOM   746  C CA  . HIS A 1 92  ? -8.499  -7.537  -7.158  1.00 14.85 ? 92  HIS A CA  1 
ATOM   747  C C   . HIS A 1 92  ? -7.913  -6.112  -7.224  1.00 12.96 ? 92  HIS A C   1 
ATOM   748  O O   . HIS A 1 92  ? -7.390  -5.606  -6.238  1.00 12.21 ? 92  HIS A O   1 
ATOM   749  C CB  . HIS A 1 92  ? -9.837  -7.488  -6.260  1.00 16.16 ? 92  HIS A CB  1 
ATOM   750  C CG  . HIS A 1 92  ? -10.258 -8.827  -5.742  1.00 18.96 ? 92  HIS A CG  1 
ATOM   751  N ND1 . HIS A 1 92  ? -11.421 -9.458  -6.148  1.00 20.76 ? 92  HIS A ND1 1 
ATOM   752  C CD2 . HIS A 1 92  ? -9.633  -9.688  -4.890  1.00 20.30 ? 92  HIS A CD2 1 
ATOM   753  C CE1 . HIS A 1 92  ? -11.493 -10.654 -5.570  1.00 18.10 ? 92  HIS A CE1 1 
ATOM   754  N NE2 . HIS A 1 92  ? -10.419 -10.816 -4.810  1.00 21.83 ? 92  HIS A NE2 1 
ATOM   755  N N   . ALA A 1 93  ? -8.046  -5.473  -8.389  1.00 13.36 ? 93  ALA A N   1 
ATOM   756  C CA  . ALA A 1 93  ? -7.561  -4.102  -8.517  1.00 12.91 ? 93  ALA A CA  1 
ATOM   757  C C   . ALA A 1 93  ? -8.661  -3.225  -7.828  1.00 13.65 ? 93  ALA A C   1 
ATOM   758  O O   . ALA A 1 93  ? -8.313  -2.360  -7.016  1.00 15.01 ? 93  ALA A O   1 
ATOM   759  C CB  . ALA A 1 93  ? -7.375  -3.698  -9.977  1.00 12.25 ? 93  ALA A CB  1 
ATOM   760  N N   . ASP A 1 94  ? -9.957  -3.543  -8.068  1.00 12.25 ? 94  ASP A N   1 
ATOM   761  C CA  . ASP A 1 94  ? -11.081 -2.771  -7.506  1.00 11.54 ? 94  ASP A CA  1 
ATOM   762  C C   . ASP A 1 94  ? -10.773 -1.297  -7.769  1.00 10.43 ? 94  ASP A C   1 
ATOM   763  O O   . ASP A 1 94  ? -10.613 -0.913  -8.955  1.00 11.29 ? 94  ASP A O   1 
ATOM   764  C CB  . ASP A 1 94  ? -11.283 -3.085  -6.024  1.00 10.19 ? 94  ASP A CB  1 
ATOM   765  C CG  . ASP A 1 94  ? -12.029 -4.357  -5.802  1.00 12.49 ? 94  ASP A CG  1 
ATOM   766  O OD1 . ASP A 1 94  ? -12.186 -5.137  -6.765  1.00 13.69 ? 94  ASP A OD1 1 
ATOM   767  O OD2 . ASP A 1 94  ? -12.435 -4.607  -4.661  1.00 14.73 ? 94  ASP A OD2 1 
ATOM   768  N N   . GLY A 1 95  ? -10.702 -0.468  -6.744  1.00 9.36  ? 95  GLY A N   1 
ATOM   769  C CA  . GLY A 1 95  ? -10.416 0.950   -6.984  1.00 12.04 ? 95  GLY A CA  1 
ATOM   770  C C   . GLY A 1 95  ? -8.961  1.396   -7.024  1.00 10.00 ? 95  GLY A C   1 
ATOM   771  O O   . GLY A 1 95  ? -8.659  2.564   -7.205  1.00 12.31 ? 95  GLY A O   1 
ATOM   772  N N   . LEU A 1 96  ? -8.057  0.459   -6.881  1.00 10.88 ? 96  LEU A N   1 
ATOM   773  C CA  . LEU A 1 96  ? -6.610  0.757   -6.878  1.00 11.50 ? 96  LEU A CA  1 
ATOM   774  C C   . LEU A 1 96  ? -6.048  1.004   -8.296  1.00 11.48 ? 96  LEU A C   1 
ATOM   775  O O   . LEU A 1 96  ? -6.575  0.516   -9.281  1.00 11.57 ? 96  LEU A O   1 
ATOM   776  C CB  . LEU A 1 96  ? -5.831  -0.425  -6.283  1.00 12.03 ? 96  LEU A CB  1 
ATOM   777  C CG  . LEU A 1 96  ? -6.131  -0.860  -4.766  1.00 12.61 ? 96  LEU A CG  1 
ATOM   778  C CD1 . LEU A 1 96  ? -5.107  -1.959  -4.307  1.00 14.31 ? 96  LEU A CD1 1 
ATOM   779  C CD2 . LEU A 1 96  ? -6.064  0.275   -3.874  1.00 14.86 ? 96  LEU A CD2 1 
ATOM   780  N N   . CYS A 1 97  ? -4.894  1.659   -8.381  1.00 11.75 ? 97  CYS A N   1 
ATOM   781  C CA  . CYS A 1 97  ? -4.297  1.885   -9.666  1.00 12.02 ? 97  CYS A CA  1 
ATOM   782  C C   . CYS A 1 97  ? -3.880  0.551   -10.332 1.00 12.40 ? 97  CYS A C   1 
ATOM   783  O O   . CYS A 1 97  ? -3.788  0.508   -11.587 1.00 13.23 ? 97  CYS A O   1 
ATOM   784  C CB  . CYS A 1 97  ? -3.100  2.842   -9.525  1.00 11.61 ? 97  CYS A CB  1 
ATOM   785  S SG  . CYS A 1 97  ? -1.817  2.235   -8.399  1.00 13.39 ? 97  CYS A SG  1 
ATOM   786  N N   . HIS A 1 98  ? -3.645  -0.525  -9.563  1.00 12.53 ? 98  HIS A N   1 
ATOM   787  C CA  . HIS A 1 98  ? -3.236  -1.834  -10.104 1.00 12.29 ? 98  HIS A CA  1 
ATOM   788  C C   . HIS A 1 98  ? -3.339  -2.801  -8.938  1.00 12.88 ? 98  HIS A C   1 
ATOM   789  O O   . HIS A 1 98  ? -3.304  -2.380  -7.788  1.00 13.31 ? 98  HIS A O   1 
ATOM   790  C CB  . HIS A 1 98  ? -1.734  -1.765  -10.587 1.00 11.14 ? 98  HIS A CB  1 
ATOM   791  C CG  . HIS A 1 98  ? -1.314  -2.935  -11.415 1.00 12.39 ? 98  HIS A CG  1 
ATOM   792  N ND1 . HIS A 1 98  ? -0.859  -4.120  -10.869 1.00 11.85 ? 98  HIS A ND1 1 
ATOM   793  C CD2 . HIS A 1 98  ? -1.370  -3.147  -12.752 1.00 13.55 ? 98  HIS A CD2 1 
ATOM   794  C CE1 . HIS A 1 98  ? -0.672  -5.013  -11.823 1.00 12.45 ? 98  HIS A CE1 1 
ATOM   795  N NE2 . HIS A 1 98  ? -0.981  -4.451  -12.976 1.00 13.39 ? 98  HIS A NE2 1 
ATOM   796  N N   . ARG A 1 99  ? -3.537  -4.086  -9.196  1.00 12.64 ? 99  ARG A N   1 
ATOM   797  C CA  . ARG A 1 99  ? -3.565  -5.070  -8.085  1.00 13.16 ? 99  ARG A CA  1 
ATOM   798  C C   . ARG A 1 99  ? -2.152  -5.081  -7.512  1.00 11.97 ? 99  ARG A C   1 
ATOM   799  O O   . ARG A 1 99  ? -1.159  -4.756  -8.240  1.00 10.99 ? 99  ARG A O   1 
ATOM   800  C CB  . ARG A 1 99  ? -3.857  -6.537  -8.668  1.00 15.43 ? 99  ARG A CB  1 
ATOM   801  C CG  . ARG A 1 99  ? -2.634  -7.166  -9.201  1.00 17.14 ? 99  ARG A CG  1 
ATOM   802  C CD  . ARG A 1 99  ? -3.038  -8.687  -9.616  1.00 22.02 ? 99  ARG A CD  1 
ATOM   803  N NE  . ARG A 1 99  ? -1.922  -9.424  -10.258 1.00 22.84 ? 99  ARG A NE  1 
ATOM   804  C CZ  . ARG A 1 99  ? -0.969  -10.158 -9.644  1.00 22.70 ? 99  ARG A CZ  1 
ATOM   805  N NH1 . ARG A 1 99  ? -0.931  -10.341 -8.320  1.00 21.41 ? 99  ARG A NH1 1 
ATOM   806  N NH2 . ARG A 1 99  ? 0.064   -10.547 -10.379 1.00 22.45 ? 99  ARG A NH2 1 
ATOM   807  N N   . LEU A 1 100 ? -2.017  -5.406  -6.238  1.00 12.52 ? 100 LEU A N   1 
ATOM   808  C CA  . LEU A 1 100 ? -0.651  -5.503  -5.636  1.00 12.61 ? 100 LEU A CA  1 
ATOM   809  C C   . LEU A 1 100 ? 0.077   -6.718  -6.244  1.00 12.87 ? 100 LEU A C   1 
ATOM   810  O O   . LEU A 1 100 ? -0.515  -7.825  -6.332  1.00 13.73 ? 100 LEU A O   1 
ATOM   811  C CB  . LEU A 1 100 ? -0.661  -5.651  -4.041  1.00 10.57 ? 100 LEU A CB  1 
ATOM   812  C CG  . LEU A 1 100 ? -1.570  -4.455  -3.414  1.00 10.49 ? 100 LEU A CG  1 
ATOM   813  C CD1 . LEU A 1 100 ? -1.614  -4.678  -1.890  1.00 11.07 ? 100 LEU A CD1 1 
ATOM   814  C CD2 . LEU A 1 100 ? -1.035  -3.066  -3.793  1.00 8.64  ? 100 LEU A CD2 1 
ATOM   815  N N   . THR A 1 101 ? 1.366   -6.510  -6.555  1.00 11.38 ? 101 THR A N   1 
ATOM   816  C CA  . THR A 1 101 ? 2.203   -7.542  -7.137  1.00 13.66 ? 101 THR A CA  1 
ATOM   817  C C   . THR A 1 101 ? 3.399   -7.912  -6.243  1.00 15.22 ? 101 THR A C   1 
ATOM   818  O O   . THR A 1 101 ? 3.288   -8.759  -5.298  1.00 18.30 ? 101 THR A O   1 
ATOM   819  C CB  . THR A 1 101 ? 2.638   -7.149  -8.603  1.00 13.07 ? 101 THR A CB  1 
ATOM   820  O OG1 . THR A 1 101 ? 3.368   -5.916  -8.611  1.00 12.16 ? 101 THR A OG1 1 
ATOM   821  C CG2 . THR A 1 101 ? 1.473   -7.016  -9.492  1.00 11.09 ? 101 THR A CG2 1 
ATOM   822  N N   . THR A 1 102 ? 4.451   -7.142  -6.342  1.00 15.77 ? 102 THR A N   1 
ATOM   823  C CA  . THR A 1 102 ? 5.660   -7.431  -5.588  1.00 17.01 ? 102 THR A CA  1 
ATOM   824  C C   . THR A 1 102 ? 5.991   -6.415  -4.472  1.00 14.86 ? 102 THR A C   1 
ATOM   825  O O   . THR A 1 102 ? 5.678   -5.210  -4.642  1.00 12.97 ? 102 THR A O   1 
ATOM   826  C CB  . THR A 1 102 ? 6.895   -7.537  -6.631  1.00 19.04 ? 102 THR A CB  1 
ATOM   827  O OG1 . THR A 1 102 ? 8.085   -7.726  -5.873  1.00 25.49 ? 102 THR A OG1 1 
ATOM   828  C CG2 . THR A 1 102 ? 7.009   -6.337  -7.659  1.00 20.12 ? 102 THR A CG2 1 
ATOM   829  N N   . VAL A 1 103 ? 6.646   -6.870  -3.406  1.00 13.57 ? 103 VAL A N   1 
ATOM   830  C CA  . VAL A 1 103 ? 7.058   -5.974  -2.343  1.00 13.39 ? 103 VAL A CA  1 
ATOM   831  C C   . VAL A 1 103 ? 8.189   -5.075  -2.885  1.00 13.30 ? 103 VAL A C   1 
ATOM   832  O O   . VAL A 1 103 ? 9.066   -5.556  -3.631  1.00 13.00 ? 103 VAL A O   1 
ATOM   833  C CB  . VAL A 1 103 ? 7.500   -6.798  -1.134  1.00 14.83 ? 103 VAL A CB  1 
ATOM   834  C CG1 . VAL A 1 103 ? 7.798   -5.882  0.059   1.00 14.75 ? 103 VAL A CG1 1 
ATOM   835  C CG2 . VAL A 1 103 ? 6.421   -7.853  -0.813  1.00 16.23 ? 103 VAL A CG2 1 
ATOM   836  N N   . CYS A 1 104 ? 8.191   -3.795  -2.532  1.00 12.03 ? 104 CYS A N   1 
ATOM   837  C CA  . CYS A 1 104 ? 9.189   -2.848  -2.999  1.00 13.12 ? 104 CYS A CA  1 
ATOM   838  C C   . CYS A 1 104 ? 10.628  -3.142  -2.556  1.00 15.92 ? 104 CYS A C   1 
ATOM   839  O O   . CYS A 1 104 ? 10.846  -3.458  -1.434  1.00 14.56 ? 104 CYS A O   1 
ATOM   840  C CB  . CYS A 1 104 ? 8.881   -1.450  -2.449  1.00 15.46 ? 104 CYS A CB  1 
ATOM   841  S SG  . CYS A 1 104 ? 9.803   -0.077  -3.286  1.00 15.67 ? 104 CYS A SG  1 
ATOM   842  N N   . PRO A 1 105 ? 11.607  -3.063  -3.469  1.00 17.64 ? 105 PRO A N   1 
ATOM   843  C CA  . PRO A 1 105 ? 12.985  -3.305  -3.024  1.00 21.18 ? 105 PRO A CA  1 
ATOM   844  C C   . PRO A 1 105 ? 13.480  -2.010  -2.295  1.00 25.88 ? 105 PRO A C   1 
ATOM   845  O O   . PRO A 1 105 ? 13.003  -0.885  -2.564  1.00 25.31 ? 105 PRO A O   1 
ATOM   846  C CB  . PRO A 1 105 ? 13.787  -3.362  -4.361  1.00 20.85 ? 105 PRO A CB  1 
ATOM   847  C CG  . PRO A 1 105 ? 12.737  -3.545  -5.481  1.00 21.02 ? 105 PRO A CG  1 
ATOM   848  C CD  . PRO A 1 105 ? 11.550  -2.757  -4.922  1.00 19.43 ? 105 PRO A CD  1 
ATOM   849  N N   . THR A 1 106 ? 14.495  -2.154  -1.445  1.00 30.23 ? 106 THR A N   1 
ATOM   850  C CA  . THR A 1 106 ? 15.157  -1.028  -0.771  1.00 34.45 ? 106 THR A CA  1 
ATOM   851  C C   . THR A 1 106 ? 16.381  -0.525  -1.595  1.00 36.38 ? 106 THR A C   1 
ATOM   852  O O   . THR A 1 106 ? 16.924  -1.336  -2.435  1.00 38.27 ? 106 THR A O   1 
ATOM   853  C CB  . THR A 1 106 ? 15.649  -1.498  0.558   1.00 36.14 ? 106 THR A CB  1 
ATOM   854  O OG1 . THR A 1 106 ? 14.508  -1.658  1.391   1.00 38.73 ? 106 THR A OG1 1 
ATOM   855  C CG2 . THR A 1 106 ? 16.647  -0.509  1.176   1.00 38.41 ? 106 THR A CG2 1 
HETATM 856  C C1  . 493 B 2 .   ? -3.060  8.758   1.096   1.00 52.19 ? 300 493 A C1  1 
HETATM 857  C C2  . 493 B 2 .   ? -1.994  8.533   1.924   1.00 54.26 ? 300 493 A C2  1 
HETATM 858  C C3  . 493 B 2 .   ? -1.730  9.543   2.809   1.00 55.20 ? 300 493 A C3  1 
HETATM 859  C C4  . 493 B 2 .   ? -2.520  10.715  2.928   1.00 57.08 ? 300 493 A C4  1 
HETATM 860  C C5  . 493 B 2 .   ? -3.596  10.970  2.037   1.00 53.91 ? 300 493 A C5  1 
HETATM 861  C C6  . 493 B 2 .   ? -3.806  9.933   1.139   1.00 50.58 ? 300 493 A C6  1 
HETATM 862  C C7  . 493 B 2 .   ? 0.032   9.937   4.467   1.00 51.13 ? 300 493 A C7  1 
HETATM 863  C C8  . 493 B 2 .   ? 1.412   10.318  4.014   1.00 49.02 ? 300 493 A C8  1 
HETATM 864  C C9  . 493 B 2 .   ? -4.839  9.924   0.066   1.00 45.44 ? 300 493 A C9  1 
HETATM 865  C C10 . 493 B 2 .   ? -4.013  10.258  -1.097  1.00 39.83 ? 300 493 A C10 1 
HETATM 866  C C11 . 493 B 2 .   ? -4.832  10.133  -2.354  1.00 36.75 ? 300 493 A C11 1 
HETATM 867  N N12 . 493 B 2 .   ? -4.734  8.995   -3.064  1.00 33.15 ? 300 493 A N12 1 
HETATM 868  N N13 . 493 B 2 .   ? -3.630  11.720  -0.923  1.00 39.60 ? 300 493 A N13 1 
HETATM 869  C C14 . 493 B 2 .   ? -2.455  12.168  -1.302  1.00 38.14 ? 300 493 A C14 1 
HETATM 870  C C15 . 493 B 2 .   ? -2.110  13.358  -0.333  1.00 37.13 ? 300 493 A C15 1 
HETATM 871  O O16 . 493 B 2 .   ? -1.774  11.573  -2.125  1.00 36.43 ? 300 493 A O16 1 
HETATM 872  O O17 . 493 B 2 .   ? -5.542  11.040  -2.674  1.00 36.12 ? 300 493 A O17 1 
HETATM 873  C C18 . 493 B 2 .   ? -5.706  8.686   -4.047  1.00 29.03 ? 300 493 A C18 1 
HETATM 874  C C19 . 493 B 2 .   ? -5.166  7.460   -4.646  1.00 27.53 ? 300 493 A C19 1 
HETATM 875  C C20 . 493 B 2 .   ? -5.681  7.177   -6.052  1.00 26.54 ? 300 493 A C20 1 
HETATM 876  C C21 . 493 B 2 .   ? -7.209  7.124   -6.247  1.00 26.07 ? 300 493 A C21 1 
HETATM 877  C C22 . 493 B 2 .   ? -8.058  8.370   -5.872  1.00 26.37 ? 300 493 A C22 1 
HETATM 878  N N23 . 493 B 2 .   ? -8.282  8.530   -4.394  1.00 27.09 ? 300 493 A N23 1 
HETATM 879  C C24 . 493 B 2 .   ? -7.157  8.509   -3.459  1.00 28.30 ? 300 493 A C24 1 
HETATM 880  C C25 . 493 B 2 .   ? -9.716  8.324   -3.886  1.00 26.28 ? 300 493 A C25 1 
HETATM 881  C C26 . 493 B 2 .   ? -10.043 6.819   -3.818  1.00 25.07 ? 300 493 A C26 1 
HETATM 882  O O27 . 493 B 2 .   ? -7.353  8.383   -2.188  1.00 27.13 ? 300 493 A O27 1 
HETATM 883  O O28 . 493 B 2 .   ? -0.582  9.193   3.415   1.00 54.38 ? 300 493 A O28 1 
HETATM 884  C C49 . 493 B 2 .   ? -11.006 6.244   -4.618  1.00 24.82 ? 300 493 A C49 1 
HETATM 885  C C50 . 493 B 2 .   ? -11.228 4.851   -4.575  1.00 24.66 ? 300 493 A C50 1 
HETATM 886  C C51 . 493 B 2 .   ? -10.483 3.984   -3.690  1.00 25.48 ? 300 493 A C51 1 
HETATM 887  C C52 . 493 B 2 .   ? -9.410  4.535   -2.946  1.00 26.06 ? 300 493 A C52 1 
HETATM 888  C C53 . 493 B 2 .   ? -9.184  5.973   -2.991  1.00 27.08 ? 300 493 A C53 1 
HETATM 889  C C58 . 493 B 2 .   ? -10.756 2.538   -3.516  1.00 24.08 ? 300 493 A C58 1 
HETATM 890  C C59 . 493 B 2 .   ? -9.713  1.600   -3.298  1.00 24.53 ? 300 493 A C59 1 
HETATM 891  C C60 . 493 B 2 .   ? -9.770  0.225   -3.396  1.00 23.12 ? 300 493 A C60 1 
HETATM 892  C C61 . 493 B 2 .   ? -11.025 -0.262  -3.678  1.00 22.24 ? 300 493 A C61 1 
HETATM 893  C C62 . 493 B 2 .   ? -12.132 0.509   -3.755  1.00 22.81 ? 300 493 A C62 1 
HETATM 894  C C63 . 493 B 2 .   ? -12.010 1.961   -3.708  1.00 25.71 ? 300 493 A C63 1 
HETATM 895  P P71 . 493 B 2 .   ? -2.099  11.991  4.187   1.00 61.86 ? 300 493 A P71 1 
HETATM 896  O O72 . 493 B 2 .   ? -3.135  13.188  4.210   1.00 59.30 ? 300 493 A O72 1 
HETATM 897  O O73 . 493 B 2 .   ? -0.568  12.491  3.594   1.00 60.93 ? 300 493 A O73 1 
HETATM 898  O O74 . 493 B 2 .   ? -1.791  11.115  5.806   1.00 60.54 ? 300 493 A O74 1 
HETATM 899  O O79 . 493 B 2 .   ? 2.165   10.045  5.082   1.00 46.92 ? 300 493 A O79 1 
HETATM 900  O O80 . 493 B 2 .   ? 1.760   10.742  2.938   1.00 47.16 ? 300 493 A O80 1 
HETATM 901  O O   . HOH C 3 .   ? 2.744   -5.884  -12.855 1.00 11.78 ? 301 HOH A O   1 
HETATM 902  O O   . HOH C 3 .   ? -4.468  2.575   -13.017 1.00 20.11 ? 302 HOH A O   1 
HETATM 903  O O   . HOH C 3 .   ? -12.445 -2.916  -2.823  1.00 12.10 ? 303 HOH A O   1 
HETATM 904  O O   . HOH C 3 .   ? 11.846  7.942   5.721   1.00 17.09 ? 304 HOH A O   1 
HETATM 905  O O   . HOH C 3 .   ? 5.057   0.646   -11.629 1.00 13.40 ? 305 HOH A O   1 
HETATM 906  O O   . HOH C 3 .   ? 6.805   0.257   -13.958 1.00 15.38 ? 306 HOH A O   1 
HETATM 907  O O   . HOH C 3 .   ? 3.918   -11.432 2.812   1.00 24.08 ? 307 HOH A O   1 
HETATM 908  O O   . HOH C 3 .   ? 4.025   14.355  3.309   1.00 20.34 ? 308 HOH A O   1 
HETATM 909  O O   . HOH C 3 .   ? -9.275  5.020   3.022   1.00 15.56 ? 309 HOH A O   1 
HETATM 910  O O   . HOH C 3 .   ? 3.367   15.653  6.612   1.00 14.46 ? 310 HOH A O   1 
HETATM 911  O O   . HOH C 3 .   ? -16.799 -5.909  -0.600  1.00 19.61 ? 311 HOH A O   1 
HETATM 912  O O   . HOH C 3 .   ? -15.327 -7.668  -1.954  1.00 21.99 ? 312 HOH A O   1 
HETATM 913  O O   . HOH C 3 .   ? -3.394  -13.051 -2.617  1.00 20.78 ? 313 HOH A O   1 
HETATM 914  O O   . HOH C 3 .   ? -15.100 -2.225  -2.516  1.00 19.20 ? 314 HOH A O   1 
HETATM 915  O O   . HOH C 3 .   ? -7.877  3.594   -9.836  1.00 19.67 ? 315 HOH A O   1 
HETATM 916  O O   . HOH C 3 .   ? 13.710  7.259   -7.275  1.00 29.01 ? 316 HOH A O   1 
HETATM 917  O O   . HOH C 3 .   ? 1.215   -10.263 -2.906  1.00 25.96 ? 317 HOH A O   1 
HETATM 918  O O   . HOH C 3 .   ? 4.449   9.916   -8.319  1.00 27.58 ? 318 HOH A O   1 
HETATM 919  O O   . HOH C 3 .   ? 9.040   12.525  -3.906  1.00 29.17 ? 319 HOH A O   1 
HETATM 920  O O   . HOH C 3 .   ? 11.851  11.756  -4.564  1.00 44.95 ? 320 HOH A O   1 
HETATM 921  O O   . HOH C 3 .   ? 5.045   8.029   7.343   1.00 36.54 ? 321 HOH A O   1 
HETATM 922  O O   . HOH C 3 .   ? 0.792   -10.570 -5.746  1.00 32.93 ? 322 HOH A O   1 
HETATM 923  O O   . HOH C 3 .   ? -6.410  -14.082 2.816   1.00 24.23 ? 323 HOH A O   1 
HETATM 924  O O   . HOH C 3 .   ? 6.437   8.179   9.467   1.00 36.94 ? 324 HOH A O   1 
HETATM 925  O O   . HOH C 3 .   ? 4.640   8.007   11.201  1.00 27.44 ? 325 HOH A O   1 
HETATM 926  O O   . HOH C 3 .   ? -2.594  3.749   -14.756 1.00 24.59 ? 326 HOH A O   1 
HETATM 927  O O   . HOH C 3 .   ? 3.384   13.020  -3.070  1.00 25.74 ? 327 HOH A O   1 
HETATM 928  O O   . HOH C 3 .   ? 8.101   -10.562 -0.677  1.00 25.47 ? 328 HOH A O   1 
HETATM 929  O O   . HOH C 3 .   ? 0.863   7.448   12.673  1.00 47.01 ? 329 HOH A O   1 
HETATM 930  O O   . HOH C 3 .   ? 13.705  10.007  1.644   1.00 30.99 ? 330 HOH A O   1 
HETATM 931  O O   . HOH C 3 .   ? 13.495  0.615   -5.057  1.00 21.71 ? 331 HOH A O   1 
HETATM 932  O O   . HOH C 3 .   ? 14.871  3.882   -5.887  1.00 57.70 ? 332 HOH A O   1 
HETATM 933  O O   . HOH C 3 .   ? 5.701   10.359  -10.892 1.00 35.01 ? 333 HOH A O   1 
HETATM 934  O O   . HOH C 3 .   ? 1.186   -11.216 4.742   1.00 43.20 ? 334 HOH A O   1 
HETATM 935  O O   . HOH C 3 .   ? -9.815  -14.165 9.639   1.00 26.06 ? 335 HOH A O   1 
HETATM 936  O O   . HOH C 3 .   ? -1.599  6.196   -11.139 1.00 23.18 ? 336 HOH A O   1 
HETATM 937  O O   . HOH C 3 .   ? 12.730  -4.808  0.148   1.00 23.27 ? 337 HOH A O   1 
HETATM 938  O O   . HOH C 3 .   ? -2.617  -7.564  -12.786 1.00 26.94 ? 338 HOH A O   1 
HETATM 939  O O   . HOH C 3 .   ? -9.975  7.095   5.097   1.00 28.53 ? 339 HOH A O   1 
HETATM 940  O O   . HOH C 3 .   ? 0.370   10.367  -5.461  1.00 26.56 ? 340 HOH A O   1 
HETATM 941  O O   . HOH C 3 .   ? -1.042  -11.135 2.704   1.00 34.29 ? 341 HOH A O   1 
HETATM 942  O O   . HOH C 3 .   ? -11.035 7.111   7.464   1.00 41.78 ? 342 HOH A O   1 
HETATM 943  O O   . HOH C 3 .   ? 7.139   -10.170 -3.394  1.00 59.07 ? 343 HOH A O   1 
HETATM 944  O O   . HOH C 3 .   ? 15.592  3.901   -11.587 1.00 33.23 ? 344 HOH A O   1 
HETATM 945  O O   . HOH C 3 .   ? 0.451   9.641   -9.638  1.00 34.64 ? 345 HOH A O   1 
HETATM 946  O O   . HOH C 3 .   ? 11.522  -6.216  2.296   1.00 34.00 ? 346 HOH A O   1 
HETATM 947  O O   . HOH C 3 .   ? -18.676 5.210   -2.069  1.00 39.96 ? 347 HOH A O   1 
HETATM 948  O O   . HOH C 3 .   ? 0.804   -8.511  -13.245 1.00 44.92 ? 348 HOH A O   1 
HETATM 949  O O   . HOH C 3 .   ? -4.625  -13.547 4.532   1.00 39.47 ? 349 HOH A O   1 
HETATM 950  O O   . HOH C 3 .   ? -22.588 2.395   -3.020  1.00 39.72 ? 350 HOH A O   1 
HETATM 951  O O   . HOH C 3 .   ? -20.230 0.837   3.928   1.00 39.43 ? 351 HOH A O   1 
HETATM 952  O O   . HOH C 3 .   ? 9.992   -2.150  9.454   1.00 39.52 ? 352 HOH A O   1 
HETATM 953  O O   . HOH C 3 .   ? -3.449  -3.758  -14.733 1.00 30.24 ? 353 HOH A O   1 
HETATM 954  O O   . HOH C 3 .   ? 13.152  6.325   8.985   1.00 55.55 ? 354 HOH A O   1 
HETATM 955  O O   . HOH C 3 .   ? 15.829  5.504   -9.128  1.00 43.77 ? 355 HOH A O   1 
HETATM 956  O O   . HOH C 3 .   ? 17.143  8.519   1.679   1.00 40.54 ? 356 HOH A O   1 
HETATM 957  O O   . HOH C 3 .   ? 17.042  5.666   -6.178  1.00 87.88 ? 357 HOH A O   1 
HETATM 958  O O   . HOH C 3 .   ? 13.958  5.928   5.405   1.00 34.03 ? 358 HOH A O   1 
HETATM 959  O O   . HOH C 3 .   ? -7.143  -10.269 14.357  1.00 58.12 ? 359 HOH A O   1 
HETATM 960  O O   . HOH C 3 .   ? 12.181  -8.851  1.673   1.00 22.34 ? 360 HOH A O   1 
HETATM 961  O O   . HOH C 3 .   ? 13.857  3.235   3.551   1.00 29.61 ? 361 HOH A O   1 
HETATM 962  O O   . HOH C 3 .   ? 5.799   6.907   14.670  1.00 38.70 ? 362 HOH A O   1 
HETATM 963  O O   . HOH C 3 .   ? 11.846  -2.516  5.988   1.00 41.88 ? 363 HOH A O   1 
HETATM 964  O O   . HOH C 3 .   ? 14.525  11.871  -0.633  1.00 33.32 ? 364 HOH A O   1 
HETATM 965  O O   . HOH C 3 .   ? -1.206  16.605  7.158   1.00 49.96 ? 365 HOH A O   1 
HETATM 966  O O   . HOH C 3 .   ? 6.523   4.006   15.015  1.00 34.49 ? 366 HOH A O   1 
HETATM 967  O O   . HOH C 3 .   ? -23.614 1.799   2.381   1.00 54.06 ? 367 HOH A O   1 
HETATM 968  O O   . HOH C 3 .   ? -16.718 -5.586  4.306   1.00 14.66 ? 368 HOH A O   1 
HETATM 969  O O   . HOH C 3 .   ? 0.870   15.022  -3.885  1.00 55.81 ? 369 HOH A O   1 
HETATM 970  O O   . HOH C 3 .   ? -5.717  10.159  -7.573  1.00 30.87 ? 370 HOH A O   1 
HETATM 971  O O   . HOH C 3 .   ? -6.380  4.563   -7.701  1.00 27.26 ? 371 HOH A O   1 
HETATM 972  O O   . HOH C 3 .   ? -12.300 -6.870  -8.672  1.00 41.80 ? 372 HOH A O   1 
HETATM 973  O O   . HOH C 3 .   ? 9.228   1.083   -15.233 1.00 32.85 ? 373 HOH A O   1 
HETATM 974  O O   . HOH C 3 .   ? 10.991  -4.566  -8.371  1.00 35.87 ? 374 HOH A O   1 
HETATM 975  O O   . HOH C 3 .   ? 17.599  7.727   -4.795  1.00 34.23 ? 375 HOH A O   1 
HETATM 976  O O   . HOH C 3 .   ? -6.955  6.610   -0.020  1.00 15.63 ? 376 HOH A O   1 
HETATM 977  O O   . HOH C 3 .   ? -0.419  -5.238  -15.492 1.00 24.83 ? 377 HOH A O   1 
HETATM 978  O O   . HOH C 3 .   ? 9.007   1.271   11.980  1.00 32.42 ? 378 HOH A O   1 
HETATM 979  O O   . HOH C 3 .   ? 5.342   1.469   12.583  1.00 25.08 ? 379 HOH A O   1 
HETATM 980  O O   . HOH C 3 .   ? 11.748  8.601   12.369  1.00 27.91 ? 380 HOH A O   1 
HETATM 981  O O   . HOH C 3 .   ? 8.536   6.465   -16.510 1.00 27.09 ? 381 HOH A O   1 
HETATM 982  O O   . HOH C 3 .   ? -12.748 -9.969  4.951   1.00 13.17 ? 382 HOH A O   1 
HETATM 983  O O   . HOH C 3 .   ? 15.989  1.644   -4.663  1.00 39.74 ? 383 HOH A O   1 
HETATM 984  O O   . HOH C 3 .   ? 11.824  -5.737  -12.911 1.00 19.14 ? 384 HOH A O   1 
HETATM 985  O O   . HOH C 3 .   ? -0.689  5.215   -14.204 1.00 33.88 ? 385 HOH A O   1 
HETATM 986  O O   . HOH C 3 .   ? -0.889  3.380   -21.177 1.00 27.58 ? 386 HOH A O   1 
HETATM 987  O O   . HOH C 3 .   ? -1.729  9.460   -4.225  1.00 16.37 ? 387 HOH A O   1 
HETATM 988  O O   . HOH C 3 .   ? -11.065 -1.743  1.447   1.00 10.15 ? 388 HOH A O   1 
HETATM 989  O O   . HOH C 3 .   ? -3.191  -7.095  10.910  1.00 19.25 ? 389 HOH A O   1 
HETATM 990  O O   . HOH C 3 .   ? -8.426  -14.958 4.373   1.00 29.95 ? 390 HOH A O   1 
HETATM 991  O O   . HOH C 3 .   ? -9.003  1.024   -10.214 1.00 13.46 ? 391 HOH A O   1 
HETATM 992  O O   . HOH C 3 .   ? -0.468  1.033   15.329  1.00 57.52 ? 392 HOH A O   1 
HETATM 993  O O   . HOH C 3 .   ? 12.790  0.573   5.229   1.00 42.87 ? 393 HOH A O   1 
HETATM 994  O O   . HOH C 3 .   ? 11.977  2.628   9.937   1.00 48.55 ? 394 HOH A O   1 
HETATM 995  O O   . HOH C 3 .   ? 13.823  11.239  -3.052  1.00 30.14 ? 395 HOH A O   1 
HETATM 996  O O   . HOH C 3 .   ? 0.202   4.386   12.660  1.00 38.32 ? 396 HOH A O   1 
HETATM 997  O O   . HOH C 3 .   ? -7.296  4.048   11.511  1.00 30.84 ? 397 HOH A O   1 
HETATM 998  O O   . HOH C 3 .   ? 3.656   11.092  -13.650 1.00 33.07 ? 398 HOH A O   1 
HETATM 999  O O   . HOH C 3 .   ? -5.555  10.802  4.669   1.00 46.28 ? 399 HOH A O   1 
HETATM 1000 O O   . HOH C 3 .   ? -10.541 -10.757 6.760   1.00 24.14 ? 400 HOH A O   1 
HETATM 1001 O O   . HOH C 3 .   ? -1.752  -3.898  -17.577 1.00 32.62 ? 401 HOH A O   1 
HETATM 1002 O O   . HOH C 3 .   ? 18.010  2.800   -0.704  1.00 53.48 ? 402 HOH A O   1 
HETATM 1003 O O   . HOH C 3 .   ? -2.012  -0.369  -15.178 1.00 28.13 ? 403 HOH A O   1 
HETATM 1004 O O   . HOH C 3 .   ? -0.168  -13.040 11.240  1.00 63.61 ? 404 HOH A O   1 
HETATM 1005 O O   . HOH C 3 .   ? 0.326   10.997  13.271  1.00 42.13 ? 405 HOH A O   1 
HETATM 1006 O O   . HOH C 3 .   ? 10.804  3.014   16.506  1.00 68.53 ? 406 HOH A O   1 
HETATM 1007 O O   . HOH C 3 .   ? -3.465  -6.859  -15.891 1.00 39.06 ? 407 HOH A O   1 
HETATM 1008 O O   . HOH C 3 .   ? -2.214  18.274  8.713   1.00 40.20 ? 408 HOH A O   1 
HETATM 1009 O O   . HOH C 3 .   ? -14.807 -7.838  -9.585  1.00 31.12 ? 409 HOH A O   1 
HETATM 1010 O O   . HOH C 3 .   ? 14.455  6.717   13.065  1.00 36.56 ? 410 HOH A O   1 
HETATM 1011 O O   . HOH C 3 .   ? 6.003   3.504   19.460  1.00 35.80 ? 411 HOH A O   1 
HETATM 1012 O O   . HOH C 3 .   ? 1.256   10.144  15.430  1.00 49.98 ? 412 HOH A O   1 
HETATM 1013 O O   . HOH C 3 .   ? 11.396  -4.734  4.779   1.00 33.04 ? 413 HOH A O   1 
HETATM 1014 O O   . HOH C 3 .   ? 8.631   -1.963  11.815  1.00 40.97 ? 414 HOH A O   1 
HETATM 1015 O O   . HOH C 3 .   ? 8.315   2.837   18.710  1.00 41.98 ? 415 HOH A O   1 
HETATM 1016 O O   . HOH C 3 .   ? 15.858  11.807  -5.045  1.00 50.83 ? 416 HOH A O   1 
HETATM 1017 O O   . HOH C 3 .   ? 9.424   12.814  -6.819  1.00 49.00 ? 417 HOH A O   1 
HETATM 1018 O O   . HOH C 3 .   ? 4.148   14.382  -5.844  1.00 54.65 ? 418 HOH A O   1 
HETATM 1019 O O   . HOH C 3 .   ? 17.254  12.102  -1.646  1.00 72.95 ? 419 HOH A O   1 
HETATM 1020 O O   . HOH C 3 .   ? 17.342  -0.177  -13.826 1.00 46.73 ? 420 HOH A O   1 
HETATM 1021 O O   . HOH C 3 .   ? -3.771  11.037  -5.650  1.00 41.97 ? 421 HOH A O   1 
HETATM 1022 O O   . HOH C 3 .   ? -4.892  -8.341  13.277  1.00 39.45 ? 422 HOH A O   1 
HETATM 1023 O O   . HOH C 3 .   ? -4.335  -13.285 9.064   1.00 36.55 ? 423 HOH A O   1 
HETATM 1024 O O   . HOH C 3 .   ? 6.863   -10.395 -6.557  1.00 44.43 ? 424 HOH A O   1 
HETATM 1025 O O   . HOH C 3 .   ? -3.975  -3.716  -18.711 1.00 33.60 ? 425 HOH A O   1 
HETATM 1026 O O   . HOH C 3 .   ? 11.006  -6.792  10.809  1.00 69.96 ? 426 HOH A O   1 
HETATM 1027 O O   . HOH C 3 .   ? -3.030  -13.421 6.708   1.00 59.88 ? 427 HOH A O   1 
# 
loop_
_pdbx_poly_seq_scheme.asym_id 
_pdbx_poly_seq_scheme.entity_id 
_pdbx_poly_seq_scheme.seq_id 
_pdbx_poly_seq_scheme.mon_id 
_pdbx_poly_seq_scheme.ndb_seq_num 
_pdbx_poly_seq_scheme.pdb_seq_num 
_pdbx_poly_seq_scheme.auth_seq_num 
_pdbx_poly_seq_scheme.pdb_mon_id 
_pdbx_poly_seq_scheme.auth_mon_id 
_pdbx_poly_seq_scheme.pdb_strand_id 
_pdbx_poly_seq_scheme.pdb_ins_code 
_pdbx_poly_seq_scheme.hetero 
A 1 1   SER 1   1   1   SER SER A . n 
A 1 2   ILE 2   2   2   ILE ILE A . n 
A 1 3   GLN 3   3   3   GLN GLN A . n 
A 1 4   ALA 4   4   4   ALA ALA A . n 
A 1 5   GLU 5   5   5   GLU GLU A . n 
A 1 6   GLU 6   6   6   GLU GLU A . n 
A 1 7   TRP 7   7   7   TRP TRP A . n 
A 1 8   TYR 8   8   8   TYR TYR A . n 
A 1 9   PHE 9   9   9   PHE PHE A . n 
A 1 10  GLY 10  10  10  GLY GLY A . n 
A 1 11  LYS 11  11  11  LYS LYS A . n 
A 1 12  ILE 12  12  12  ILE ILE A . n 
A 1 13  THR 13  13  13  THR THR A . n 
A 1 14  ARG 14  14  14  ARG ARG A . n 
A 1 15  ARG 15  15  15  ARG ARG A . n 
A 1 16  GLU 16  16  16  GLU GLU A . n 
A 1 17  SER 17  17  17  SER SER A . n 
A 1 18  GLU 18  18  18  GLU GLU A . n 
A 1 19  ARG 19  19  19  ARG ARG A . n 
A 1 20  LEU 20  20  20  LEU LEU A . n 
A 1 21  LEU 21  21  21  LEU LEU A . n 
A 1 22  LEU 22  22  22  LEU LEU A . n 
A 1 23  ASN 23  23  23  ASN ASN A . n 
A 1 24  ALA 24  24  24  ALA ALA A . n 
A 1 25  GLU 25  25  25  GLU GLU A . n 
A 1 26  ASN 26  26  26  ASN ASN A . n 
A 1 27  PRO 27  27  27  PRO PRO A . n 
A 1 28  ARG 28  28  28  ARG ARG A . n 
A 1 29  GLY 29  29  29  GLY GLY A . n 
A 1 30  THR 30  30  30  THR THR A . n 
A 1 31  PHE 31  31  31  PHE PHE A . n 
A 1 32  LEU 32  32  32  LEU LEU A . n 
A 1 33  VAL 33  33  33  VAL VAL A . n 
A 1 34  ARG 34  34  34  ARG ARG A . n 
A 1 35  GLU 35  35  35  GLU GLU A . n 
A 1 36  SER 36  36  36  SER SER A . n 
A 1 37  GLU 37  37  37  GLU GLU A . n 
A 1 38  THR 38  38  38  THR THR A . n 
A 1 39  THR 39  39  39  THR THR A . n 
A 1 40  LYS 40  40  40  LYS LYS A . n 
A 1 41  GLY 41  41  41  GLY GLY A . n 
A 1 42  ALA 42  42  42  ALA ALA A . n 
A 1 43  TYR 43  43  43  TYR TYR A . n 
A 1 44  CYS 44  44  44  CYS CYS A . n 
A 1 45  LEU 45  45  45  LEU LEU A . n 
A 1 46  SER 46  46  46  SER SER A . n 
A 1 47  VAL 47  47  47  VAL VAL A . n 
A 1 48  SER 48  48  48  SER SER A . n 
A 1 49  ASP 49  49  49  ASP ASP A . n 
A 1 50  PHE 50  50  50  PHE PHE A . n 
A 1 51  ASP 51  51  51  ASP ASP A . n 
A 1 52  ASN 52  52  52  ASN ASN A . n 
A 1 53  ALA 53  53  53  ALA ALA A . n 
A 1 54  LYS 54  54  54  LYS LYS A . n 
A 1 55  GLY 55  55  55  GLY GLY A . n 
A 1 56  LEU 56  56  56  LEU LEU A . n 
A 1 57  ASN 57  57  57  ASN ASN A . n 
A 1 58  VAL 58  58  58  VAL VAL A . n 
A 1 59  LYS 59  59  59  LYS LYS A . n 
A 1 60  HIS 60  60  60  HIS HIS A . n 
A 1 61  TYR 61  61  61  TYR TYR A . n 
A 1 62  LYS 62  62  62  LYS LYS A . n 
A 1 63  ILE 63  63  63  ILE ILE A . n 
A 1 64  ARG 64  64  64  ARG ARG A . n 
A 1 65  LYS 65  65  65  LYS LYS A . n 
A 1 66  LEU 66  66  66  LEU LEU A . n 
A 1 67  ASP 67  67  67  ASP ASP A . n 
A 1 68  SER 68  68  68  SER SER A . n 
A 1 69  GLY 69  69  69  GLY GLY A . n 
A 1 70  GLY 70  70  70  GLY GLY A . n 
A 1 71  PHE 71  71  71  PHE PHE A . n 
A 1 72  TYR 72  72  72  TYR TYR A . n 
A 1 73  ILE 73  73  73  ILE ILE A . n 
A 1 74  THR 74  74  74  THR THR A . n 
A 1 75  SER 75  75  75  SER SER A . n 
A 1 76  ARG 76  76  76  ARG ARG A . n 
A 1 77  THR 77  77  77  THR THR A . n 
A 1 78  GLN 78  78  78  GLN GLN A . n 
A 1 79  PHE 79  79  79  PHE PHE A . n 
A 1 80  ASN 80  80  80  ASN ASN A . n 
A 1 81  SER 81  81  81  SER SER A . n 
A 1 82  LEU 82  82  82  LEU LEU A . n 
A 1 83  GLN 83  83  83  GLN GLN A . n 
A 1 84  GLN 84  84  84  GLN GLN A . n 
A 1 85  LEU 85  85  85  LEU LEU A . n 
A 1 86  VAL 86  86  86  VAL VAL A . n 
A 1 87  ALA 87  87  87  ALA ALA A . n 
A 1 88  TYR 88  88  88  TYR TYR A . n 
A 1 89  TYR 89  89  89  TYR TYR A . n 
A 1 90  SER 90  90  90  SER SER A . n 
A 1 91  LYS 91  91  91  LYS LYS A . n 
A 1 92  HIS 92  92  92  HIS HIS A . n 
A 1 93  ALA 93  93  93  ALA ALA A . n 
A 1 94  ASP 94  94  94  ASP ASP A . n 
A 1 95  GLY 95  95  95  GLY GLY A . n 
A 1 96  LEU 96  96  96  LEU LEU A . n 
A 1 97  CYS 97  97  97  CYS CYS A . n 
A 1 98  HIS 98  98  98  HIS HIS A . n 
A 1 99  ARG 99  99  99  ARG ARG A . n 
A 1 100 LEU 100 100 100 LEU LEU A . n 
A 1 101 THR 101 101 101 THR THR A . n 
A 1 102 THR 102 102 102 THR THR A . n 
A 1 103 VAL 103 103 103 VAL VAL A . n 
A 1 104 CYS 104 104 104 CYS CYS A . n 
A 1 105 PRO 105 105 105 PRO PRO A . n 
A 1 106 THR 106 106 106 THR THR A . n 
A 1 107 SER 107 107 ?   ?   ?   A . n 
A 1 108 LYS 108 108 ?   ?   ?   A . n 
# 
loop_
_pdbx_nonpoly_scheme.asym_id 
_pdbx_nonpoly_scheme.entity_id 
_pdbx_nonpoly_scheme.mon_id 
_pdbx_nonpoly_scheme.ndb_seq_num 
_pdbx_nonpoly_scheme.pdb_seq_num 
_pdbx_nonpoly_scheme.auth_seq_num 
_pdbx_nonpoly_scheme.pdb_mon_id 
_pdbx_nonpoly_scheme.auth_mon_id 
_pdbx_nonpoly_scheme.pdb_strand_id 
_pdbx_nonpoly_scheme.pdb_ins_code 
B 2 493 1   300 1   493 INH A . 
C 3 HOH 1   301 1   HOH HOH A . 
C 3 HOH 2   302 2   HOH HOH A . 
C 3 HOH 3   303 3   HOH HOH A . 
C 3 HOH 4   304 4   HOH HOH A . 
C 3 HOH 5   305 5   HOH HOH A . 
C 3 HOH 6   306 6   HOH HOH A . 
C 3 HOH 7   307 7   HOH HOH A . 
C 3 HOH 8   308 8   HOH HOH A . 
C 3 HOH 9   309 9   HOH HOH A . 
C 3 HOH 10  310 10  HOH HOH A . 
C 3 HOH 11  311 11  HOH HOH A . 
C 3 HOH 12  312 12  HOH HOH A . 
C 3 HOH 13  313 13  HOH HOH A . 
C 3 HOH 14  314 14  HOH HOH A . 
C 3 HOH 15  315 15  HOH HOH A . 
C 3 HOH 16  316 16  HOH HOH A . 
C 3 HOH 17  317 17  HOH HOH A . 
C 3 HOH 18  318 18  HOH HOH A . 
C 3 HOH 19  319 19  HOH HOH A . 
C 3 HOH 20  320 20  HOH HOH A . 
C 3 HOH 21  321 21  HOH HOH A . 
C 3 HOH 22  322 22  HOH HOH A . 
C 3 HOH 23  323 23  HOH HOH A . 
C 3 HOH 24  324 24  HOH HOH A . 
C 3 HOH 25  325 25  HOH HOH A . 
C 3 HOH 26  326 26  HOH HOH A . 
C 3 HOH 27  327 27  HOH HOH A . 
C 3 HOH 28  328 28  HOH HOH A . 
C 3 HOH 29  329 29  HOH HOH A . 
C 3 HOH 30  330 30  HOH HOH A . 
C 3 HOH 31  331 31  HOH HOH A . 
C 3 HOH 32  332 32  HOH HOH A . 
C 3 HOH 33  333 33  HOH HOH A . 
C 3 HOH 34  334 34  HOH HOH A . 
C 3 HOH 35  335 36  HOH HOH A . 
C 3 HOH 36  336 37  HOH HOH A . 
C 3 HOH 37  337 38  HOH HOH A . 
C 3 HOH 38  338 39  HOH HOH A . 
C 3 HOH 39  339 40  HOH HOH A . 
C 3 HOH 40  340 41  HOH HOH A . 
C 3 HOH 41  341 43  HOH HOH A . 
C 3 HOH 42  342 44  HOH HOH A . 
C 3 HOH 43  343 45  HOH HOH A . 
C 3 HOH 44  344 46  HOH HOH A . 
C 3 HOH 45  345 47  HOH HOH A . 
C 3 HOH 46  346 49  HOH HOH A . 
C 3 HOH 47  347 50  HOH HOH A . 
C 3 HOH 48  348 51  HOH HOH A . 
C 3 HOH 49  349 52  HOH HOH A . 
C 3 HOH 50  350 55  HOH HOH A . 
C 3 HOH 51  351 58  HOH HOH A . 
C 3 HOH 52  352 59  HOH HOH A . 
C 3 HOH 53  353 60  HOH HOH A . 
C 3 HOH 54  354 62  HOH HOH A . 
C 3 HOH 55  355 64  HOH HOH A . 
C 3 HOH 56  356 66  HOH HOH A . 
C 3 HOH 57  357 67  HOH HOH A . 
C 3 HOH 58  358 68  HOH HOH A . 
C 3 HOH 59  359 69  HOH HOH A . 
C 3 HOH 60  360 71  HOH HOH A . 
C 3 HOH 61  361 72  HOH HOH A . 
C 3 HOH 62  362 74  HOH HOH A . 
C 3 HOH 63  363 77  HOH HOH A . 
C 3 HOH 64  364 78  HOH HOH A . 
C 3 HOH 65  365 79  HOH HOH A . 
C 3 HOH 66  366 82  HOH HOH A . 
C 3 HOH 67  367 86  HOH HOH A . 
C 3 HOH 68  368 89  HOH HOH A . 
C 3 HOH 69  369 90  HOH HOH A . 
C 3 HOH 70  370 91  HOH HOH A . 
C 3 HOH 71  371 92  HOH HOH A . 
C 3 HOH 72  372 93  HOH HOH A . 
C 3 HOH 73  373 94  HOH HOH A . 
C 3 HOH 74  374 96  HOH HOH A . 
C 3 HOH 75  375 98  HOH HOH A . 
C 3 HOH 76  376 99  HOH HOH A . 
C 3 HOH 77  377 100 HOH HOH A . 
C 3 HOH 78  378 101 HOH HOH A . 
C 3 HOH 79  379 102 HOH HOH A . 
C 3 HOH 80  380 103 HOH HOH A . 
C 3 HOH 81  381 104 HOH HOH A . 
C 3 HOH 82  382 105 HOH HOH A . 
C 3 HOH 83  383 106 HOH HOH A . 
C 3 HOH 84  384 107 HOH HOH A . 
C 3 HOH 85  385 108 HOH HOH A . 
C 3 HOH 86  386 109 HOH HOH A . 
C 3 HOH 87  387 110 HOH HOH A . 
C 3 HOH 88  388 111 HOH HOH A . 
C 3 HOH 89  389 112 HOH HOH A . 
C 3 HOH 90  390 113 HOH HOH A . 
C 3 HOH 91  391 114 HOH HOH A . 
C 3 HOH 92  392 115 HOH HOH A . 
C 3 HOH 93  393 116 HOH HOH A . 
C 3 HOH 94  394 117 HOH HOH A . 
C 3 HOH 95  395 118 HOH HOH A . 
C 3 HOH 96  396 122 HOH HOH A . 
C 3 HOH 97  397 123 HOH HOH A . 
C 3 HOH 98  398 124 HOH HOH A . 
C 3 HOH 99  399 127 HOH HOH A . 
C 3 HOH 100 400 128 HOH HOH A . 
C 3 HOH 101 401 132 HOH HOH A . 
C 3 HOH 102 402 133 HOH HOH A . 
C 3 HOH 103 403 134 HOH HOH A . 
C 3 HOH 104 404 137 HOH HOH A . 
C 3 HOH 105 405 141 HOH HOH A . 
C 3 HOH 106 406 148 HOH HOH A . 
C 3 HOH 107 407 149 HOH HOH A . 
C 3 HOH 108 408 150 HOH HOH A . 
C 3 HOH 109 409 151 HOH HOH A . 
C 3 HOH 110 410 154 HOH HOH A . 
C 3 HOH 111 411 155 HOH HOH A . 
C 3 HOH 112 412 156 HOH HOH A . 
C 3 HOH 113 413 160 HOH HOH A . 
C 3 HOH 114 414 161 HOH HOH A . 
C 3 HOH 115 415 166 HOH HOH A . 
C 3 HOH 116 416 170 HOH HOH A . 
C 3 HOH 117 417 171 HOH HOH A . 
C 3 HOH 118 418 172 HOH HOH A . 
C 3 HOH 119 419 173 HOH HOH A . 
C 3 HOH 120 420 175 HOH HOH A . 
C 3 HOH 121 421 179 HOH HOH A . 
C 3 HOH 122 422 181 HOH HOH A . 
C 3 HOH 123 423 182 HOH HOH A . 
C 3 HOH 124 424 185 HOH HOH A . 
C 3 HOH 125 425 186 HOH HOH A . 
C 3 HOH 126 426 187 HOH HOH A . 
C 3 HOH 127 427 188 HOH HOH A . 
# 
_pdbx_struct_assembly.id                   1 
_pdbx_struct_assembly.details              author_defined_assembly 
_pdbx_struct_assembly.method_details       ? 
_pdbx_struct_assembly.oligomeric_details   monomeric 
_pdbx_struct_assembly.oligomeric_count     1 
# 
_pdbx_struct_assembly_gen.assembly_id       1 
_pdbx_struct_assembly_gen.oper_expression   1 
_pdbx_struct_assembly_gen.asym_id_list      A,B,C 
# 
_pdbx_struct_oper_list.id                   1 
_pdbx_struct_oper_list.type                 'identity operation' 
_pdbx_struct_oper_list.name                 1_555 
_pdbx_struct_oper_list.symmetry_operation   x,y,z 
_pdbx_struct_oper_list.matrix[1][1]         1.0000000000 
_pdbx_struct_oper_list.matrix[1][2]         0.0000000000 
_pdbx_struct_oper_list.matrix[1][3]         0.0000000000 
_pdbx_struct_oper_list.vector[1]            0.0000000000 
_pdbx_struct_oper_list.matrix[2][1]         0.0000000000 
_pdbx_struct_oper_list.matrix[2][2]         1.0000000000 
_pdbx_struct_oper_list.matrix[2][3]         0.0000000000 
_pdbx_struct_oper_list.vector[2]            0.0000000000 
_pdbx_struct_oper_list.matrix[3][1]         0.0000000000 
_pdbx_struct_oper_list.matrix[3][2]         0.0000000000 
_pdbx_struct_oper_list.matrix[3][3]         1.0000000000 
_pdbx_struct_oper_list.vector[3]            0.0000000000 
# 
loop_
_pdbx_audit_revision_history.ordinal 
_pdbx_audit_revision_history.data_content_type 
_pdbx_audit_revision_history.major_revision 
_pdbx_audit_revision_history.minor_revision 
_pdbx_audit_revision_history.revision_date 
1 'Structure model' 1 0 2004-02-17 
2 'Structure model' 1 1 2008-04-26 
3 'Structure model' 1 2 2011-07-13 
4 'Structure model' 1 3 2023-08-16 
# 
_pdbx_audit_revision_details.ordinal             1 
_pdbx_audit_revision_details.revision_ordinal    1 
_pdbx_audit_revision_details.data_content_type   'Structure model' 
_pdbx_audit_revision_details.provider            repository 
_pdbx_audit_revision_details.type                'Initial release' 
_pdbx_audit_revision_details.description         ? 
_pdbx_audit_revision_details.details             ? 
# 
loop_
_pdbx_audit_revision_group.ordinal 
_pdbx_audit_revision_group.revision_ordinal 
_pdbx_audit_revision_group.data_content_type 
_pdbx_audit_revision_group.group 
1 2 'Structure model' 'Version format compliance' 
2 3 'Structure model' 'Version format compliance' 
3 4 'Structure model' 'Data collection'           
4 4 'Structure model' 'Database references'       
5 4 'Structure model' 'Derived calculations'      
6 4 'Structure model' 'Refinement description'    
# 
loop_
_pdbx_audit_revision_category.ordinal 
_pdbx_audit_revision_category.revision_ordinal 
_pdbx_audit_revision_category.data_content_type 
_pdbx_audit_revision_category.category 
1 4 'Structure model' chem_comp_atom                
2 4 'Structure model' chem_comp_bond                
3 4 'Structure model' database_2                    
4 4 'Structure model' pdbx_initial_refinement_model 
5 4 'Structure model' struct_site                   
# 
loop_
_pdbx_audit_revision_item.ordinal 
_pdbx_audit_revision_item.revision_ordinal 
_pdbx_audit_revision_item.data_content_type 
_pdbx_audit_revision_item.item 
1 4 'Structure model' '_database_2.pdbx_DOI'                
2 4 'Structure model' '_database_2.pdbx_database_accession' 
3 4 'Structure model' '_struct_site.pdbx_auth_asym_id'      
4 4 'Structure model' '_struct_site.pdbx_auth_comp_id'      
5 4 'Structure model' '_struct_site.pdbx_auth_seq_id'       
# 
loop_
_software.name 
_software.classification 
_software.version 
_software.citation_id 
_software.pdbx_ordinal 
XDS    'data scaling'   .     ? 1 
XDS    'data reduction' .     ? 2 
X-PLOR 'model building' 3.851 ? 3 
X-PLOR refinement       3.851 ? 4 
X-PLOR phasing          3.851 ? 5 
# 
loop_
_pdbx_validate_rmsd_bond.id 
_pdbx_validate_rmsd_bond.PDB_model_num 
_pdbx_validate_rmsd_bond.auth_atom_id_1 
_pdbx_validate_rmsd_bond.auth_asym_id_1 
_pdbx_validate_rmsd_bond.auth_comp_id_1 
_pdbx_validate_rmsd_bond.auth_seq_id_1 
_pdbx_validate_rmsd_bond.PDB_ins_code_1 
_pdbx_validate_rmsd_bond.label_alt_id_1 
_pdbx_validate_rmsd_bond.auth_atom_id_2 
_pdbx_validate_rmsd_bond.auth_asym_id_2 
_pdbx_validate_rmsd_bond.auth_comp_id_2 
_pdbx_validate_rmsd_bond.auth_seq_id_2 
_pdbx_validate_rmsd_bond.PDB_ins_code_2 
_pdbx_validate_rmsd_bond.label_alt_id_2 
_pdbx_validate_rmsd_bond.bond_value 
_pdbx_validate_rmsd_bond.bond_target_value 
_pdbx_validate_rmsd_bond.bond_deviation 
_pdbx_validate_rmsd_bond.bond_standard_deviation 
_pdbx_validate_rmsd_bond.linker_flag 
1 1 CA A SER 1  ? ? CB A SER 1  ? ? 1.618 1.525 0.093  0.015 N 
2 1 CA A GLN 3  ? ? CB A GLN 3  ? ? 1.700 1.535 0.165  0.022 N 
3 1 CB A GLU 35 ? ? CG A GLU 35 ? ? 1.386 1.517 -0.131 0.019 N 
4 1 CA A LYS 40 ? ? CB A LYS 40 ? ? 1.714 1.535 0.179  0.022 N 
5 1 CD A LYS 91 ? ? CE A LYS 91 ? ? 1.669 1.508 0.161  0.025 N 
# 
loop_
_pdbx_validate_rmsd_angle.id 
_pdbx_validate_rmsd_angle.PDB_model_num 
_pdbx_validate_rmsd_angle.auth_atom_id_1 
_pdbx_validate_rmsd_angle.auth_asym_id_1 
_pdbx_validate_rmsd_angle.auth_comp_id_1 
_pdbx_validate_rmsd_angle.auth_seq_id_1 
_pdbx_validate_rmsd_angle.PDB_ins_code_1 
_pdbx_validate_rmsd_angle.label_alt_id_1 
_pdbx_validate_rmsd_angle.auth_atom_id_2 
_pdbx_validate_rmsd_angle.auth_asym_id_2 
_pdbx_validate_rmsd_angle.auth_comp_id_2 
_pdbx_validate_rmsd_angle.auth_seq_id_2 
_pdbx_validate_rmsd_angle.PDB_ins_code_2 
_pdbx_validate_rmsd_angle.label_alt_id_2 
_pdbx_validate_rmsd_angle.auth_atom_id_3 
_pdbx_validate_rmsd_angle.auth_asym_id_3 
_pdbx_validate_rmsd_angle.auth_comp_id_3 
_pdbx_validate_rmsd_angle.auth_seq_id_3 
_pdbx_validate_rmsd_angle.PDB_ins_code_3 
_pdbx_validate_rmsd_angle.label_alt_id_3 
_pdbx_validate_rmsd_angle.angle_value 
_pdbx_validate_rmsd_angle.angle_target_value 
_pdbx_validate_rmsd_angle.angle_deviation 
_pdbx_validate_rmsd_angle.angle_standard_deviation 
_pdbx_validate_rmsd_angle.linker_flag 
1 1 CB A LYS 40 ? ? CG A LYS 40 ? ? CD  A LYS 40 ? ? 142.37 111.60 30.77 2.60 N 
2 1 CB A LYS 62 ? ? CG A LYS 62 ? ? CD  A LYS 62 ? ? 141.85 111.60 30.25 2.60 N 
3 1 NE A ARG 99 ? ? CZ A ARG 99 ? ? NH2 A ARG 99 ? ? 117.18 120.30 -3.12 0.50 N 
# 
loop_
_pdbx_validate_torsion.id 
_pdbx_validate_torsion.PDB_model_num 
_pdbx_validate_torsion.auth_comp_id 
_pdbx_validate_torsion.auth_asym_id 
_pdbx_validate_torsion.auth_seq_id 
_pdbx_validate_torsion.PDB_ins_code 
_pdbx_validate_torsion.label_alt_id 
_pdbx_validate_torsion.phi 
_pdbx_validate_torsion.psi 
1 1 LEU A 22  ? ? -88.19  45.62   
2 1 ASP A 94  ? ? 47.86   -122.08 
3 1 THR A 101 ? ? -118.16 -83.45  
# 
loop_
_pdbx_unobs_or_zero_occ_residues.id 
_pdbx_unobs_or_zero_occ_residues.PDB_model_num 
_pdbx_unobs_or_zero_occ_residues.polymer_flag 
_pdbx_unobs_or_zero_occ_residues.occupancy_flag 
_pdbx_unobs_or_zero_occ_residues.auth_asym_id 
_pdbx_unobs_or_zero_occ_residues.auth_comp_id 
_pdbx_unobs_or_zero_occ_residues.auth_seq_id 
_pdbx_unobs_or_zero_occ_residues.PDB_ins_code 
_pdbx_unobs_or_zero_occ_residues.label_asym_id 
_pdbx_unobs_or_zero_occ_residues.label_comp_id 
_pdbx_unobs_or_zero_occ_residues.label_seq_id 
1 1 Y 1 A SER 107 ? A SER 107 
2 1 Y 1 A LYS 108 ? A LYS 108 
# 
loop_
_chem_comp_atom.comp_id 
_chem_comp_atom.atom_id 
_chem_comp_atom.type_symbol 
_chem_comp_atom.pdbx_aromatic_flag 
_chem_comp_atom.pdbx_stereo_config 
_chem_comp_atom.pdbx_ordinal 
493 C1   C Y N 1   
493 C2   C Y N 2   
493 C3   C Y N 3   
493 C4   C Y N 4   
493 C5   C Y N 5   
493 C6   C Y N 6   
493 C7   C N N 7   
493 C8   C N N 8   
493 C9   C N N 9   
493 C10  C N S 10  
493 C11  C N N 11  
493 N12  N N N 12  
493 N13  N N N 13  
493 C14  C N N 14  
493 C15  C N N 15  
493 O16  O N N 16  
493 O17  O N N 17  
493 C18  C N S 18  
493 C19  C N N 19  
493 C20  C N N 20  
493 C21  C N N 21  
493 C22  C N N 22  
493 N23  N N N 23  
493 C24  C N N 24  
493 C25  C N N 25  
493 C26  C Y N 26  
493 O27  O N N 27  
493 O28  O N N 28  
493 C49  C Y N 29  
493 C50  C Y N 30  
493 C51  C Y N 31  
493 C52  C Y N 32  
493 C53  C Y N 33  
493 C58  C Y N 34  
493 C59  C Y N 35  
493 C60  C Y N 36  
493 C61  C Y N 37  
493 C62  C Y N 38  
493 C63  C Y N 39  
493 P71  P N N 40  
493 O72  O N N 41  
493 O73  O N N 42  
493 O74  O N N 43  
493 O79  O N N 44  
493 O80  O N N 45  
493 H1   H N N 46  
493 H2   H N N 47  
493 H5   H N N 48  
493 H71  H N N 49  
493 H72A H N N 50  
493 H91  H N N 51  
493 H92  H N N 52  
493 H10  H N N 53  
493 H12  H N N 54  
493 H13  H N N 55  
493 H151 H N N 56  
493 H152 H N N 57  
493 H153 H N N 58  
493 H18  H N N 59  
493 H191 H N N 60  
493 H192 H N N 61  
493 H201 H N N 62  
493 H202 H N N 63  
493 H211 H N N 64  
493 H212 H N N 65  
493 H221 H N N 66  
493 H222 H N N 67  
493 H251 H N N 68  
493 H252 H N N 69  
493 H49  H N N 70  
493 H50  H N N 71  
493 H52  H N N 72  
493 H53  H N N 73  
493 H59  H N N 74  
493 H60  H N N 75  
493 H61  H N N 76  
493 H62  H N N 77  
493 H63  H N N 78  
493 H72  H N N 79  
493 H74  H N N 80  
493 H79  H N N 81  
ALA N    N N N 82  
ALA CA   C N S 83  
ALA C    C N N 84  
ALA O    O N N 85  
ALA CB   C N N 86  
ALA OXT  O N N 87  
ALA H    H N N 88  
ALA H2   H N N 89  
ALA HA   H N N 90  
ALA HB1  H N N 91  
ALA HB2  H N N 92  
ALA HB3  H N N 93  
ALA HXT  H N N 94  
ARG N    N N N 95  
ARG CA   C N S 96  
ARG C    C N N 97  
ARG O    O N N 98  
ARG CB   C N N 99  
ARG CG   C N N 100 
ARG CD   C N N 101 
ARG NE   N N N 102 
ARG CZ   C N N 103 
ARG NH1  N N N 104 
ARG NH2  N N N 105 
ARG OXT  O N N 106 
ARG H    H N N 107 
ARG H2   H N N 108 
ARG HA   H N N 109 
ARG HB2  H N N 110 
ARG HB3  H N N 111 
ARG HG2  H N N 112 
ARG HG3  H N N 113 
ARG HD2  H N N 114 
ARG HD3  H N N 115 
ARG HE   H N N 116 
ARG HH11 H N N 117 
ARG HH12 H N N 118 
ARG HH21 H N N 119 
ARG HH22 H N N 120 
ARG HXT  H N N 121 
ASN N    N N N 122 
ASN CA   C N S 123 
ASN C    C N N 124 
ASN O    O N N 125 
ASN CB   C N N 126 
ASN CG   C N N 127 
ASN OD1  O N N 128 
ASN ND2  N N N 129 
ASN OXT  O N N 130 
ASN H    H N N 131 
ASN H2   H N N 132 
ASN HA   H N N 133 
ASN HB2  H N N 134 
ASN HB3  H N N 135 
ASN HD21 H N N 136 
ASN HD22 H N N 137 
ASN HXT  H N N 138 
ASP N    N N N 139 
ASP CA   C N S 140 
ASP C    C N N 141 
ASP O    O N N 142 
ASP CB   C N N 143 
ASP CG   C N N 144 
ASP OD1  O N N 145 
ASP OD2  O N N 146 
ASP OXT  O N N 147 
ASP H    H N N 148 
ASP H2   H N N 149 
ASP HA   H N N 150 
ASP HB2  H N N 151 
ASP HB3  H N N 152 
ASP HD2  H N N 153 
ASP HXT  H N N 154 
CYS N    N N N 155 
CYS CA   C N R 156 
CYS C    C N N 157 
CYS O    O N N 158 
CYS CB   C N N 159 
CYS SG   S N N 160 
CYS OXT  O N N 161 
CYS H    H N N 162 
CYS H2   H N N 163 
CYS HA   H N N 164 
CYS HB2  H N N 165 
CYS HB3  H N N 166 
CYS HG   H N N 167 
CYS HXT  H N N 168 
GLN N    N N N 169 
GLN CA   C N S 170 
GLN C    C N N 171 
GLN O    O N N 172 
GLN CB   C N N 173 
GLN CG   C N N 174 
GLN CD   C N N 175 
GLN OE1  O N N 176 
GLN NE2  N N N 177 
GLN OXT  O N N 178 
GLN H    H N N 179 
GLN H2   H N N 180 
GLN HA   H N N 181 
GLN HB2  H N N 182 
GLN HB3  H N N 183 
GLN HG2  H N N 184 
GLN HG3  H N N 185 
GLN HE21 H N N 186 
GLN HE22 H N N 187 
GLN HXT  H N N 188 
GLU N    N N N 189 
GLU CA   C N S 190 
GLU C    C N N 191 
GLU O    O N N 192 
GLU CB   C N N 193 
GLU CG   C N N 194 
GLU CD   C N N 195 
GLU OE1  O N N 196 
GLU OE2  O N N 197 
GLU OXT  O N N 198 
GLU H    H N N 199 
GLU H2   H N N 200 
GLU HA   H N N 201 
GLU HB2  H N N 202 
GLU HB3  H N N 203 
GLU HG2  H N N 204 
GLU HG3  H N N 205 
GLU HE2  H N N 206 
GLU HXT  H N N 207 
GLY N    N N N 208 
GLY CA   C N N 209 
GLY C    C N N 210 
GLY O    O N N 211 
GLY OXT  O N N 212 
GLY H    H N N 213 
GLY H2   H N N 214 
GLY HA2  H N N 215 
GLY HA3  H N N 216 
GLY HXT  H N N 217 
HIS N    N N N 218 
HIS CA   C N S 219 
HIS C    C N N 220 
HIS O    O N N 221 
HIS CB   C N N 222 
HIS CG   C Y N 223 
HIS ND1  N Y N 224 
HIS CD2  C Y N 225 
HIS CE1  C Y N 226 
HIS NE2  N Y N 227 
HIS OXT  O N N 228 
HIS H    H N N 229 
HIS H2   H N N 230 
HIS HA   H N N 231 
HIS HB2  H N N 232 
HIS HB3  H N N 233 
HIS HD1  H N N 234 
HIS HD2  H N N 235 
HIS HE1  H N N 236 
HIS HE2  H N N 237 
HIS HXT  H N N 238 
HOH O    O N N 239 
HOH H1   H N N 240 
HOH H2   H N N 241 
ILE N    N N N 242 
ILE CA   C N S 243 
ILE C    C N N 244 
ILE O    O N N 245 
ILE CB   C N S 246 
ILE CG1  C N N 247 
ILE CG2  C N N 248 
ILE CD1  C N N 249 
ILE OXT  O N N 250 
ILE H    H N N 251 
ILE H2   H N N 252 
ILE HA   H N N 253 
ILE HB   H N N 254 
ILE HG12 H N N 255 
ILE HG13 H N N 256 
ILE HG21 H N N 257 
ILE HG22 H N N 258 
ILE HG23 H N N 259 
ILE HD11 H N N 260 
ILE HD12 H N N 261 
ILE HD13 H N N 262 
ILE HXT  H N N 263 
LEU N    N N N 264 
LEU CA   C N S 265 
LEU C    C N N 266 
LEU O    O N N 267 
LEU CB   C N N 268 
LEU CG   C N N 269 
LEU CD1  C N N 270 
LEU CD2  C N N 271 
LEU OXT  O N N 272 
LEU H    H N N 273 
LEU H2   H N N 274 
LEU HA   H N N 275 
LEU HB2  H N N 276 
LEU HB3  H N N 277 
LEU HG   H N N 278 
LEU HD11 H N N 279 
LEU HD12 H N N 280 
LEU HD13 H N N 281 
LEU HD21 H N N 282 
LEU HD22 H N N 283 
LEU HD23 H N N 284 
LEU HXT  H N N 285 
LYS N    N N N 286 
LYS CA   C N S 287 
LYS C    C N N 288 
LYS O    O N N 289 
LYS CB   C N N 290 
LYS CG   C N N 291 
LYS CD   C N N 292 
LYS CE   C N N 293 
LYS NZ   N N N 294 
LYS OXT  O N N 295 
LYS H    H N N 296 
LYS H2   H N N 297 
LYS HA   H N N 298 
LYS HB2  H N N 299 
LYS HB3  H N N 300 
LYS HG2  H N N 301 
LYS HG3  H N N 302 
LYS HD2  H N N 303 
LYS HD3  H N N 304 
LYS HE2  H N N 305 
LYS HE3  H N N 306 
LYS HZ1  H N N 307 
LYS HZ2  H N N 308 
LYS HZ3  H N N 309 
LYS HXT  H N N 310 
PHE N    N N N 311 
PHE CA   C N S 312 
PHE C    C N N 313 
PHE O    O N N 314 
PHE CB   C N N 315 
PHE CG   C Y N 316 
PHE CD1  C Y N 317 
PHE CD2  C Y N 318 
PHE CE1  C Y N 319 
PHE CE2  C Y N 320 
PHE CZ   C Y N 321 
PHE OXT  O N N 322 
PHE H    H N N 323 
PHE H2   H N N 324 
PHE HA   H N N 325 
PHE HB2  H N N 326 
PHE HB3  H N N 327 
PHE HD1  H N N 328 
PHE HD2  H N N 329 
PHE HE1  H N N 330 
PHE HE2  H N N 331 
PHE HZ   H N N 332 
PHE HXT  H N N 333 
PRO N    N N N 334 
PRO CA   C N S 335 
PRO C    C N N 336 
PRO O    O N N 337 
PRO CB   C N N 338 
PRO CG   C N N 339 
PRO CD   C N N 340 
PRO OXT  O N N 341 
PRO H    H N N 342 
PRO HA   H N N 343 
PRO HB2  H N N 344 
PRO HB3  H N N 345 
PRO HG2  H N N 346 
PRO HG3  H N N 347 
PRO HD2  H N N 348 
PRO HD3  H N N 349 
PRO HXT  H N N 350 
SER N    N N N 351 
SER CA   C N S 352 
SER C    C N N 353 
SER O    O N N 354 
SER CB   C N N 355 
SER OG   O N N 356 
SER OXT  O N N 357 
SER H    H N N 358 
SER H2   H N N 359 
SER HA   H N N 360 
SER HB2  H N N 361 
SER HB3  H N N 362 
SER HG   H N N 363 
SER HXT  H N N 364 
THR N    N N N 365 
THR CA   C N S 366 
THR C    C N N 367 
THR O    O N N 368 
THR CB   C N R 369 
THR OG1  O N N 370 
THR CG2  C N N 371 
THR OXT  O N N 372 
THR H    H N N 373 
THR H2   H N N 374 
THR HA   H N N 375 
THR HB   H N N 376 
THR HG1  H N N 377 
THR HG21 H N N 378 
THR HG22 H N N 379 
THR HG23 H N N 380 
THR HXT  H N N 381 
TRP N    N N N 382 
TRP CA   C N S 383 
TRP C    C N N 384 
TRP O    O N N 385 
TRP CB   C N N 386 
TRP CG   C Y N 387 
TRP CD1  C Y N 388 
TRP CD2  C Y N 389 
TRP NE1  N Y N 390 
TRP CE2  C Y N 391 
TRP CE3  C Y N 392 
TRP CZ2  C Y N 393 
TRP CZ3  C Y N 394 
TRP CH2  C Y N 395 
TRP OXT  O N N 396 
TRP H    H N N 397 
TRP H2   H N N 398 
TRP HA   H N N 399 
TRP HB2  H N N 400 
TRP HB3  H N N 401 
TRP HD1  H N N 402 
TRP HE1  H N N 403 
TRP HE3  H N N 404 
TRP HZ2  H N N 405 
TRP HZ3  H N N 406 
TRP HH2  H N N 407 
TRP HXT  H N N 408 
TYR N    N N N 409 
TYR CA   C N S 410 
TYR C    C N N 411 
TYR O    O N N 412 
TYR CB   C N N 413 
TYR CG   C Y N 414 
TYR CD1  C Y N 415 
TYR CD2  C Y N 416 
TYR CE1  C Y N 417 
TYR CE2  C Y N 418 
TYR CZ   C Y N 419 
TYR OH   O N N 420 
TYR OXT  O N N 421 
TYR H    H N N 422 
TYR H2   H N N 423 
TYR HA   H N N 424 
TYR HB2  H N N 425 
TYR HB3  H N N 426 
TYR HD1  H N N 427 
TYR HD2  H N N 428 
TYR HE1  H N N 429 
TYR HE2  H N N 430 
TYR HH   H N N 431 
TYR HXT  H N N 432 
VAL N    N N N 433 
VAL CA   C N S 434 
VAL C    C N N 435 
VAL O    O N N 436 
VAL CB   C N N 437 
VAL CG1  C N N 438 
VAL CG2  C N N 439 
VAL OXT  O N N 440 
VAL H    H N N 441 
VAL H2   H N N 442 
VAL HA   H N N 443 
VAL HB   H N N 444 
VAL HG11 H N N 445 
VAL HG12 H N N 446 
VAL HG13 H N N 447 
VAL HG21 H N N 448 
VAL HG22 H N N 449 
VAL HG23 H N N 450 
VAL HXT  H N N 451 
# 
loop_
_chem_comp_bond.comp_id 
_chem_comp_bond.atom_id_1 
_chem_comp_bond.atom_id_2 
_chem_comp_bond.value_order 
_chem_comp_bond.pdbx_aromatic_flag 
_chem_comp_bond.pdbx_stereo_config 
_chem_comp_bond.pdbx_ordinal 
493 C1  C2   sing Y N 1   
493 C1  C6   doub Y N 2   
493 C1  H1   sing N N 3   
493 C2  C3   doub Y N 4   
493 C2  H2   sing N N 5   
493 C3  C4   sing Y N 6   
493 C3  O28  sing N N 7   
493 C4  C5   doub Y N 8   
493 C4  P71  sing N N 9   
493 C5  C6   sing Y N 10  
493 C5  H5   sing N N 11  
493 C6  C9   sing N N 12  
493 C7  C8   sing N N 13  
493 C7  O28  sing N N 14  
493 C7  H71  sing N N 15  
493 C7  H72A sing N N 16  
493 C8  O79  sing N N 17  
493 C8  O80  doub N N 18  
493 C9  C10  sing N N 19  
493 C9  H91  sing N N 20  
493 C9  H92  sing N N 21  
493 C10 C11  sing N N 22  
493 C10 N13  sing N N 23  
493 C10 H10  sing N N 24  
493 C11 N12  sing N N 25  
493 C11 O17  doub N N 26  
493 N12 C18  sing N N 27  
493 N12 H12  sing N N 28  
493 N13 C14  sing N N 29  
493 N13 H13  sing N N 30  
493 C14 C15  sing N N 31  
493 C14 O16  doub N N 32  
493 C15 H151 sing N N 33  
493 C15 H152 sing N N 34  
493 C15 H153 sing N N 35  
493 C18 C19  sing N N 36  
493 C18 C24  sing N N 37  
493 C18 H18  sing N N 38  
493 C19 C20  sing N N 39  
493 C19 H191 sing N N 40  
493 C19 H192 sing N N 41  
493 C20 C21  sing N N 42  
493 C20 H201 sing N N 43  
493 C20 H202 sing N N 44  
493 C21 C22  sing N N 45  
493 C21 H211 sing N N 46  
493 C21 H212 sing N N 47  
493 C22 N23  sing N N 48  
493 C22 H221 sing N N 49  
493 C22 H222 sing N N 50  
493 N23 C24  sing N N 51  
493 N23 C25  sing N N 52  
493 C24 O27  doub N N 53  
493 C25 C26  sing N N 54  
493 C25 H251 sing N N 55  
493 C25 H252 sing N N 56  
493 C26 C49  sing Y N 57  
493 C26 C53  doub Y N 58  
493 C49 C50  doub Y N 59  
493 C49 H49  sing N N 60  
493 C50 C51  sing Y N 61  
493 C50 H50  sing N N 62  
493 C51 C52  doub Y N 63  
493 C51 C58  sing Y N 64  
493 C52 C53  sing Y N 65  
493 C52 H52  sing N N 66  
493 C53 H53  sing N N 67  
493 C58 C59  sing Y N 68  
493 C58 C63  doub Y N 69  
493 C59 C60  doub Y N 70  
493 C59 H59  sing N N 71  
493 C60 C61  sing Y N 72  
493 C60 H60  sing N N 73  
493 C61 C62  doub Y N 74  
493 C61 H61  sing N N 75  
493 C62 C63  sing Y N 76  
493 C62 H62  sing N N 77  
493 C63 H63  sing N N 78  
493 P71 O72  sing N N 79  
493 P71 O73  doub N N 80  
493 P71 O74  sing N N 81  
493 O72 H72  sing N N 82  
493 O74 H74  sing N N 83  
493 O79 H79  sing N N 84  
ALA N   CA   sing N N 85  
ALA N   H    sing N N 86  
ALA N   H2   sing N N 87  
ALA CA  C    sing N N 88  
ALA CA  CB   sing N N 89  
ALA CA  HA   sing N N 90  
ALA C   O    doub N N 91  
ALA C   OXT  sing N N 92  
ALA CB  HB1  sing N N 93  
ALA CB  HB2  sing N N 94  
ALA CB  HB3  sing N N 95  
ALA OXT HXT  sing N N 96  
ARG N   CA   sing N N 97  
ARG N   H    sing N N 98  
ARG N   H2   sing N N 99  
ARG CA  C    sing N N 100 
ARG CA  CB   sing N N 101 
ARG CA  HA   sing N N 102 
ARG C   O    doub N N 103 
ARG C   OXT  sing N N 104 
ARG CB  CG   sing N N 105 
ARG CB  HB2  sing N N 106 
ARG CB  HB3  sing N N 107 
ARG CG  CD   sing N N 108 
ARG CG  HG2  sing N N 109 
ARG CG  HG3  sing N N 110 
ARG CD  NE   sing N N 111 
ARG CD  HD2  sing N N 112 
ARG CD  HD3  sing N N 113 
ARG NE  CZ   sing N N 114 
ARG NE  HE   sing N N 115 
ARG CZ  NH1  sing N N 116 
ARG CZ  NH2  doub N N 117 
ARG NH1 HH11 sing N N 118 
ARG NH1 HH12 sing N N 119 
ARG NH2 HH21 sing N N 120 
ARG NH2 HH22 sing N N 121 
ARG OXT HXT  sing N N 122 
ASN N   CA   sing N N 123 
ASN N   H    sing N N 124 
ASN N   H2   sing N N 125 
ASN CA  C    sing N N 126 
ASN CA  CB   sing N N 127 
ASN CA  HA   sing N N 128 
ASN C   O    doub N N 129 
ASN C   OXT  sing N N 130 
ASN CB  CG   sing N N 131 
ASN CB  HB2  sing N N 132 
ASN CB  HB3  sing N N 133 
ASN CG  OD1  doub N N 134 
ASN CG  ND2  sing N N 135 
ASN ND2 HD21 sing N N 136 
ASN ND2 HD22 sing N N 137 
ASN OXT HXT  sing N N 138 
ASP N   CA   sing N N 139 
ASP N   H    sing N N 140 
ASP N   H2   sing N N 141 
ASP CA  C    sing N N 142 
ASP CA  CB   sing N N 143 
ASP CA  HA   sing N N 144 
ASP C   O    doub N N 145 
ASP C   OXT  sing N N 146 
ASP CB  CG   sing N N 147 
ASP CB  HB2  sing N N 148 
ASP CB  HB3  sing N N 149 
ASP CG  OD1  doub N N 150 
ASP CG  OD2  sing N N 151 
ASP OD2 HD2  sing N N 152 
ASP OXT HXT  sing N N 153 
CYS N   CA   sing N N 154 
CYS N   H    sing N N 155 
CYS N   H2   sing N N 156 
CYS CA  C    sing N N 157 
CYS CA  CB   sing N N 158 
CYS CA  HA   sing N N 159 
CYS C   O    doub N N 160 
CYS C   OXT  sing N N 161 
CYS CB  SG   sing N N 162 
CYS CB  HB2  sing N N 163 
CYS CB  HB3  sing N N 164 
CYS SG  HG   sing N N 165 
CYS OXT HXT  sing N N 166 
GLN N   CA   sing N N 167 
GLN N   H    sing N N 168 
GLN N   H2   sing N N 169 
GLN CA  C    sing N N 170 
GLN CA  CB   sing N N 171 
GLN CA  HA   sing N N 172 
GLN C   O    doub N N 173 
GLN C   OXT  sing N N 174 
GLN CB  CG   sing N N 175 
GLN CB  HB2  sing N N 176 
GLN CB  HB3  sing N N 177 
GLN CG  CD   sing N N 178 
GLN CG  HG2  sing N N 179 
GLN CG  HG3  sing N N 180 
GLN CD  OE1  doub N N 181 
GLN CD  NE2  sing N N 182 
GLN NE2 HE21 sing N N 183 
GLN NE2 HE22 sing N N 184 
GLN OXT HXT  sing N N 185 
GLU N   CA   sing N N 186 
GLU N   H    sing N N 187 
GLU N   H2   sing N N 188 
GLU CA  C    sing N N 189 
GLU CA  CB   sing N N 190 
GLU CA  HA   sing N N 191 
GLU C   O    doub N N 192 
GLU C   OXT  sing N N 193 
GLU CB  CG   sing N N 194 
GLU CB  HB2  sing N N 195 
GLU CB  HB3  sing N N 196 
GLU CG  CD   sing N N 197 
GLU CG  HG2  sing N N 198 
GLU CG  HG3  sing N N 199 
GLU CD  OE1  doub N N 200 
GLU CD  OE2  sing N N 201 
GLU OE2 HE2  sing N N 202 
GLU OXT HXT  sing N N 203 
GLY N   CA   sing N N 204 
GLY N   H    sing N N 205 
GLY N   H2   sing N N 206 
GLY CA  C    sing N N 207 
GLY CA  HA2  sing N N 208 
GLY CA  HA3  sing N N 209 
GLY C   O    doub N N 210 
GLY C   OXT  sing N N 211 
GLY OXT HXT  sing N N 212 
HIS N   CA   sing N N 213 
HIS N   H    sing N N 214 
HIS N   H2   sing N N 215 
HIS CA  C    sing N N 216 
HIS CA  CB   sing N N 217 
HIS CA  HA   sing N N 218 
HIS C   O    doub N N 219 
HIS C   OXT  sing N N 220 
HIS CB  CG   sing N N 221 
HIS CB  HB2  sing N N 222 
HIS CB  HB3  sing N N 223 
HIS CG  ND1  sing Y N 224 
HIS CG  CD2  doub Y N 225 
HIS ND1 CE1  doub Y N 226 
HIS ND1 HD1  sing N N 227 
HIS CD2 NE2  sing Y N 228 
HIS CD2 HD2  sing N N 229 
HIS CE1 NE2  sing Y N 230 
HIS CE1 HE1  sing N N 231 
HIS NE2 HE2  sing N N 232 
HIS OXT HXT  sing N N 233 
HOH O   H1   sing N N 234 
HOH O   H2   sing N N 235 
ILE N   CA   sing N N 236 
ILE N   H    sing N N 237 
ILE N   H2   sing N N 238 
ILE CA  C    sing N N 239 
ILE CA  CB   sing N N 240 
ILE CA  HA   sing N N 241 
ILE C   O    doub N N 242 
ILE C   OXT  sing N N 243 
ILE CB  CG1  sing N N 244 
ILE CB  CG2  sing N N 245 
ILE CB  HB   sing N N 246 
ILE CG1 CD1  sing N N 247 
ILE CG1 HG12 sing N N 248 
ILE CG1 HG13 sing N N 249 
ILE CG2 HG21 sing N N 250 
ILE CG2 HG22 sing N N 251 
ILE CG2 HG23 sing N N 252 
ILE CD1 HD11 sing N N 253 
ILE CD1 HD12 sing N N 254 
ILE CD1 HD13 sing N N 255 
ILE OXT HXT  sing N N 256 
LEU N   CA   sing N N 257 
LEU N   H    sing N N 258 
LEU N   H2   sing N N 259 
LEU CA  C    sing N N 260 
LEU CA  CB   sing N N 261 
LEU CA  HA   sing N N 262 
LEU C   O    doub N N 263 
LEU C   OXT  sing N N 264 
LEU CB  CG   sing N N 265 
LEU CB  HB2  sing N N 266 
LEU CB  HB3  sing N N 267 
LEU CG  CD1  sing N N 268 
LEU CG  CD2  sing N N 269 
LEU CG  HG   sing N N 270 
LEU CD1 HD11 sing N N 271 
LEU CD1 HD12 sing N N 272 
LEU CD1 HD13 sing N N 273 
LEU CD2 HD21 sing N N 274 
LEU CD2 HD22 sing N N 275 
LEU CD2 HD23 sing N N 276 
LEU OXT HXT  sing N N 277 
LYS N   CA   sing N N 278 
LYS N   H    sing N N 279 
LYS N   H2   sing N N 280 
LYS CA  C    sing N N 281 
LYS CA  CB   sing N N 282 
LYS CA  HA   sing N N 283 
LYS C   O    doub N N 284 
LYS C   OXT  sing N N 285 
LYS CB  CG   sing N N 286 
LYS CB  HB2  sing N N 287 
LYS CB  HB3  sing N N 288 
LYS CG  CD   sing N N 289 
LYS CG  HG2  sing N N 290 
LYS CG  HG3  sing N N 291 
LYS CD  CE   sing N N 292 
LYS CD  HD2  sing N N 293 
LYS CD  HD3  sing N N 294 
LYS CE  NZ   sing N N 295 
LYS CE  HE2  sing N N 296 
LYS CE  HE3  sing N N 297 
LYS NZ  HZ1  sing N N 298 
LYS NZ  HZ2  sing N N 299 
LYS NZ  HZ3  sing N N 300 
LYS OXT HXT  sing N N 301 
PHE N   CA   sing N N 302 
PHE N   H    sing N N 303 
PHE N   H2   sing N N 304 
PHE CA  C    sing N N 305 
PHE CA  CB   sing N N 306 
PHE CA  HA   sing N N 307 
PHE C   O    doub N N 308 
PHE C   OXT  sing N N 309 
PHE CB  CG   sing N N 310 
PHE CB  HB2  sing N N 311 
PHE CB  HB3  sing N N 312 
PHE CG  CD1  doub Y N 313 
PHE CG  CD2  sing Y N 314 
PHE CD1 CE1  sing Y N 315 
PHE CD1 HD1  sing N N 316 
PHE CD2 CE2  doub Y N 317 
PHE CD2 HD2  sing N N 318 
PHE CE1 CZ   doub Y N 319 
PHE CE1 HE1  sing N N 320 
PHE CE2 CZ   sing Y N 321 
PHE CE2 HE2  sing N N 322 
PHE CZ  HZ   sing N N 323 
PHE OXT HXT  sing N N 324 
PRO N   CA   sing N N 325 
PRO N   CD   sing N N 326 
PRO N   H    sing N N 327 
PRO CA  C    sing N N 328 
PRO CA  CB   sing N N 329 
PRO CA  HA   sing N N 330 
PRO C   O    doub N N 331 
PRO C   OXT  sing N N 332 
PRO CB  CG   sing N N 333 
PRO CB  HB2  sing N N 334 
PRO CB  HB3  sing N N 335 
PRO CG  CD   sing N N 336 
PRO CG  HG2  sing N N 337 
PRO CG  HG3  sing N N 338 
PRO CD  HD2  sing N N 339 
PRO CD  HD3  sing N N 340 
PRO OXT HXT  sing N N 341 
SER N   CA   sing N N 342 
SER N   H    sing N N 343 
SER N   H2   sing N N 344 
SER CA  C    sing N N 345 
SER CA  CB   sing N N 346 
SER CA  HA   sing N N 347 
SER C   O    doub N N 348 
SER C   OXT  sing N N 349 
SER CB  OG   sing N N 350 
SER CB  HB2  sing N N 351 
SER CB  HB3  sing N N 352 
SER OG  HG   sing N N 353 
SER OXT HXT  sing N N 354 
THR N   CA   sing N N 355 
THR N   H    sing N N 356 
THR N   H2   sing N N 357 
THR CA  C    sing N N 358 
THR CA  CB   sing N N 359 
THR CA  HA   sing N N 360 
THR C   O    doub N N 361 
THR C   OXT  sing N N 362 
THR CB  OG1  sing N N 363 
THR CB  CG2  sing N N 364 
THR CB  HB   sing N N 365 
THR OG1 HG1  sing N N 366 
THR CG2 HG21 sing N N 367 
THR CG2 HG22 sing N N 368 
THR CG2 HG23 sing N N 369 
THR OXT HXT  sing N N 370 
TRP N   CA   sing N N 371 
TRP N   H    sing N N 372 
TRP N   H2   sing N N 373 
TRP CA  C    sing N N 374 
TRP CA  CB   sing N N 375 
TRP CA  HA   sing N N 376 
TRP C   O    doub N N 377 
TRP C   OXT  sing N N 378 
TRP CB  CG   sing N N 379 
TRP CB  HB2  sing N N 380 
TRP CB  HB3  sing N N 381 
TRP CG  CD1  doub Y N 382 
TRP CG  CD2  sing Y N 383 
TRP CD1 NE1  sing Y N 384 
TRP CD1 HD1  sing N N 385 
TRP CD2 CE2  doub Y N 386 
TRP CD2 CE3  sing Y N 387 
TRP NE1 CE2  sing Y N 388 
TRP NE1 HE1  sing N N 389 
TRP CE2 CZ2  sing Y N 390 
TRP CE3 CZ3  doub Y N 391 
TRP CE3 HE3  sing N N 392 
TRP CZ2 CH2  doub Y N 393 
TRP CZ2 HZ2  sing N N 394 
TRP CZ3 CH2  sing Y N 395 
TRP CZ3 HZ3  sing N N 396 
TRP CH2 HH2  sing N N 397 
TRP OXT HXT  sing N N 398 
TYR N   CA   sing N N 399 
TYR N   H    sing N N 400 
TYR N   H2   sing N N 401 
TYR CA  C    sing N N 402 
TYR CA  CB   sing N N 403 
TYR CA  HA   sing N N 404 
TYR C   O    doub N N 405 
TYR C   OXT  sing N N 406 
TYR CB  CG   sing N N 407 
TYR CB  HB2  sing N N 408 
TYR CB  HB3  sing N N 409 
TYR CG  CD1  doub Y N 410 
TYR CG  CD2  sing Y N 411 
TYR CD1 CE1  sing Y N 412 
TYR CD1 HD1  sing N N 413 
TYR CD2 CE2  doub Y N 414 
TYR CD2 HD2  sing N N 415 
TYR CE1 CZ   doub Y N 416 
TYR CE1 HE1  sing N N 417 
TYR CE2 CZ   sing Y N 418 
TYR CE2 HE2  sing N N 419 
TYR CZ  OH   sing N N 420 
TYR OH  HH   sing N N 421 
TYR OXT HXT  sing N N 422 
VAL N   CA   sing N N 423 
VAL N   H    sing N N 424 
VAL N   H2   sing N N 425 
VAL CA  C    sing N N 426 
VAL CA  CB   sing N N 427 
VAL CA  HA   sing N N 428 
VAL C   O    doub N N 429 
VAL C   OXT  sing N N 430 
VAL CB  CG1  sing N N 431 
VAL CB  CG2  sing N N 432 
VAL CB  HB   sing N N 433 
VAL CG1 HG11 sing N N 434 
VAL CG1 HG12 sing N N 435 
VAL CG1 HG13 sing N N 436 
VAL CG2 HG21 sing N N 437 
VAL CG2 HG22 sing N N 438 
VAL CG2 HG23 sing N N 439 
VAL OXT HXT  sing N N 440 
# 
loop_
_pdbx_entity_nonpoly.entity_id 
_pdbx_entity_nonpoly.name 
_pdbx_entity_nonpoly.comp_id 
2 '{4-[2-ACETYLAMINO-2-(1-BIPHENYL-4-YLMETHYL-2-OXO-AZEPAN-3-YLCARBAMOYL)-ETHYL]-2-PHOSPHONO-PHENOXY}-ACETIC ACID' 493 
3 water                                                                                                            HOH 
# 
_pdbx_initial_refinement_model.id               1 
_pdbx_initial_refinement_model.entity_id_list   ? 
_pdbx_initial_refinement_model.type             'experimental model' 
_pdbx_initial_refinement_model.source_name      PDB 
_pdbx_initial_refinement_model.accession_code   1SHD 
_pdbx_initial_refinement_model.details          ? 
# 
